data_8TRB
#
_entry.id   8TRB
#
_cell.length_a   1.00
_cell.length_b   1.00
_cell.length_c   1.00
_cell.angle_alpha   90.00
_cell.angle_beta   90.00
_cell.angle_gamma   90.00
#
_symmetry.space_group_name_H-M   'P 1'
#
loop_
_entity.id
_entity.type
_entity.pdbx_description
1 polymer 'P2X purinoceptor 7'
2 non-polymer N-{[4-(4-phenylpiperazin-1-yl)oxan-4-yl]methyl}-2-(phenylsulfanyl)pyridine-3-carboxamide
3 non-polymer "GUANOSINE-5'-DIPHOSPHATE"
4 non-polymer 'ZINC ION'
5 non-polymer 2-acetamido-2-deoxy-beta-D-glucopyranose
6 non-polymer 'PALMITIC ACID'
7 non-polymer 'SODIUM ION'
8 water water
#
_entity_poly.entity_id   1
_entity_poly.type   'polypeptide(L)'
_entity_poly.pdbx_seq_one_letter_code
;MPACCSWNDVFQYETNKVTRIQSVNYGTIKWILHMTVFSYVSFALMSDKLYQRKEPLISSVHTKVKGVAEVTENVTEGGV
TKLVHGIFDTADYTLPLQGNSFFVMTNYLKSEGQEQKLCPEYPSRGKQCHSDQGCIKGWMDPQSKGIQTGRCIPYDQKRK
TCEIFAWCPAEEGKEAPRPALLRSAENFTVLIKNNIDFPGHNYTTRNILPGMNISCTFHKTWNPQCPIFRLGDIFQEIGE
NFTEVAVQGGIMGIEIYWDCNLDSWSHRCQPKYSFRRLDDKYTNESLFPGYNFRYAKYYKENGMEKRTLIKAFGVRFDIL
VFGTGGKFDIIQLVVYIGSTLSYFGLATVCIDLIINTYASTCCRSRVYPSCKCCEPCAVNEYYYRKKCEPIVEPKPTLKY
VSFVDEPHIWMVDQQLLGKSLQDVKGQEVPRPQTDFLELSRLSLSLHHSPPIPGQPEEMQLLQIEAVPRSRDSPDWCQCG
NCLPSQLPENRRALEELCCRRKPGQCITTSELFSKIVLSREALQLLLLYQEPLLALEGEAINSKLRHCAYRSYATWRFVS
QDMADFAILPSCCRWKIRKEFPKTQGQYSGFKYPY
;
_entity_poly.pdbx_strand_id   A,B,C
#
loop_
_chem_comp.id
_chem_comp.type
_chem_comp.name
_chem_comp.formula
7RV non-polymer N-{[4-(4-phenylpiperazin-1-yl)oxan-4-yl]methyl}-2-(phenylsulfanyl)pyridine-3-carboxamide 'C28 H32 N4 O2 S'
GDP RNA linking GUANOSINE-5'-DIPHOSPHATE 'C10 H15 N5 O11 P2'
NA non-polymer 'SODIUM ION' 'Na 1'
NAG D-saccharide, beta linking 2-acetamido-2-deoxy-beta-D-glucopyranose 'C8 H15 N O6'
PLM non-polymer 'PALMITIC ACID' 'C16 H32 O2'
ZN non-polymer 'ZINC ION' 'Zn 2'
#
# COMPACT_ATOMS: atom_id res chain seq x y z
N SER A 6 13.89 12.32 33.30
CA SER A 6 14.67 12.37 32.05
C SER A 6 15.18 10.99 31.67
N TRP A 7 16.23 10.54 32.35
CA TRP A 7 16.77 9.20 32.07
C TRP A 7 15.72 8.13 32.34
N ASN A 8 15.01 8.25 33.46
CA ASN A 8 14.00 7.26 33.80
C ASN A 8 12.82 7.31 32.85
N ASP A 9 12.43 8.51 32.43
CA ASP A 9 11.26 8.64 31.56
C ASP A 9 11.48 7.94 30.23
N VAL A 10 12.72 7.92 29.75
CA VAL A 10 13.00 7.26 28.48
C VAL A 10 12.89 5.75 28.62
N PHE A 11 13.36 5.21 29.75
CA PHE A 11 13.33 3.75 30.02
C PHE A 11 11.97 3.35 30.58
N GLN A 12 10.91 3.57 29.82
CA GLN A 12 9.57 3.19 30.25
C GLN A 12 8.87 2.47 29.11
N TYR A 13 8.05 1.50 29.47
CA TYR A 13 7.19 0.82 28.52
C TYR A 13 5.76 0.86 29.03
N GLU A 14 4.85 1.32 28.17
CA GLU A 14 3.43 1.37 28.48
C GLU A 14 2.73 0.22 27.79
N THR A 15 2.02 -0.58 28.59
CA THR A 15 1.22 -1.68 28.07
C THR A 15 -0.23 -1.44 28.41
N ASN A 16 -1.11 -1.82 27.49
CA ASN A 16 -2.54 -1.64 27.68
C ASN A 16 -3.08 -2.61 28.72
N LYS A 17 -3.94 -2.09 29.60
CA LYS A 17 -4.69 -2.95 30.49
C LYS A 17 -5.78 -3.67 29.72
N VAL A 18 -5.89 -4.97 29.95
CA VAL A 18 -6.81 -5.82 29.20
C VAL A 18 -7.65 -6.62 30.17
N THR A 19 -8.89 -6.85 29.80
CA THR A 19 -9.76 -7.79 30.48
C THR A 19 -9.90 -9.02 29.60
N ARG A 20 -9.54 -10.18 30.14
CA ARG A 20 -9.61 -11.44 29.41
C ARG A 20 -10.93 -12.13 29.75
N ILE A 21 -11.75 -12.37 28.73
CA ILE A 21 -13.05 -13.00 28.89
C ILE A 21 -12.93 -14.45 28.47
N GLN A 22 -13.30 -15.35 29.39
CA GLN A 22 -13.39 -16.77 29.10
C GLN A 22 -14.78 -17.07 28.53
N SER A 23 -14.93 -16.74 27.25
CA SER A 23 -16.16 -16.94 26.52
C SER A 23 -15.90 -17.84 25.32
N VAL A 24 -16.75 -18.85 25.16
CA VAL A 24 -16.64 -19.74 24.00
C VAL A 24 -17.02 -18.99 22.72
N ASN A 25 -18.14 -18.26 22.76
CA ASN A 25 -18.63 -17.60 21.56
C ASN A 25 -17.67 -16.52 21.08
N TYR A 26 -17.17 -15.69 21.99
CA TYR A 26 -16.29 -14.60 21.58
C TYR A 26 -14.94 -15.12 21.09
N GLY A 27 -14.38 -16.12 21.76
CA GLY A 27 -13.16 -16.73 21.26
C GLY A 27 -13.34 -17.35 19.89
N THR A 28 -14.45 -18.06 19.70
CA THR A 28 -14.74 -18.66 18.40
C THR A 28 -14.88 -17.59 17.31
N ILE A 29 -15.61 -16.52 17.62
CA ILE A 29 -15.78 -15.44 16.65
C ILE A 29 -14.44 -14.80 16.31
N LYS A 30 -13.62 -14.57 17.33
CA LYS A 30 -12.31 -13.96 17.12
C LYS A 30 -11.45 -14.82 16.22
N TRP A 31 -11.42 -16.12 16.47
CA TRP A 31 -10.56 -16.99 15.68
C TRP A 31 -11.10 -17.15 14.27
N ILE A 32 -12.42 -17.22 14.12
CA ILE A 32 -13.01 -17.30 12.79
C ILE A 32 -12.65 -16.07 11.98
N LEU A 33 -12.75 -14.88 12.59
CA LEU A 33 -12.44 -13.66 11.87
C LEU A 33 -10.95 -13.56 11.56
N HIS A 34 -10.09 -13.95 12.51
CA HIS A 34 -8.66 -13.95 12.24
C HIS A 34 -8.31 -14.86 11.08
N MET A 35 -8.88 -16.07 11.08
CA MET A 35 -8.61 -17.01 9.99
C MET A 35 -9.16 -16.51 8.67
N THR A 36 -10.34 -15.89 8.69
CA THR A 36 -10.90 -15.32 7.47
C THR A 36 -10.01 -14.22 6.90
N VAL A 37 -9.54 -13.33 7.77
CA VAL A 37 -8.68 -12.23 7.32
C VAL A 37 -7.37 -12.77 6.79
N PHE A 38 -6.76 -13.72 7.52
CA PHE A 38 -5.51 -14.31 7.07
C PHE A 38 -5.68 -15.01 5.73
N SER A 39 -6.77 -15.75 5.57
CA SER A 39 -7.01 -16.48 4.34
C SER A 39 -7.19 -15.53 3.16
N TYR A 40 -7.98 -14.48 3.33
CA TYR A 40 -8.15 -13.53 2.23
C TYR A 40 -6.85 -12.83 1.91
N VAL A 41 -6.10 -12.41 2.93
CA VAL A 41 -4.85 -11.69 2.68
C VAL A 41 -3.84 -12.58 1.96
N SER A 42 -3.70 -13.83 2.39
CA SER A 42 -2.82 -14.77 1.72
C SER A 42 -3.28 -15.07 0.29
N PHE A 43 -4.59 -15.24 0.11
CA PHE A 43 -5.11 -15.49 -1.23
C PHE A 43 -4.82 -14.32 -2.16
N ALA A 44 -5.03 -13.10 -1.70
CA ALA A 44 -4.74 -11.93 -2.52
C ALA A 44 -3.25 -11.87 -2.84
N LEU A 45 -2.40 -12.10 -1.85
CA LEU A 45 -0.96 -12.08 -2.06
C LEU A 45 -0.55 -13.09 -3.12
N MET A 46 -1.09 -14.30 -3.05
CA MET A 46 -0.72 -15.35 -4.00
C MET A 46 -1.31 -15.07 -5.38
N SER A 47 -2.56 -14.63 -5.45
CA SER A 47 -3.24 -14.46 -6.73
C SER A 47 -2.66 -13.30 -7.51
N ASP A 48 -2.47 -12.16 -6.87
CA ASP A 48 -1.93 -10.99 -7.54
C ASP A 48 -0.42 -10.88 -7.43
N LYS A 49 0.24 -11.85 -6.80
CA LYS A 49 1.68 -11.85 -6.65
C LYS A 49 2.17 -10.52 -6.08
N LEU A 50 1.48 -10.04 -5.05
CA LEU A 50 1.80 -8.74 -4.48
C LEU A 50 3.13 -8.74 -3.76
N TYR A 51 3.71 -9.93 -3.55
CA TYR A 51 5.09 -10.05 -3.10
C TYR A 51 6.09 -9.80 -4.22
N GLN A 52 5.64 -9.78 -5.47
CA GLN A 52 6.51 -9.60 -6.62
C GLN A 52 6.53 -8.14 -7.07
N ARG A 53 7.71 -7.67 -7.42
CA ARG A 53 7.85 -6.48 -8.24
C ARG A 53 7.72 -6.87 -9.70
N LYS A 54 6.88 -6.13 -10.42
CA LYS A 54 6.58 -6.39 -11.82
C LYS A 54 7.26 -5.36 -12.70
N GLU A 55 7.94 -5.85 -13.73
CA GLU A 55 8.64 -5.03 -14.69
C GLU A 55 8.08 -5.25 -16.08
N PRO A 56 7.78 -4.20 -16.84
CA PRO A 56 7.40 -4.39 -18.24
C PRO A 56 8.57 -4.89 -19.07
N LEU A 57 8.26 -5.63 -20.11
CA LEU A 57 9.26 -6.18 -21.00
C LEU A 57 9.59 -5.20 -22.12
N ILE A 58 10.83 -5.29 -22.60
CA ILE A 58 11.25 -4.67 -23.85
C ILE A 58 11.41 -5.80 -24.87
N SER A 59 10.81 -5.62 -26.04
CA SER A 59 10.71 -6.68 -27.03
C SER A 59 11.37 -6.28 -28.34
N SER A 60 11.90 -7.28 -29.02
CA SER A 60 12.35 -7.19 -30.40
C SER A 60 11.71 -8.33 -31.18
N VAL A 61 11.17 -8.01 -32.34
CA VAL A 61 10.49 -8.97 -33.20
C VAL A 61 11.20 -9.03 -34.53
N HIS A 62 11.45 -10.25 -35.00
CA HIS A 62 11.98 -10.52 -36.32
C HIS A 62 11.08 -11.51 -37.02
N THR A 63 10.54 -11.12 -38.17
CA THR A 63 9.61 -11.94 -38.92
C THR A 63 10.22 -12.40 -40.24
N LYS A 64 9.79 -13.57 -40.68
CA LYS A 64 10.15 -14.08 -42.00
C LYS A 64 8.93 -14.73 -42.63
N VAL A 65 8.53 -14.22 -43.79
CA VAL A 65 7.40 -14.76 -44.55
C VAL A 65 7.94 -15.73 -45.59
N LYS A 66 7.33 -16.91 -45.65
CA LYS A 66 7.58 -17.91 -46.67
C LYS A 66 6.33 -18.13 -47.50
N GLY A 67 6.52 -18.27 -48.79
CA GLY A 67 5.44 -18.57 -49.71
C GLY A 67 5.63 -17.95 -51.08
N VAL A 68 5.07 -18.62 -52.08
CA VAL A 68 5.04 -18.15 -53.45
C VAL A 68 3.60 -18.19 -53.93
N ALA A 69 3.18 -17.14 -54.63
CA ALA A 69 1.83 -17.04 -55.16
C ALA A 69 1.86 -17.10 -56.68
N GLU A 70 1.05 -17.98 -57.26
CA GLU A 70 0.81 -17.98 -58.70
C GLU A 70 -0.34 -17.04 -59.01
N VAL A 71 -0.12 -16.11 -59.93
CA VAL A 71 -1.11 -15.12 -60.33
C VAL A 71 -1.26 -15.15 -61.84
N THR A 72 -2.51 -15.22 -62.31
CA THR A 72 -2.83 -15.18 -63.73
C THR A 72 -3.74 -13.99 -63.99
N GLU A 73 -3.37 -13.16 -64.95
CA GLU A 73 -4.12 -11.95 -65.27
C GLU A 73 -4.17 -11.79 -66.79
N ASN A 74 -4.88 -10.75 -67.23
CA ASN A 74 -4.97 -10.42 -68.65
C ASN A 74 -4.74 -8.93 -68.88
N LYS A 82 -3.63 -10.18 -73.94
CA LYS A 82 -2.82 -11.36 -73.73
C LYS A 82 -2.99 -11.87 -72.30
N LEU A 83 -2.65 -13.14 -72.08
CA LEU A 83 -2.73 -13.76 -70.77
C LEU A 83 -1.34 -13.84 -70.17
N VAL A 84 -1.18 -13.27 -68.98
CA VAL A 84 0.11 -13.21 -68.29
C VAL A 84 0.02 -14.04 -67.03
N HIS A 85 0.85 -15.07 -66.95
CA HIS A 85 0.94 -15.92 -65.78
C HIS A 85 2.30 -15.73 -65.13
N GLY A 86 2.31 -15.33 -63.87
CA GLY A 86 3.54 -15.08 -63.14
C GLY A 86 3.48 -15.62 -61.73
N ILE A 87 4.61 -15.52 -61.05
CA ILE A 87 4.74 -15.94 -59.67
C ILE A 87 5.30 -14.77 -58.86
N PHE A 88 4.76 -14.60 -57.66
CA PHE A 88 5.22 -13.61 -56.71
C PHE A 88 5.95 -14.32 -55.58
N ASP A 89 7.20 -13.95 -55.36
CA ASP A 89 7.93 -14.37 -54.18
C ASP A 89 7.99 -13.21 -53.18
N THR A 90 8.63 -13.47 -52.05
CA THR A 90 8.61 -12.53 -50.93
C THR A 90 8.98 -11.12 -51.35
N ALA A 91 9.98 -10.97 -52.22
CA ALA A 91 10.37 -9.66 -52.69
C ALA A 91 9.29 -8.98 -53.52
N ASP A 92 8.35 -9.74 -54.06
CA ASP A 92 7.30 -9.19 -54.90
C ASP A 92 6.02 -8.87 -54.15
N TYR A 93 5.87 -9.35 -52.91
CA TYR A 93 4.64 -9.13 -52.16
C TYR A 93 4.85 -8.73 -50.72
N THR A 94 6.08 -8.73 -50.20
CA THR A 94 6.32 -8.53 -48.79
C THR A 94 7.03 -7.19 -48.58
N LEU A 95 6.59 -6.46 -47.57
CA LEU A 95 7.31 -5.31 -47.07
C LEU A 95 8.04 -5.72 -45.80
N PRO A 96 9.37 -5.58 -45.73
CA PRO A 96 10.09 -6.09 -44.56
C PRO A 96 9.59 -5.47 -43.26
N LEU A 97 9.74 -6.23 -42.18
CA LEU A 97 9.30 -5.77 -40.88
C LEU A 97 9.97 -4.45 -40.54
N GLN A 98 9.15 -3.48 -40.13
CA GLN A 98 9.60 -2.15 -39.76
C GLN A 98 8.85 -1.77 -38.50
N GLY A 99 9.58 -1.52 -37.43
CA GLY A 99 8.96 -1.44 -36.13
C GLY A 99 8.64 -2.84 -35.66
N ASN A 100 7.35 -3.18 -35.63
CA ASN A 100 6.92 -4.52 -35.26
C ASN A 100 5.77 -5.01 -36.15
N SER A 101 5.76 -4.59 -37.42
CA SER A 101 4.69 -4.95 -38.33
C SER A 101 5.29 -5.34 -39.69
N PHE A 102 4.63 -6.29 -40.34
CA PHE A 102 4.97 -6.69 -41.70
C PHE A 102 3.71 -6.70 -42.55
N PHE A 103 3.89 -6.41 -43.83
CA PHE A 103 2.80 -6.30 -44.79
C PHE A 103 2.92 -7.40 -45.83
N VAL A 104 1.79 -8.03 -46.14
CA VAL A 104 1.69 -9.01 -47.21
C VAL A 104 0.68 -8.50 -48.21
N MET A 105 1.13 -8.27 -49.44
CA MET A 105 0.23 -7.89 -50.52
C MET A 105 -0.69 -9.05 -50.87
N THR A 106 -1.98 -8.76 -50.93
CA THR A 106 -2.99 -9.74 -51.31
C THR A 106 -3.74 -9.35 -52.56
N ASN A 107 -3.61 -8.10 -53.02
CA ASN A 107 -4.29 -7.64 -54.19
C ASN A 107 -3.55 -6.40 -54.67
N TYR A 108 -3.73 -6.07 -55.95
CA TYR A 108 -3.05 -4.91 -56.47
C TYR A 108 -3.78 -4.39 -57.68
N LEU A 109 -3.72 -3.08 -57.85
CA LEU A 109 -4.08 -2.42 -59.10
C LEU A 109 -2.80 -1.82 -59.68
N LYS A 110 -2.56 -2.08 -60.95
CA LYS A 110 -1.36 -1.61 -61.64
C LYS A 110 -1.73 -0.56 -62.67
N SER A 111 -1.00 0.54 -62.68
CA SER A 111 -1.09 1.59 -63.70
C SER A 111 0.30 1.83 -64.25
N GLU A 112 0.60 1.27 -65.41
CA GLU A 112 1.92 1.32 -66.01
C GLU A 112 2.06 2.53 -66.92
N GLY A 113 3.30 2.99 -67.06
CA GLY A 113 3.64 4.03 -68.02
C GLY A 113 2.97 5.36 -67.78
N GLN A 114 2.93 5.80 -66.54
CA GLN A 114 2.35 7.09 -66.21
C GLN A 114 3.31 8.22 -66.58
N GLU A 115 2.75 9.30 -67.11
CA GLU A 115 3.47 10.51 -67.44
C GLU A 115 2.75 11.69 -66.81
N GLN A 116 3.50 12.68 -66.38
CA GLN A 116 2.88 13.91 -65.85
C GLN A 116 2.30 14.69 -67.02
N LYS A 117 0.98 14.66 -67.15
CA LYS A 117 0.32 15.27 -68.29
C LYS A 117 -1.16 15.42 -67.98
N LEU A 118 -1.92 15.80 -68.99
CA LEU A 118 -3.36 16.02 -68.87
C LEU A 118 -4.11 14.74 -69.21
N CYS A 119 -5.16 14.47 -68.45
CA CYS A 119 -5.94 13.26 -68.64
C CYS A 119 -7.30 13.43 -67.99
N PRO A 120 -8.30 12.65 -68.41
CA PRO A 120 -9.57 12.64 -67.69
C PRO A 120 -9.48 11.77 -66.44
N GLU A 121 -10.04 12.28 -65.35
CA GLU A 121 -10.01 11.55 -64.10
C GLU A 121 -10.92 10.34 -64.17
N TYR A 122 -10.53 9.28 -63.46
CA TYR A 122 -11.27 8.03 -63.51
C TYR A 122 -12.69 8.25 -62.98
N PRO A 123 -13.71 7.66 -63.62
CA PRO A 123 -15.10 7.84 -63.17
C PRO A 123 -15.49 6.94 -62.01
N SER A 124 -15.16 7.40 -60.80
CA SER A 124 -15.38 6.65 -59.58
C SER A 124 -16.63 7.16 -58.89
N ARG A 125 -17.45 6.23 -58.39
CA ARG A 125 -18.68 6.58 -57.67
C ARG A 125 -19.54 7.53 -58.50
N GLY A 126 -19.60 7.29 -59.80
CA GLY A 126 -20.35 8.16 -60.68
C GLY A 126 -19.83 9.59 -60.71
N LYS A 127 -18.50 9.74 -60.79
CA LYS A 127 -17.88 11.06 -60.86
C LYS A 127 -17.90 11.57 -62.31
N GLN A 128 -19.10 11.64 -62.86
CA GLN A 128 -19.30 12.09 -64.23
C GLN A 128 -19.45 13.60 -64.28
N CYS A 129 -19.09 14.16 -65.43
CA CYS A 129 -19.24 15.59 -65.70
C CYS A 129 -20.04 15.76 -66.97
N HIS A 130 -21.05 16.64 -66.92
CA HIS A 130 -21.86 16.96 -68.08
C HIS A 130 -21.58 18.33 -68.65
N SER A 131 -20.92 19.21 -67.88
CA SER A 131 -20.59 20.55 -68.34
C SER A 131 -19.32 21.00 -67.64
N ASP A 132 -18.67 22.00 -68.23
CA ASP A 132 -17.44 22.52 -67.64
C ASP A 132 -17.71 23.29 -66.35
N GLN A 133 -18.97 23.60 -66.04
CA GLN A 133 -19.27 24.32 -64.81
C GLN A 133 -18.93 23.47 -63.58
N GLY A 134 -19.27 22.18 -63.62
CA GLY A 134 -19.02 21.32 -62.48
C GLY A 134 -17.54 21.17 -62.20
N CYS A 135 -16.71 21.17 -63.25
CA CYS A 135 -15.28 20.98 -63.10
C CYS A 135 -14.62 22.33 -62.82
N ILE A 136 -14.13 22.50 -61.58
CA ILE A 136 -13.43 23.72 -61.22
C ILE A 136 -12.03 23.70 -61.81
N LYS A 137 -11.45 24.88 -62.00
CA LYS A 137 -10.10 25.02 -62.49
C LYS A 137 -9.15 25.32 -61.34
N GLY A 138 -8.00 24.64 -61.34
CA GLY A 138 -7.03 24.81 -60.28
C GLY A 138 -7.34 24.04 -59.02
N TRP A 139 -8.41 23.27 -59.00
CA TRP A 139 -8.82 22.54 -57.81
C TRP A 139 -7.99 21.26 -57.69
N MET A 140 -7.37 21.07 -56.53
CA MET A 140 -6.54 19.87 -56.28
C MET A 140 -7.43 18.81 -55.65
N ASP A 141 -7.86 17.81 -56.41
CA ASP A 141 -8.70 16.71 -55.94
C ASP A 141 -7.81 15.67 -55.29
N PRO A 142 -7.86 15.50 -53.97
CA PRO A 142 -7.03 14.47 -53.34
C PRO A 142 -7.50 13.06 -53.66
N GLN A 143 -8.74 12.89 -54.12
CA GLN A 143 -9.21 11.58 -54.55
C GLN A 143 -8.66 11.24 -55.93
N SER A 144 -8.81 12.16 -56.89
CA SER A 144 -8.28 11.96 -58.22
C SER A 144 -6.77 12.11 -58.26
N LYS A 145 -6.19 12.87 -57.33
CA LYS A 145 -4.75 13.05 -57.23
C LYS A 145 -4.21 13.84 -58.42
N GLY A 146 -4.91 14.91 -58.76
CA GLY A 146 -4.53 15.78 -59.85
C GLY A 146 -5.17 17.14 -59.72
N ILE A 147 -4.71 18.06 -60.56
CA ILE A 147 -5.19 19.43 -60.58
C ILE A 147 -6.19 19.56 -61.72
N GLN A 148 -7.43 19.91 -61.38
CA GLN A 148 -8.45 20.15 -62.40
C GLN A 148 -8.10 21.38 -63.23
N THR A 149 -8.43 21.30 -64.52
CA THR A 149 -8.20 22.38 -65.47
C THR A 149 -9.46 23.19 -65.77
N GLY A 150 -10.61 22.73 -65.26
CA GLY A 150 -11.87 23.47 -65.42
C GLY A 150 -12.68 22.95 -66.61
N ARG A 151 -12.15 21.95 -67.31
CA ARG A 151 -12.81 21.40 -68.53
C ARG A 151 -13.40 20.02 -68.23
N CYS A 152 -14.45 19.60 -68.94
CA CYS A 152 -15.01 18.27 -68.85
C CYS A 152 -14.78 17.57 -70.18
N ILE A 153 -14.10 16.42 -70.14
CA ILE A 153 -13.71 15.72 -71.36
C ILE A 153 -14.15 14.28 -71.28
N PRO A 154 -14.31 13.62 -72.43
CA PRO A 154 -14.78 12.23 -72.43
C PRO A 154 -13.69 11.28 -71.95
N TYR A 155 -13.98 10.55 -70.87
CA TYR A 155 -13.09 9.49 -70.43
C TYR A 155 -13.19 8.28 -71.33
N ASP A 156 -14.35 8.08 -71.94
CA ASP A 156 -14.60 6.97 -72.85
C ASP A 156 -15.63 7.44 -73.87
N GLN A 157 -16.21 6.49 -74.61
CA GLN A 157 -17.18 6.85 -75.64
C GLN A 157 -18.44 7.46 -75.04
N LYS A 158 -18.89 6.94 -73.90
CA LYS A 158 -20.20 7.30 -73.35
C LYS A 158 -20.12 8.34 -72.24
N ARG A 159 -19.24 8.16 -71.25
CA ARG A 159 -19.18 9.01 -70.08
C ARG A 159 -17.99 9.95 -70.14
N LYS A 160 -18.12 11.08 -69.45
CA LYS A 160 -17.10 12.12 -69.42
C LYS A 160 -16.74 12.46 -67.99
N THR A 161 -15.48 12.81 -67.77
CA THR A 161 -14.96 13.13 -66.46
C THR A 161 -14.08 14.36 -66.56
N CYS A 162 -13.96 15.06 -65.42
CA CYS A 162 -13.20 16.31 -65.40
C CYS A 162 -11.73 16.07 -65.74
N GLU A 163 -11.16 16.99 -66.49
CA GLU A 163 -9.75 16.93 -66.87
C GLU A 163 -8.87 17.33 -65.69
N ILE A 164 -7.70 16.71 -65.61
CA ILE A 164 -6.75 16.98 -64.53
C ILE A 164 -5.35 16.83 -65.07
N PHE A 165 -4.45 17.67 -64.56
CA PHE A 165 -3.02 17.46 -64.70
C PHE A 165 -2.59 16.51 -63.59
N ALA A 166 -1.98 15.41 -63.96
CA ALA A 166 -1.71 14.34 -63.02
C ALA A 166 -0.78 13.34 -63.68
N TRP A 167 -0.47 12.28 -62.96
CA TRP A 167 0.12 11.10 -63.54
C TRP A 167 -0.95 10.38 -64.35
N CYS A 168 -0.72 10.22 -65.65
CA CYS A 168 -1.70 9.72 -66.57
C CYS A 168 -1.12 8.53 -67.32
N PRO A 169 -1.89 7.45 -67.53
CA PRO A 169 -3.32 7.29 -67.26
C PRO A 169 -3.70 7.25 -65.79
N ALA A 170 -4.64 8.11 -65.41
CA ALA A 170 -5.14 8.15 -64.05
C ALA A 170 -6.22 7.11 -63.85
N GLU A 171 -6.05 6.27 -62.84
CA GLU A 171 -6.98 5.19 -62.55
C GLU A 171 -7.44 5.19 -61.11
N GLU A 172 -7.14 6.25 -60.36
CA GLU A 172 -7.55 6.31 -58.96
C GLU A 172 -9.07 6.30 -58.83
N GLY A 173 -9.56 5.50 -57.89
CA GLY A 173 -10.97 5.25 -57.74
C GLY A 173 -11.42 3.94 -58.34
N LYS A 174 -10.58 3.30 -59.15
CA LYS A 174 -10.86 1.95 -59.61
C LYS A 174 -10.96 1.00 -58.42
N GLU A 175 -11.96 0.13 -58.47
CA GLU A 175 -12.17 -0.80 -57.37
C GLU A 175 -11.12 -1.90 -57.37
N ALA A 176 -10.82 -2.39 -56.19
CA ALA A 176 -9.86 -3.48 -56.05
C ALA A 176 -10.36 -4.71 -56.80
N PRO A 177 -9.49 -5.43 -57.51
CA PRO A 177 -9.94 -6.61 -58.24
C PRO A 177 -10.56 -7.65 -57.32
N ARG A 178 -11.61 -8.29 -57.81
CA ARG A 178 -12.34 -9.31 -57.07
C ARG A 178 -12.56 -10.50 -58.00
N PRO A 179 -12.09 -11.70 -57.63
CA PRO A 179 -11.38 -12.07 -56.40
C PRO A 179 -9.95 -11.56 -56.34
N ALA A 180 -9.41 -11.55 -55.13
CA ALA A 180 -8.06 -11.03 -54.92
C ALA A 180 -7.03 -11.86 -55.65
N LEU A 181 -6.10 -11.15 -56.30
CA LEU A 181 -5.12 -11.82 -57.14
C LEU A 181 -4.19 -12.70 -56.32
N LEU A 182 -3.77 -12.23 -55.16
CA LEU A 182 -2.93 -13.02 -54.26
C LEU A 182 -3.76 -13.64 -53.14
N ARG A 183 -4.76 -14.42 -53.55
CA ARG A 183 -5.52 -15.24 -52.60
C ARG A 183 -4.61 -16.26 -51.92
N SER A 184 -3.74 -16.90 -52.69
CA SER A 184 -2.84 -17.93 -52.19
C SER A 184 -2.01 -17.48 -51.00
N ALA A 185 -1.97 -16.18 -50.71
CA ALA A 185 -1.29 -15.70 -49.52
C ALA A 185 -1.86 -16.29 -48.24
N GLU A 186 -3.11 -16.79 -48.27
CA GLU A 186 -3.63 -17.46 -47.10
C GLU A 186 -2.77 -18.66 -46.71
N ASN A 187 -2.09 -19.24 -47.67
CA ASN A 187 -1.24 -20.38 -47.46
C ASN A 187 0.20 -20.00 -47.12
N PHE A 188 0.54 -18.70 -47.17
CA PHE A 188 1.84 -18.27 -46.73
C PHE A 188 2.00 -18.51 -45.24
N THR A 189 3.25 -18.65 -44.83
CA THR A 189 3.59 -18.81 -43.42
C THR A 189 4.47 -17.66 -42.99
N VAL A 190 4.38 -17.32 -41.71
CA VAL A 190 5.27 -16.35 -41.09
C VAL A 190 5.89 -16.99 -39.86
N LEU A 191 7.22 -16.97 -39.80
CA LEU A 191 7.97 -17.29 -38.60
C LEU A 191 8.22 -16.01 -37.84
N ILE A 192 7.78 -15.98 -36.58
CA ILE A 192 7.96 -14.83 -35.71
C ILE A 192 8.93 -15.22 -34.61
N LYS A 193 10.05 -14.51 -34.55
CA LYS A 193 11.02 -14.66 -33.48
C LYS A 193 10.91 -13.45 -32.56
N ASN A 194 10.68 -13.71 -31.29
CA ASN A 194 10.43 -12.67 -30.31
C ASN A 194 11.44 -12.80 -29.18
N ASN A 195 12.27 -11.77 -29.04
CA ASN A 195 13.21 -11.66 -27.94
C ASN A 195 12.65 -10.66 -26.95
N ILE A 196 12.58 -11.05 -25.68
CA ILE A 196 12.08 -10.16 -24.66
C ILE A 196 13.10 -10.08 -23.54
N ASP A 197 13.11 -8.93 -22.86
CA ASP A 197 14.03 -8.66 -21.78
C ASP A 197 13.32 -7.87 -20.70
N PHE A 198 13.65 -8.21 -19.45
CA PHE A 198 13.35 -7.40 -18.28
C PHE A 198 14.69 -6.90 -17.75
N PRO A 199 15.05 -5.64 -18.03
CA PRO A 199 16.39 -5.18 -17.63
C PRO A 199 16.54 -4.96 -16.13
N GLY A 200 15.48 -4.50 -15.47
CA GLY A 200 15.53 -4.37 -14.02
C GLY A 200 15.80 -5.70 -13.33
N HIS A 201 15.17 -6.76 -13.81
CA HIS A 201 15.40 -8.10 -13.30
C HIS A 201 16.58 -8.79 -13.96
N ASN A 202 17.21 -8.15 -14.94
CA ASN A 202 18.32 -8.75 -15.69
C ASN A 202 17.96 -10.14 -16.17
N TYR A 203 16.84 -10.25 -16.86
CA TYR A 203 16.41 -11.51 -17.44
C TYR A 203 16.07 -11.31 -18.91
N THR A 204 16.43 -12.29 -19.72
CA THR A 204 16.04 -12.25 -21.12
C THR A 204 15.70 -13.64 -21.59
N THR A 205 14.73 -13.73 -22.48
CA THR A 205 14.38 -15.00 -23.10
C THR A 205 13.87 -14.74 -24.51
N ARG A 206 13.58 -15.82 -25.22
CA ARG A 206 13.02 -15.74 -26.57
C ARG A 206 11.98 -16.83 -26.74
N ASN A 207 11.12 -16.62 -27.73
CA ASN A 207 9.99 -17.49 -27.99
C ASN A 207 10.37 -18.78 -28.68
N ILE A 208 11.63 -18.94 -29.08
CA ILE A 208 12.12 -20.18 -29.68
C ILE A 208 13.30 -20.65 -28.85
N LEU A 209 13.24 -21.90 -28.41
CA LEU A 209 14.26 -22.53 -27.61
C LEU A 209 14.65 -23.85 -28.25
N PRO A 210 15.82 -24.38 -27.90
CA PRO A 210 16.21 -25.68 -28.46
C PRO A 210 15.19 -26.76 -28.13
N GLY A 211 14.90 -27.59 -29.13
CA GLY A 211 13.94 -28.67 -29.01
C GLY A 211 12.78 -28.56 -29.97
N MET A 212 12.40 -27.34 -30.33
CA MET A 212 11.28 -27.13 -31.25
C MET A 212 11.61 -27.68 -32.63
N ASN A 213 10.55 -28.05 -33.35
CA ASN A 213 10.67 -28.60 -34.69
C ASN A 213 10.15 -27.58 -35.70
N ILE A 214 10.91 -27.35 -36.77
CA ILE A 214 10.48 -26.43 -37.81
C ILE A 214 9.25 -26.95 -38.54
N SER A 215 9.02 -28.25 -38.53
CA SER A 215 7.88 -28.85 -39.20
C SER A 215 6.56 -28.58 -38.51
N CYS A 216 6.61 -27.75 -37.46
CA CYS A 216 5.44 -27.30 -36.74
C CYS A 216 4.80 -26.10 -37.43
N THR A 217 3.48 -26.00 -37.26
CA THR A 217 2.75 -24.78 -37.52
C THR A 217 1.85 -24.54 -36.32
N PHE A 218 1.64 -23.28 -35.99
CA PHE A 218 0.92 -22.94 -34.76
C PHE A 218 -0.48 -23.51 -34.75
N HIS A 219 -0.88 -23.98 -33.57
CA HIS A 219 -2.27 -24.34 -33.31
C HIS A 219 -2.57 -23.99 -31.86
N LYS A 220 -3.77 -23.47 -31.63
CA LYS A 220 -4.16 -23.07 -30.29
C LYS A 220 -4.03 -24.20 -29.28
N THR A 221 -4.39 -25.43 -29.69
CA THR A 221 -4.38 -26.58 -28.81
C THR A 221 -3.20 -27.51 -29.06
N TRP A 222 -2.99 -27.94 -30.29
CA TRP A 222 -1.95 -28.92 -30.57
C TRP A 222 -0.55 -28.34 -30.46
N ASN A 223 -0.34 -27.15 -31.03
CA ASN A 223 0.99 -26.53 -31.10
C ASN A 223 0.89 -25.06 -30.70
N PRO A 224 0.54 -24.80 -29.43
CA PRO A 224 0.38 -23.42 -28.99
C PRO A 224 1.67 -22.66 -28.83
N GLN A 225 2.81 -23.33 -28.90
CA GLN A 225 4.11 -22.69 -28.75
C GLN A 225 4.90 -22.63 -30.04
N CYS A 226 4.34 -23.12 -31.14
CA CYS A 226 5.00 -23.04 -32.42
C CYS A 226 4.90 -21.62 -32.95
N PRO A 227 6.00 -20.95 -33.24
CA PRO A 227 5.94 -19.56 -33.72
C PRO A 227 5.79 -19.42 -35.24
N ILE A 228 5.36 -20.49 -35.92
CA ILE A 228 5.13 -20.47 -37.36
C ILE A 228 3.63 -20.45 -37.57
N PHE A 229 3.14 -19.41 -38.23
CA PHE A 229 1.72 -19.15 -38.37
C PHE A 229 1.35 -19.09 -39.85
N ARG A 230 0.39 -19.92 -40.24
CA ARG A 230 -0.28 -19.75 -41.52
C ARG A 230 -1.24 -18.57 -41.42
N LEU A 231 -1.20 -17.69 -42.42
CA LEU A 231 -2.01 -16.48 -42.38
C LEU A 231 -3.49 -16.80 -42.37
N GLY A 232 -3.91 -17.73 -43.22
CA GLY A 232 -5.30 -18.15 -43.22
C GLY A 232 -5.73 -18.74 -41.89
N ASP A 233 -4.85 -19.48 -41.24
CA ASP A 233 -5.14 -19.99 -39.90
C ASP A 233 -5.32 -18.85 -38.91
N ILE A 234 -4.48 -17.83 -39.00
CA ILE A 234 -4.64 -16.65 -38.15
C ILE A 234 -6.03 -16.08 -38.33
N PHE A 235 -6.47 -15.96 -39.58
CA PHE A 235 -7.77 -15.34 -39.83
C PHE A 235 -8.91 -16.22 -39.37
N GLN A 236 -8.85 -17.53 -39.63
CA GLN A 236 -9.96 -18.41 -39.28
C GLN A 236 -10.00 -18.77 -37.81
N GLU A 237 -8.93 -18.54 -37.05
CA GLU A 237 -9.00 -18.77 -35.61
C GLU A 237 -9.93 -17.78 -34.92
N ILE A 238 -10.08 -16.58 -35.46
CA ILE A 238 -10.92 -15.56 -34.86
C ILE A 238 -12.06 -15.20 -35.80
N GLY A 239 -12.50 -16.17 -36.60
CA GLY A 239 -13.67 -15.99 -37.42
C GLY A 239 -13.57 -14.87 -38.44
N GLU A 240 -12.42 -14.75 -39.09
CA GLU A 240 -12.22 -13.78 -40.16
C GLU A 240 -11.94 -14.53 -41.45
N ASN A 241 -12.42 -13.99 -42.55
CA ASN A 241 -12.34 -14.62 -43.85
C ASN A 241 -11.20 -13.99 -44.64
N PHE A 242 -10.13 -14.74 -44.87
CA PHE A 242 -8.97 -14.23 -45.58
C PHE A 242 -9.31 -13.87 -47.02
N THR A 243 -10.16 -14.68 -47.65
CA THR A 243 -10.51 -14.45 -49.05
C THR A 243 -11.15 -13.08 -49.23
N GLU A 244 -12.07 -12.72 -48.33
CA GLU A 244 -12.74 -11.42 -48.43
C GLU A 244 -11.81 -10.28 -48.06
N VAL A 245 -11.06 -10.43 -46.96
CA VAL A 245 -10.17 -9.36 -46.50
C VAL A 245 -9.07 -9.11 -47.53
N ALA A 246 -8.70 -10.12 -48.30
CA ALA A 246 -7.64 -9.99 -49.30
C ALA A 246 -7.98 -8.98 -50.39
N VAL A 247 -9.27 -8.75 -50.67
CA VAL A 247 -9.65 -7.87 -51.76
C VAL A 247 -9.23 -6.44 -51.46
N GLN A 248 -9.62 -5.92 -50.30
CA GLN A 248 -9.33 -4.56 -49.90
C GLN A 248 -8.29 -4.46 -48.81
N GLY A 249 -7.93 -5.57 -48.18
CA GLY A 249 -6.91 -5.57 -47.17
C GLY A 249 -7.44 -5.33 -45.78
N GLY A 250 -6.50 -5.32 -44.84
CA GLY A 250 -6.84 -5.11 -43.45
C GLY A 250 -5.61 -5.11 -42.59
N ILE A 251 -5.84 -4.97 -41.29
CA ILE A 251 -4.79 -4.97 -40.29
C ILE A 251 -5.12 -6.03 -39.26
N MET A 252 -4.19 -6.97 -39.09
CA MET A 252 -4.35 -8.03 -38.10
C MET A 252 -3.23 -7.92 -37.09
N GLY A 253 -3.58 -8.11 -35.82
CA GLY A 253 -2.64 -8.11 -34.72
C GLY A 253 -2.38 -9.52 -34.24
N ILE A 254 -1.10 -9.86 -34.16
CA ILE A 254 -0.64 -11.07 -33.50
C ILE A 254 -0.14 -10.61 -32.13
N GLU A 255 -0.95 -10.87 -31.12
CA GLU A 255 -0.61 -10.50 -29.76
C GLU A 255 0.23 -11.60 -29.13
N ILE A 256 1.36 -11.23 -28.56
CA ILE A 256 2.22 -12.13 -27.82
C ILE A 256 2.25 -11.63 -26.38
N TYR A 257 1.61 -12.38 -25.50
CA TYR A 257 1.53 -12.04 -24.09
C TYR A 257 2.56 -12.86 -23.32
N TRP A 258 3.40 -12.18 -22.56
CA TRP A 258 4.40 -12.81 -21.71
C TRP A 258 4.01 -12.56 -20.26
N ASP A 259 3.27 -13.49 -19.69
CA ASP A 259 3.03 -13.55 -18.25
C ASP A 259 4.15 -14.39 -17.66
N CYS A 260 5.17 -13.72 -17.15
CA CYS A 260 6.42 -14.37 -16.78
C CYS A 260 6.64 -14.26 -15.27
N ASN A 261 6.92 -15.40 -14.65
CA ASN A 261 7.32 -15.48 -13.25
C ASN A 261 8.80 -15.83 -13.21
N LEU A 262 9.60 -14.93 -12.67
CA LEU A 262 11.04 -15.07 -12.69
C LEU A 262 11.61 -15.62 -11.39
N ASP A 263 10.75 -16.05 -10.46
CA ASP A 263 11.24 -16.73 -9.27
C ASP A 263 11.70 -18.14 -9.63
N SER A 264 12.82 -18.54 -9.04
CA SER A 264 13.40 -19.85 -9.35
C SER A 264 12.42 -20.97 -9.03
N TRP A 265 11.69 -20.86 -7.92
CA TRP A 265 10.81 -21.92 -7.49
C TRP A 265 9.50 -21.96 -8.26
N SER A 266 9.18 -20.90 -9.01
CA SER A 266 7.93 -20.83 -9.77
C SER A 266 8.21 -20.29 -11.16
N HIS A 267 9.34 -20.68 -11.75
CA HIS A 267 9.78 -20.08 -13.00
C HIS A 267 8.87 -20.51 -14.13
N ARG A 268 8.28 -19.54 -14.81
CA ARG A 268 7.40 -19.80 -15.94
C ARG A 268 7.37 -18.53 -16.78
N CYS A 269 8.12 -18.53 -17.88
CA CYS A 269 8.15 -17.40 -18.82
C CYS A 269 7.96 -17.97 -20.21
N GLN A 270 6.71 -18.07 -20.62
CA GLN A 270 6.30 -18.60 -21.91
C GLN A 270 5.38 -17.62 -22.61
N PRO A 271 5.44 -17.56 -23.94
CA PRO A 271 4.52 -16.69 -24.67
C PRO A 271 3.17 -17.34 -24.95
N LYS A 272 2.13 -16.53 -24.87
CA LYS A 272 0.79 -16.89 -25.28
C LYS A 272 0.43 -16.09 -26.51
N TYR A 273 0.07 -16.78 -27.58
CA TYR A 273 -0.26 -16.15 -28.85
C TYR A 273 -1.76 -16.01 -29.03
N SER A 274 -2.17 -14.86 -29.54
CA SER A 274 -3.58 -14.60 -29.84
C SER A 274 -3.66 -13.69 -31.04
N PHE A 275 -4.85 -13.57 -31.60
CA PHE A 275 -5.06 -12.83 -32.83
C PHE A 275 -6.26 -11.91 -32.69
N ARG A 276 -6.15 -10.73 -33.28
CA ARG A 276 -7.20 -9.73 -33.20
C ARG A 276 -7.18 -8.84 -34.43
N ARG A 277 -8.29 -8.78 -35.14
CA ARG A 277 -8.40 -7.81 -36.23
C ARG A 277 -8.35 -6.39 -35.66
N LEU A 278 -7.51 -5.56 -36.27
CA LEU A 278 -7.29 -4.21 -35.77
C LEU A 278 -7.95 -3.13 -36.62
N ASP A 279 -8.36 -3.45 -37.84
CA ASP A 279 -9.05 -2.53 -38.71
C ASP A 279 -10.56 -2.76 -38.61
N ASP A 280 -11.31 -1.68 -38.50
CA ASP A 280 -12.75 -1.78 -38.39
C ASP A 280 -13.34 -2.40 -39.66
N LYS A 281 -14.18 -3.42 -39.45
CA LYS A 281 -14.84 -4.08 -40.57
C LYS A 281 -15.75 -3.13 -41.33
N TYR A 282 -16.47 -2.26 -40.62
CA TYR A 282 -17.52 -1.43 -41.19
C TYR A 282 -17.09 0.03 -41.32
N THR A 283 -15.81 0.25 -41.57
CA THR A 283 -15.33 1.59 -41.87
C THR A 283 -16.07 2.16 -43.07
N ASN A 284 -16.48 3.42 -42.97
CA ASN A 284 -17.21 4.07 -44.05
C ASN A 284 -16.33 4.19 -45.29
N GLU A 285 -16.95 4.05 -46.46
CA GLU A 285 -16.22 4.10 -47.72
C GLU A 285 -15.42 5.39 -47.83
N SER A 286 -15.90 6.47 -47.24
CA SER A 286 -15.17 7.73 -47.26
C SER A 286 -13.93 7.69 -46.37
N LEU A 287 -13.86 6.76 -45.43
CA LEU A 287 -12.76 6.68 -44.48
C LEU A 287 -11.71 5.65 -44.86
N PHE A 288 -11.63 5.30 -46.14
CA PHE A 288 -10.58 4.42 -46.65
C PHE A 288 -10.61 3.08 -45.97
N PRO A 289 -11.61 2.25 -46.25
CA PRO A 289 -11.69 0.92 -45.64
C PRO A 289 -10.54 0.04 -46.06
N GLY A 290 -10.19 -0.89 -45.19
CA GLY A 290 -9.15 -1.84 -45.48
C GLY A 290 -7.77 -1.30 -45.21
N TYR A 291 -6.82 -1.78 -46.01
CA TYR A 291 -5.43 -1.37 -45.94
C TYR A 291 -4.83 -1.47 -47.33
N ASN A 292 -4.28 -0.37 -47.79
CA ASN A 292 -3.56 -0.33 -49.05
C ASN A 292 -2.58 0.82 -48.99
N PHE A 293 -1.58 0.74 -49.85
CA PHE A 293 -0.71 1.88 -50.07
C PHE A 293 -0.32 1.93 -51.54
N ARG A 294 0.05 3.09 -52.00
CA ARG A 294 0.45 3.31 -53.38
C ARG A 294 1.97 3.35 -53.45
N TYR A 295 2.54 2.51 -54.32
CA TYR A 295 3.98 2.42 -54.50
C TYR A 295 4.31 2.82 -55.94
N ALA A 296 5.29 3.71 -56.10
CA ALA A 296 5.68 4.22 -57.39
C ALA A 296 7.05 3.68 -57.78
N LYS A 297 7.15 3.13 -58.98
CA LYS A 297 8.41 2.68 -59.55
C LYS A 297 8.75 3.63 -60.71
N TYR A 298 9.73 4.48 -60.50
CA TYR A 298 10.11 5.48 -61.49
C TYR A 298 11.17 4.93 -62.43
N TYR A 299 11.08 5.32 -63.71
CA TYR A 299 12.03 4.89 -64.72
C TYR A 299 11.99 5.88 -65.88
N LYS A 300 12.85 5.65 -66.87
CA LYS A 300 12.92 6.48 -68.05
C LYS A 300 12.65 5.62 -69.28
N GLU A 301 11.70 6.06 -70.11
CA GLU A 301 11.39 5.40 -71.37
C GLU A 301 11.49 6.43 -72.48
N ASN A 302 12.34 6.15 -73.47
CA ASN A 302 12.66 7.10 -74.53
C ASN A 302 13.26 8.32 -73.85
N GLY A 303 12.72 9.53 -74.03
CA GLY A 303 13.20 10.70 -73.32
C GLY A 303 12.19 11.17 -72.29
N MET A 304 11.34 10.26 -71.82
CA MET A 304 10.23 10.59 -70.93
C MET A 304 10.43 9.91 -69.59
N GLU A 305 10.26 10.68 -68.51
CA GLU A 305 10.33 10.14 -67.16
C GLU A 305 8.95 9.61 -66.78
N LYS A 306 8.82 8.30 -66.57
CA LYS A 306 7.51 7.66 -66.29
C LYS A 306 7.48 7.01 -64.90
N ARG A 307 6.37 6.39 -64.49
CA ARG A 307 6.29 5.65 -63.21
C ARG A 307 5.19 4.59 -63.30
N THR A 308 5.37 3.42 -62.69
CA THR A 308 4.32 2.38 -62.62
C THR A 308 3.72 2.45 -61.22
N LEU A 309 2.46 2.86 -61.09
CA LEU A 309 1.82 3.01 -59.79
C LEU A 309 1.12 1.71 -59.44
N ILE A 310 1.49 1.13 -58.31
CA ILE A 310 0.86 -0.07 -57.80
C ILE A 310 0.11 0.33 -56.54
N LYS A 311 -1.21 0.26 -56.60
CA LYS A 311 -2.03 0.35 -55.41
C LYS A 311 -2.09 -1.06 -54.84
N ALA A 312 -1.28 -1.31 -53.82
CA ALA A 312 -1.15 -2.61 -53.20
C ALA A 312 -2.08 -2.69 -51.99
N PHE A 313 -3.07 -3.56 -52.09
CA PHE A 313 -3.92 -3.93 -50.96
C PHE A 313 -3.37 -5.18 -50.33
N GLY A 314 -3.42 -5.23 -49.00
CA GLY A 314 -2.98 -6.41 -48.32
C GLY A 314 -3.22 -6.28 -46.84
N VAL A 315 -2.68 -7.25 -46.12
CA VAL A 315 -2.85 -7.34 -44.68
C VAL A 315 -1.56 -6.88 -44.04
N ARG A 316 -1.64 -5.83 -43.24
CA ARG A 316 -0.57 -5.44 -42.35
C ARG A 316 -0.73 -6.23 -41.06
N PHE A 317 0.29 -6.99 -40.73
CA PHE A 317 0.30 -7.80 -39.51
C PHE A 317 1.08 -7.05 -38.46
N ASP A 318 0.40 -6.57 -37.43
CA ASP A 318 1.04 -5.88 -36.32
C ASP A 318 1.32 -6.89 -35.23
N ILE A 319 2.60 -7.08 -34.91
CA ILE A 319 2.98 -8.01 -33.85
C ILE A 319 3.02 -7.20 -32.55
N LEU A 320 2.10 -7.51 -31.64
CA LEU A 320 1.94 -6.78 -30.40
C LEU A 320 2.43 -7.64 -29.25
N VAL A 321 3.52 -7.20 -28.62
CA VAL A 321 4.18 -7.95 -27.57
C VAL A 321 4.07 -7.16 -26.28
N PHE A 322 3.50 -7.79 -25.27
CA PHE A 322 3.25 -7.13 -24.01
C PHE A 322 3.32 -8.16 -22.89
N GLY A 323 3.56 -7.68 -21.69
CA GLY A 323 3.60 -8.54 -20.53
C GLY A 323 4.49 -7.97 -19.45
N THR A 324 4.49 -8.65 -18.32
CA THR A 324 5.24 -8.24 -17.16
C THR A 324 6.01 -9.43 -16.61
N GLY A 325 7.17 -9.14 -16.03
CA GLY A 325 7.96 -10.12 -15.34
C GLY A 325 7.96 -9.82 -13.86
N GLY A 326 7.56 -10.81 -13.07
CA GLY A 326 7.46 -10.66 -11.64
C GLY A 326 8.59 -11.39 -10.94
N LYS A 327 9.24 -10.68 -10.02
CA LYS A 327 10.29 -11.26 -9.20
C LYS A 327 10.07 -10.85 -7.75
N PHE A 328 10.27 -11.79 -6.84
CA PHE A 328 10.10 -11.52 -5.42
C PHE A 328 10.88 -10.27 -5.01
N ASP A 329 10.18 -9.36 -4.33
CA ASP A 329 10.78 -8.17 -3.74
C ASP A 329 10.35 -8.08 -2.29
N ILE A 330 11.33 -7.99 -1.39
CA ILE A 330 11.02 -7.97 0.04
C ILE A 330 10.26 -6.71 0.41
N ILE A 331 10.60 -5.58 -0.21
CA ILE A 331 9.93 -4.32 0.12
C ILE A 331 8.46 -4.37 -0.28
N GLN A 332 8.15 -4.94 -1.45
CA GLN A 332 6.76 -5.06 -1.86
C GLN A 332 5.98 -5.93 -0.88
N LEU A 333 6.56 -7.05 -0.47
CA LEU A 333 5.91 -7.92 0.50
C LEU A 333 5.69 -7.20 1.82
N VAL A 334 6.71 -6.46 2.29
CA VAL A 334 6.61 -5.75 3.55
C VAL A 334 5.53 -4.69 3.50
N VAL A 335 5.46 -3.94 2.39
CA VAL A 335 4.43 -2.93 2.22
C VAL A 335 3.05 -3.55 2.20
N TYR A 336 2.90 -4.69 1.51
CA TYR A 336 1.60 -5.35 1.48
C TYR A 336 1.19 -5.85 2.87
N ILE A 337 2.12 -6.47 3.59
CA ILE A 337 1.81 -6.97 4.93
C ILE A 337 1.44 -5.82 5.85
N GLY A 338 2.16 -4.71 5.76
CA GLY A 338 1.82 -3.54 6.54
C GLY A 338 0.45 -2.99 6.18
N SER A 339 0.12 -2.99 4.88
CA SER A 339 -1.18 -2.51 4.45
C SER A 339 -2.30 -3.38 4.99
N THR A 340 -2.05 -4.67 5.13
CA THR A 340 -3.10 -5.60 5.56
C THR A 340 -3.11 -5.87 7.06
N LEU A 341 -2.09 -5.41 7.79
CA LEU A 341 -2.02 -5.71 9.22
C LEU A 341 -3.22 -5.17 9.98
N SER A 342 -3.67 -3.96 9.64
CA SER A 342 -4.78 -3.36 10.37
C SER A 342 -6.08 -4.13 10.22
N TYR A 343 -6.19 -5.01 9.23
CA TYR A 343 -7.40 -5.81 9.08
C TYR A 343 -7.53 -6.88 10.15
N PHE A 344 -6.46 -7.16 10.88
CA PHE A 344 -6.50 -8.15 11.95
C PHE A 344 -7.12 -7.61 13.22
N GLY A 345 -7.43 -6.32 13.28
CA GLY A 345 -8.25 -5.74 14.32
C GLY A 345 -9.73 -5.88 14.12
N LEU A 346 -10.14 -6.56 13.04
CA LEU A 346 -11.56 -6.74 12.76
C LEU A 346 -12.26 -7.49 13.87
N ALA A 347 -11.65 -8.56 14.38
CA ALA A 347 -12.27 -9.35 15.43
C ALA A 347 -12.50 -8.51 16.68
N THR A 348 -11.49 -7.74 17.07
CA THR A 348 -11.62 -6.89 18.24
C THR A 348 -12.70 -5.83 18.03
N VAL A 349 -12.72 -5.20 16.85
CA VAL A 349 -13.71 -4.17 16.59
C VAL A 349 -15.12 -4.75 16.65
N CYS A 350 -15.32 -5.92 16.04
CA CYS A 350 -16.64 -6.52 15.99
C CYS A 350 -17.10 -6.97 17.37
N ILE A 351 -16.22 -7.62 18.14
CA ILE A 351 -16.62 -8.10 19.46
C ILE A 351 -16.86 -6.93 20.40
N ASP A 352 -16.05 -5.88 20.30
CA ASP A 352 -16.28 -4.69 21.12
C ASP A 352 -17.59 -4.03 20.77
N LEU A 353 -17.94 -3.98 19.48
CA LEU A 353 -19.22 -3.43 19.08
C LEU A 353 -20.36 -4.27 19.64
N ILE A 354 -20.22 -5.60 19.61
CA ILE A 354 -21.24 -6.47 20.18
C ILE A 354 -21.41 -6.19 21.66
N ILE A 355 -20.29 -6.09 22.38
CA ILE A 355 -20.36 -5.83 23.82
C ILE A 355 -21.01 -4.50 24.10
N ASN A 356 -20.65 -3.46 23.35
CA ASN A 356 -21.24 -2.14 23.55
C ASN A 356 -22.75 -2.17 23.28
N THR A 357 -23.17 -2.79 22.19
CA THR A 357 -24.58 -2.78 21.84
C THR A 357 -25.41 -3.58 22.83
N TYR A 358 -24.95 -4.78 23.19
CA TYR A 358 -25.70 -5.62 24.11
C TYR A 358 -25.54 -5.21 25.57
N ALA A 359 -24.84 -4.11 25.84
CA ALA A 359 -24.69 -3.61 27.20
C ALA A 359 -25.74 -2.57 27.51
N SER A 360 -26.30 -1.98 26.45
CA SER A 360 -27.34 -0.97 26.59
C SER A 360 -28.57 -1.56 27.41
N THR A 361 -29.23 -0.73 28.20
CA THR A 361 -30.34 -1.16 29.03
C THR A 361 -31.59 -1.39 28.19
N CYS A 362 -31.67 -0.64 27.09
CA CYS A 362 -32.78 -0.73 26.18
C CYS A 362 -33.11 -2.13 25.69
N CYS A 363 -32.04 -2.89 25.45
CA CYS A 363 -32.15 -4.24 24.98
C CYS A 363 -33.01 -5.12 25.87
N ARG A 364 -32.91 -4.88 27.16
CA ARG A 364 -33.69 -5.62 28.14
C ARG A 364 -35.12 -5.11 28.18
N SER A 365 -35.28 -3.80 27.97
CA SER A 365 -36.61 -3.20 28.05
C SER A 365 -37.49 -3.59 26.87
N ARG A 366 -36.93 -3.54 25.66
CA ARG A 366 -37.70 -3.77 24.44
C ARG A 366 -37.27 -5.00 23.67
N VAL A 367 -35.97 -5.14 23.38
CA VAL A 367 -35.53 -6.18 22.46
C VAL A 367 -35.73 -7.56 23.07
N TYR A 368 -35.28 -7.76 24.30
CA TYR A 368 -35.32 -9.09 24.90
C TYR A 368 -36.74 -9.62 25.05
N PRO A 369 -37.70 -8.86 25.57
CA PRO A 369 -39.07 -9.39 25.64
C PRO A 369 -39.61 -9.81 24.28
N SER A 370 -39.31 -9.04 23.23
CA SER A 370 -39.76 -9.39 21.90
C SER A 370 -39.05 -10.63 21.38
N CYS A 371 -37.73 -10.70 21.58
CA CYS A 371 -36.90 -11.81 21.11
C CYS A 371 -36.19 -12.41 22.32
N LYS A 372 -36.85 -13.36 22.98
CA LYS A 372 -36.26 -14.02 24.14
C LYS A 372 -35.03 -14.85 23.79
N CYS A 373 -34.80 -15.12 22.50
CA CYS A 373 -33.65 -15.90 22.09
C CYS A 373 -32.35 -15.20 22.42
N CYS A 374 -32.37 -13.87 22.36
CA CYS A 374 -31.20 -13.06 22.62
C CYS A 374 -31.08 -12.56 24.05
N GLU A 375 -31.54 -13.41 24.98
CA GLU A 375 -31.49 -13.11 26.40
C GLU A 375 -30.13 -13.41 27.02
N PRO A 376 -29.49 -14.53 26.61
CA PRO A 376 -28.17 -14.86 27.16
C PRO A 376 -27.09 -13.85 26.81
N CYS A 377 -27.39 -12.91 25.91
CA CYS A 377 -26.47 -11.86 25.55
C CYS A 377 -26.43 -10.69 26.52
N ALA A 378 -27.12 -10.86 27.64
CA ALA A 378 -27.16 -9.85 28.69
C ALA A 378 -25.86 -9.83 29.48
N VAL A 379 -25.08 -10.89 29.34
CA VAL A 379 -23.77 -10.94 29.99
C VAL A 379 -22.84 -9.86 29.47
N ASN A 380 -23.22 -9.19 28.37
CA ASN A 380 -22.40 -8.12 27.83
C ASN A 380 -22.40 -6.89 28.74
N GLU A 381 -23.43 -6.73 29.56
CA GLU A 381 -23.44 -5.65 30.54
C GLU A 381 -22.29 -5.80 31.54
N TYR A 382 -22.07 -7.03 32.01
CA TYR A 382 -20.95 -7.30 32.90
C TYR A 382 -19.62 -7.03 32.21
N TYR A 383 -19.48 -7.48 30.95
CA TYR A 383 -18.26 -7.23 30.21
C TYR A 383 -18.01 -5.74 30.05
N TYR A 384 -19.05 -4.98 29.73
CA TYR A 384 -18.89 -3.54 29.54
C TYR A 384 -18.52 -2.85 30.85
N ARG A 385 -19.14 -3.24 31.96
CA ARG A 385 -18.79 -2.63 33.24
C ARG A 385 -17.41 -3.08 33.72
N LYS A 386 -16.90 -4.19 33.21
CA LYS A 386 -15.54 -4.61 33.50
C LYS A 386 -14.52 -4.05 32.51
N LYS A 387 -14.97 -3.48 31.40
CA LYS A 387 -14.10 -2.95 30.37
C LYS A 387 -14.01 -1.43 30.39
N CYS A 388 -15.11 -0.75 30.69
CA CYS A 388 -15.20 0.70 30.58
C CYS A 388 -15.42 1.33 31.94
N GLU A 389 -14.68 2.40 32.21
CA GLU A 389 -14.81 3.22 33.41
C GLU A 389 -15.19 4.63 32.99
N PRO A 390 -16.48 4.97 33.01
CA PRO A 390 -16.87 6.33 32.65
C PRO A 390 -16.35 7.35 33.65
N ILE A 391 -15.92 8.49 33.13
CA ILE A 391 -15.56 9.63 33.96
C ILE A 391 -16.01 10.88 33.22
N VAL A 392 -16.41 11.89 33.99
CA VAL A 392 -16.86 13.15 33.44
C VAL A 392 -15.78 14.19 33.65
N GLU A 393 -15.82 15.22 32.81
CA GLU A 393 -14.86 16.30 32.91
C GLU A 393 -15.09 17.07 34.21
N PRO A 394 -14.07 17.25 35.05
CA PRO A 394 -14.24 18.03 36.27
C PRO A 394 -14.17 19.53 35.99
N LYS A 395 -15.30 20.20 36.19
CA LYS A 395 -15.40 21.63 35.98
C LYS A 395 -16.11 22.26 37.17
N PRO A 396 -15.95 23.58 37.36
CA PRO A 396 -16.55 24.22 38.54
C PRO A 396 -18.05 24.03 38.64
N THR A 397 -18.74 23.93 37.51
CA THR A 397 -20.18 23.72 37.50
C THR A 397 -20.57 22.31 37.92
N LEU A 398 -19.61 21.39 38.00
CA LEU A 398 -19.92 19.98 38.28
C LEU A 398 -20.25 19.82 39.75
N LYS A 399 -21.44 19.30 40.04
CA LYS A 399 -21.88 19.04 41.40
C LYS A 399 -22.64 17.73 41.41
N TYR A 400 -22.59 17.04 42.54
CA TYR A 400 -23.35 15.83 42.75
C TYR A 400 -24.17 15.97 44.02
N VAL A 401 -25.42 15.55 43.97
CA VAL A 401 -26.32 15.60 45.11
C VAL A 401 -26.98 14.23 45.26
N SER A 402 -27.37 13.91 46.48
CA SER A 402 -28.02 12.64 46.77
C SER A 402 -29.17 12.87 47.73
N PHE A 403 -30.32 12.27 47.42
CA PHE A 403 -31.50 12.37 48.25
C PHE A 403 -31.80 11.01 48.87
N VAL A 404 -31.94 11.00 50.19
CA VAL A 404 -32.13 9.75 50.92
C VAL A 404 -33.40 9.05 50.46
N ASP A 405 -34.44 9.83 50.16
CA ASP A 405 -35.68 9.24 49.64
C ASP A 405 -35.45 8.55 48.31
N GLU A 406 -34.65 9.16 47.43
CA GLU A 406 -34.35 8.57 46.14
C GLU A 406 -33.25 7.51 46.27
N PRO A 407 -33.18 6.57 45.32
CA PRO A 407 -32.13 5.55 45.38
C PRO A 407 -30.88 5.87 44.57
N HIS A 408 -30.91 6.93 43.75
CA HIS A 408 -29.82 7.25 42.85
C HIS A 408 -29.24 8.62 43.22
N ILE A 409 -28.20 9.01 42.47
CA ILE A 409 -27.51 10.28 42.66
C ILE A 409 -27.84 11.17 41.47
N TRP A 410 -27.71 12.48 41.66
CA TRP A 410 -28.02 13.44 40.62
C TRP A 410 -26.80 14.32 40.34
N MET A 411 -26.45 14.43 39.07
CA MET A 411 -25.31 15.22 38.62
C MET A 411 -25.82 16.50 37.98
N VAL A 412 -25.29 17.64 38.43
CA VAL A 412 -25.67 18.95 37.94
C VAL A 412 -24.44 19.59 37.31
N ASP A 413 -24.50 19.86 36.01
CA ASP A 413 -23.41 20.47 35.27
C ASP A 413 -23.73 21.91 34.86
N GLN A 414 -24.85 22.46 35.31
CA GLN A 414 -25.31 23.77 34.88
C GLN A 414 -25.09 24.79 36.00
N GLN A 415 -24.73 26.00 35.61
CA GLN A 415 -24.52 27.06 36.59
C GLN A 415 -25.82 27.37 37.32
N LEU A 416 -25.71 27.71 38.60
CA LEU A 416 -26.85 28.10 39.42
C LEU A 416 -27.02 29.61 39.30
N LEU A 417 -27.97 30.03 38.46
CA LEU A 417 -28.22 31.44 38.22
C LEU A 417 -29.27 31.96 39.21
N GLY A 418 -28.97 31.78 40.49
CA GLY A 418 -29.85 32.19 41.55
C GLY A 418 -30.89 31.17 41.97
N LYS A 419 -31.11 30.15 41.16
CA LYS A 419 -32.06 29.10 41.51
C LYS A 419 -31.43 28.12 42.48
N SER A 420 -32.20 27.73 43.50
CA SER A 420 -31.68 26.83 44.52
C SER A 420 -31.30 25.50 43.89
N LEU A 421 -30.19 24.93 44.38
CA LEU A 421 -29.72 23.66 43.84
C LEU A 421 -30.77 22.57 44.00
N GLN A 422 -31.59 22.65 45.04
CA GLN A 422 -32.65 21.66 45.24
C GLN A 422 -33.59 21.60 44.04
N ASP A 423 -33.75 22.71 43.31
CA ASP A 423 -34.69 22.78 42.20
C ASP A 423 -34.02 22.73 40.83
N VAL A 424 -32.69 22.72 40.77
CA VAL A 424 -32.00 22.91 39.50
C VAL A 424 -32.00 21.63 38.68
N LYS A 425 -32.12 20.47 39.34
CA LYS A 425 -32.54 19.25 38.66
C LYS A 425 -31.65 18.79 37.51
N GLY A 426 -30.43 18.34 37.82
CA GLY A 426 -29.59 17.77 36.79
C GLY A 426 -29.99 16.35 36.46
N GLN A 427 -29.11 15.67 35.73
CA GLN A 427 -29.34 14.30 35.28
C GLN A 427 -29.17 13.31 36.42
N GLU A 428 -29.48 12.06 36.14
CA GLU A 428 -29.41 10.99 37.12
C GLU A 428 -28.25 10.05 36.82
N VAL A 429 -27.48 9.73 37.85
CA VAL A 429 -26.37 8.79 37.77
C VAL A 429 -26.57 7.74 38.86
N PRO A 430 -26.19 6.48 38.63
CA PRO A 430 -26.38 5.47 39.67
C PRO A 430 -25.33 5.59 40.76
N ARG A 431 -25.72 5.22 41.98
CA ARG A 431 -24.77 5.17 43.07
C ARG A 431 -23.91 3.91 42.95
N PRO A 432 -22.58 4.02 43.01
CA PRO A 432 -21.74 2.84 42.84
C PRO A 432 -21.98 1.83 43.96
N GLN A 433 -21.72 0.57 43.63
CA GLN A 433 -21.82 -0.49 44.63
C GLN A 433 -20.65 -0.37 45.61
N THR A 434 -20.96 -0.36 46.90
CA THR A 434 -19.93 -0.24 47.91
C THR A 434 -19.10 -1.53 47.98
N ASP A 435 -17.84 -1.37 48.38
CA ASP A 435 -16.96 -2.53 48.54
C ASP A 435 -17.43 -3.34 49.74
N PHE A 436 -18.13 -4.46 49.47
CA PHE A 436 -18.63 -5.29 50.56
C PHE A 436 -17.49 -5.85 51.39
N LEU A 437 -16.33 -6.09 50.75
CA LEU A 437 -15.17 -6.56 51.48
C LEU A 437 -14.74 -5.56 52.55
N GLU A 438 -14.82 -4.27 52.24
CA GLU A 438 -14.49 -3.24 53.23
C GLU A 438 -15.61 -3.10 54.25
N LEU A 439 -16.84 -3.44 53.87
CA LEU A 439 -17.99 -3.33 54.75
C LEU A 439 -18.26 -4.61 55.53
N SER A 440 -17.26 -5.47 55.69
CA SER A 440 -17.43 -6.68 56.49
C SER A 440 -17.14 -6.46 57.96
N ARG A 441 -16.84 -5.22 58.36
CA ARG A 441 -16.55 -4.91 59.75
C ARG A 441 -17.87 -4.64 60.49
N LEU A 442 -17.77 -4.12 61.71
CA LEU A 442 -18.96 -3.82 62.51
C LEU A 442 -19.87 -2.85 61.78
N ASP A 472 -40.04 28.24 61.12
CA ASP A 472 -39.75 28.95 59.87
C ASP A 472 -38.67 28.23 59.09
N SER A 473 -38.91 26.97 58.76
CA SER A 473 -37.95 26.21 57.99
C SER A 473 -37.87 26.74 56.57
N PRO A 474 -36.73 26.54 55.90
CA PRO A 474 -36.61 27.02 54.52
C PRO A 474 -37.65 26.39 53.60
N ASP A 475 -38.06 27.16 52.60
CA ASP A 475 -39.08 26.67 51.68
C ASP A 475 -38.61 25.45 50.92
N TRP A 476 -37.36 25.48 50.45
CA TRP A 476 -36.82 24.35 49.70
C TRP A 476 -36.52 23.14 50.59
N CYS A 477 -36.50 23.32 51.91
CA CYS A 477 -36.24 22.22 52.81
C CYS A 477 -37.46 21.29 52.91
N GLN A 478 -37.20 20.05 53.28
CA GLN A 478 -38.26 19.06 53.43
C GLN A 478 -38.01 18.18 54.66
N CYS A 479 -37.19 18.62 55.60
CA CYS A 479 -36.88 17.81 56.77
C CYS A 479 -36.88 18.57 58.08
N GLY A 480 -36.99 19.90 58.08
CA GLY A 480 -37.08 20.66 59.30
C GLY A 480 -35.77 20.93 60.00
N ASN A 481 -34.64 20.64 59.36
CA ASN A 481 -33.33 20.85 59.95
C ASN A 481 -32.43 21.74 59.12
N CYS A 482 -32.76 21.98 57.86
CA CYS A 482 -31.94 22.82 57.01
C CYS A 482 -32.03 24.28 57.45
N LEU A 483 -30.90 24.97 57.43
CA LEU A 483 -30.82 26.36 57.81
C LEU A 483 -30.41 27.21 56.61
N PRO A 484 -30.78 28.49 56.60
CA PRO A 484 -30.34 29.36 55.51
C PRO A 484 -28.83 29.44 55.44
N SER A 485 -28.31 29.54 54.22
CA SER A 485 -26.86 29.60 54.03
C SER A 485 -26.33 30.97 54.43
N GLN A 486 -25.14 30.97 55.01
CA GLN A 486 -24.44 32.20 55.39
C GLN A 486 -23.50 32.69 54.30
N LEU A 487 -23.46 32.03 53.15
CA LEU A 487 -22.60 32.44 52.07
C LEU A 487 -23.14 33.70 51.40
N PRO A 488 -22.31 34.39 50.61
CA PRO A 488 -22.81 35.55 49.87
C PRO A 488 -23.98 35.18 48.97
N GLU A 489 -24.93 36.11 48.85
CA GLU A 489 -26.14 35.84 48.10
C GLU A 489 -25.86 35.32 46.70
N ASN A 490 -24.88 35.92 46.02
CA ASN A 490 -24.61 35.54 44.63
C ASN A 490 -24.35 34.06 44.49
N ARG A 491 -23.79 33.41 45.51
CA ARG A 491 -23.52 31.99 45.49
C ARG A 491 -24.22 31.27 46.65
N ARG A 492 -25.35 31.80 47.10
CA ARG A 492 -26.06 31.17 48.19
C ARG A 492 -26.83 29.94 47.74
N ALA A 493 -27.21 29.87 46.47
CA ALA A 493 -27.99 28.75 45.97
C ALA A 493 -27.20 27.45 45.98
N LEU A 494 -25.87 27.52 46.07
CA LEU A 494 -25.06 26.31 46.10
C LEU A 494 -25.40 25.46 47.32
N GLU A 495 -25.55 26.09 48.48
CA GLU A 495 -25.81 25.39 49.72
C GLU A 495 -27.29 25.20 50.00
N GLU A 496 -28.17 25.68 49.11
CA GLU A 496 -29.61 25.58 49.32
C GLU A 496 -30.09 24.20 48.84
N LEU A 497 -29.71 23.20 49.62
CA LEU A 497 -30.00 21.81 49.29
C LEU A 497 -30.49 21.07 50.53
N CYS A 498 -31.53 20.28 50.34
CA CYS A 498 -32.11 19.46 51.40
C CYS A 498 -31.67 18.00 51.23
N CYS A 499 -31.64 17.28 52.34
CA CYS A 499 -31.28 15.87 52.32
C CYS A 499 -32.28 15.02 51.56
N ARG A 500 -33.47 15.52 51.27
CA ARG A 500 -34.48 14.73 50.58
C ARG A 500 -35.33 15.65 49.72
N ARG A 501 -35.90 15.08 48.66
CA ARG A 501 -36.76 15.84 47.76
C ARG A 501 -38.15 16.06 48.36
N LYS A 502 -38.67 15.09 49.10
CA LYS A 502 -40.02 15.12 49.64
C LYS A 502 -39.99 15.12 51.16
N PRO A 503 -41.05 15.59 51.81
CA PRO A 503 -41.06 15.65 53.28
C PRO A 503 -40.84 14.29 53.90
N GLY A 504 -40.12 14.28 55.01
CA GLY A 504 -39.82 13.05 55.70
C GLY A 504 -38.81 13.28 56.81
N GLN A 505 -38.36 12.17 57.39
CA GLN A 505 -37.36 12.25 58.45
C GLN A 505 -36.00 12.62 57.87
N CYS A 506 -35.27 13.44 58.61
CA CYS A 506 -33.94 13.84 58.17
C CYS A 506 -32.96 12.69 58.27
N ILE A 507 -32.00 12.68 57.35
CA ILE A 507 -30.95 11.69 57.38
C ILE A 507 -30.10 11.83 58.63
N THR A 508 -30.03 13.05 59.19
CA THR A 508 -29.25 13.27 60.40
C THR A 508 -29.76 12.43 61.56
N THR A 509 -31.05 12.11 61.57
CA THR A 509 -31.62 11.33 62.66
C THR A 509 -31.20 9.86 62.61
N SER A 510 -30.64 9.41 61.49
CA SER A 510 -30.19 8.03 61.39
C SER A 510 -29.05 7.78 62.36
N GLU A 511 -28.99 6.56 62.88
CA GLU A 511 -27.93 6.21 63.83
C GLU A 511 -26.57 6.26 63.18
N LEU A 512 -26.47 5.82 61.91
CA LEU A 512 -25.19 5.80 61.24
C LEU A 512 -24.60 7.19 61.06
N PHE A 513 -25.44 8.22 61.04
CA PHE A 513 -24.92 9.57 60.84
C PHE A 513 -24.00 9.99 61.97
N SER A 514 -24.39 9.69 63.21
CA SER A 514 -23.56 10.06 64.35
C SER A 514 -22.22 9.34 64.33
N LYS A 515 -22.23 8.04 64.01
CA LYS A 515 -21.00 7.26 64.05
C LYS A 515 -20.07 7.60 62.90
N ILE A 516 -20.62 7.69 61.68
CA ILE A 516 -19.78 7.95 60.51
C ILE A 516 -19.29 9.38 60.52
N VAL A 517 -20.16 10.33 60.84
CA VAL A 517 -19.91 11.75 60.62
C VAL A 517 -19.59 12.47 61.93
N LEU A 518 -20.46 12.35 62.92
CA LEU A 518 -20.36 13.14 64.15
C LEU A 518 -19.59 12.45 65.27
N SER A 519 -19.01 11.28 65.02
CA SER A 519 -18.19 10.61 66.02
C SER A 519 -16.80 11.25 66.02
N ARG A 520 -16.47 11.96 67.10
CA ARG A 520 -15.16 12.58 67.20
C ARG A 520 -14.05 11.54 67.23
N GLU A 521 -14.29 10.39 67.86
CA GLU A 521 -13.27 9.36 67.94
C GLU A 521 -12.88 8.85 66.56
N ALA A 522 -13.87 8.59 65.70
CA ALA A 522 -13.58 8.07 64.37
C ALA A 522 -12.82 9.09 63.54
N LEU A 523 -13.22 10.37 63.60
CA LEU A 523 -12.53 11.39 62.84
C LEU A 523 -11.11 11.57 63.35
N GLN A 524 -10.91 11.49 64.66
CA GLN A 524 -9.55 11.59 65.22
C GLN A 524 -8.70 10.41 64.75
N LEU A 525 -9.29 9.21 64.72
CA LEU A 525 -8.56 8.04 64.23
C LEU A 525 -8.17 8.21 62.77
N LEU A 526 -9.07 8.76 61.96
CA LEU A 526 -8.73 9.02 60.56
C LEU A 526 -7.62 10.05 60.45
N LEU A 527 -7.67 11.10 61.28
CA LEU A 527 -6.61 12.09 61.29
C LEU A 527 -5.27 11.46 61.62
N LEU A 528 -5.25 10.59 62.64
CA LEU A 528 -4.02 9.91 63.02
C LEU A 528 -3.53 9.01 61.90
N TYR A 529 -4.46 8.31 61.23
CA TYR A 529 -4.09 7.47 60.10
C TYR A 529 -3.41 8.29 59.03
N GLN A 530 -3.97 9.46 58.71
CA GLN A 530 -3.34 10.35 57.75
C GLN A 530 -2.09 11.01 58.32
N GLU A 531 -2.18 11.49 59.57
CA GLU A 531 -1.08 12.19 60.23
C GLU A 531 -0.89 11.58 61.61
N PRO A 532 -0.02 10.57 61.74
CA PRO A 532 0.09 9.86 63.03
C PRO A 532 0.47 10.77 64.19
N LEU A 533 1.32 11.77 63.96
CA LEU A 533 1.76 12.68 65.01
C LEU A 533 1.02 14.01 64.99
N LEU A 534 -0.24 14.00 64.58
CA LEU A 534 -1.02 15.22 64.55
C LEU A 534 -1.25 15.74 65.96
N ALA A 535 -1.10 17.05 66.13
CA ALA A 535 -1.31 17.70 67.42
C ALA A 535 -2.76 18.14 67.52
N LEU A 536 -3.51 17.55 68.47
CA LEU A 536 -4.92 17.86 68.65
C LEU A 536 -5.07 19.08 69.54
N GLU A 537 -4.65 20.23 69.00
CA GLU A 537 -4.70 21.48 69.72
C GLU A 537 -4.93 22.61 68.72
N GLY A 538 -5.39 23.75 69.24
CA GLY A 538 -5.65 24.91 68.41
C GLY A 538 -7.02 24.84 67.75
N GLU A 539 -7.29 25.86 66.95
CA GLU A 539 -8.55 25.94 66.22
C GLU A 539 -8.54 25.15 64.92
N ALA A 540 -7.38 24.64 64.50
CA ALA A 540 -7.30 23.89 63.25
C ALA A 540 -7.88 22.49 63.40
N ILE A 541 -7.89 21.93 64.61
CA ILE A 541 -8.41 20.59 64.82
C ILE A 541 -9.89 20.53 64.46
N ASN A 542 -10.65 21.57 64.85
CA ASN A 542 -12.07 21.61 64.50
C ASN A 542 -12.26 21.66 63.00
N SER A 543 -11.45 22.47 62.30
CA SER A 543 -11.56 22.56 60.85
C SER A 543 -11.24 21.21 60.20
N LYS A 544 -10.21 20.53 60.70
CA LYS A 544 -9.84 19.23 60.16
C LYS A 544 -10.95 18.21 60.38
N LEU A 545 -11.53 18.20 61.57
CA LEU A 545 -12.64 17.29 61.84
C LEU A 545 -13.82 17.60 60.94
N ARG A 546 -14.10 18.88 60.69
CA ARG A 546 -15.18 19.24 59.78
C ARG A 546 -14.91 18.72 58.38
N HIS A 547 -13.69 18.91 57.90
CA HIS A 547 -13.34 18.42 56.57
C HIS A 547 -13.49 16.92 56.47
N CYS A 548 -13.04 16.20 57.50
CA CYS A 548 -13.13 14.74 57.48
C CYS A 548 -14.57 14.28 57.59
N ALA A 549 -15.41 15.00 58.35
CA ALA A 549 -16.83 14.67 58.41
C ALA A 549 -17.50 14.88 57.07
N TYR A 550 -17.18 15.98 56.39
CA TYR A 550 -17.70 16.19 55.04
C TYR A 550 -17.28 15.06 54.12
N ARG A 551 -16.00 14.69 54.16
CA ARG A 551 -15.51 13.60 53.32
C ARG A 551 -16.22 12.30 53.65
N SER A 552 -16.47 12.04 54.93
CA SER A 552 -17.10 10.79 55.33
C SER A 552 -18.54 10.72 54.84
N TYR A 553 -19.30 11.81 55.00
CA TYR A 553 -20.65 11.84 54.47
C TYR A 553 -20.65 11.67 52.95
N ALA A 554 -19.75 12.38 52.27
CA ALA A 554 -19.69 12.30 50.82
C ALA A 554 -19.34 10.90 50.36
N THR A 555 -18.42 10.22 51.06
CA THR A 555 -18.08 8.86 50.69
C THR A 555 -19.22 7.90 50.97
N TRP A 556 -19.91 8.13 52.03
CA TRP A 556 -21.02 7.26 52.42
C TRP A 556 -22.19 7.38 51.45
N ARG A 557 -22.53 8.60 51.05
CA ARG A 557 -23.70 8.83 50.20
C ARG A 557 -23.38 8.85 48.72
N PHE A 558 -22.11 8.72 48.34
CA PHE A 558 -21.73 8.69 46.92
C PHE A 558 -20.73 7.59 46.59
N VAL A 559 -20.08 6.99 47.59
CA VAL A 559 -19.17 5.86 47.37
C VAL A 559 -17.97 6.30 46.54
N SER A 560 -18.20 6.58 45.27
CA SER A 560 -17.10 6.93 44.37
C SER A 560 -16.40 8.19 44.85
N GLN A 561 -15.06 8.14 44.88
CA GLN A 561 -14.29 9.31 45.25
C GLN A 561 -14.45 10.43 44.23
N ASP A 562 -14.57 10.06 42.91
CA ASP A 562 -14.75 11.05 41.85
C ASP A 562 -16.04 11.83 42.03
N MET A 563 -17.12 11.15 42.42
CA MET A 563 -18.38 11.82 42.70
C MET A 563 -18.36 12.49 44.07
N ALA A 564 -17.67 11.91 45.05
CA ALA A 564 -17.60 12.50 46.37
C ALA A 564 -16.83 13.81 46.38
N ASP A 565 -15.85 13.94 45.48
CA ASP A 565 -15.04 15.15 45.44
C ASP A 565 -15.87 16.37 45.04
N PHE A 566 -16.83 16.18 44.14
CA PHE A 566 -17.72 17.26 43.72
C PHE A 566 -19.12 17.11 44.30
N ALA A 567 -19.29 16.28 45.31
CA ALA A 567 -20.58 16.17 45.97
C ALA A 567 -20.89 17.44 46.73
N ILE A 568 -22.17 17.65 47.02
CA ILE A 568 -22.64 18.79 47.78
C ILE A 568 -23.41 18.27 48.98
N LEU A 569 -23.00 18.68 50.16
CA LEU A 569 -23.68 18.24 51.36
C LEU A 569 -24.98 19.00 51.54
N PRO A 570 -26.00 18.36 52.11
CA PRO A 570 -27.22 19.09 52.44
C PRO A 570 -26.98 20.09 53.57
N SER A 571 -27.83 21.10 53.60
CA SER A 571 -27.69 22.14 54.62
C SER A 571 -27.82 21.56 56.02
N CYS A 572 -28.75 20.62 56.20
CA CYS A 572 -28.98 20.06 57.53
C CYS A 572 -27.74 19.34 58.04
N CYS A 573 -27.21 18.41 57.24
CA CYS A 573 -26.02 17.67 57.62
C CYS A 573 -24.81 18.61 57.76
N ARG A 574 -24.68 19.55 56.82
CA ARG A 574 -23.60 20.52 56.89
C ARG A 574 -23.60 21.27 58.21
N TRP A 575 -24.76 21.80 58.60
CA TRP A 575 -24.82 22.61 59.80
C TRP A 575 -24.74 21.77 61.07
N LYS A 576 -25.24 20.54 61.03
CA LYS A 576 -25.03 19.63 62.15
C LYS A 576 -23.55 19.37 62.36
N ILE A 577 -22.81 19.13 61.27
CA ILE A 577 -21.37 18.94 61.37
C ILE A 577 -20.71 20.21 61.91
N ARG A 578 -21.11 21.37 61.38
CA ARG A 578 -20.49 22.62 61.76
C ARG A 578 -20.76 22.99 63.20
N LYS A 579 -21.89 22.60 63.77
CA LYS A 579 -22.17 22.84 65.18
C LYS A 579 -21.53 21.79 66.08
N GLU A 580 -21.35 20.56 65.58
CA GLU A 580 -20.55 19.59 66.32
C GLU A 580 -19.11 20.05 66.47
N PHE A 581 -18.59 20.75 65.47
CA PHE A 581 -17.24 21.31 65.50
C PHE A 581 -17.32 22.78 65.11
N PRO A 582 -17.81 23.64 66.00
CA PRO A 582 -17.99 25.04 65.65
C PRO A 582 -16.68 25.74 65.31
N LYS A 583 -16.78 26.70 64.40
CA LYS A 583 -15.68 27.59 64.09
C LYS A 583 -15.75 28.80 65.03
N THR A 584 -14.61 29.16 65.62
CA THR A 584 -14.61 30.13 66.71
C THR A 584 -14.84 31.55 66.20
N GLN A 585 -13.90 32.06 65.40
CA GLN A 585 -13.86 33.47 65.02
C GLN A 585 -13.61 33.61 63.52
N GLY A 586 -14.40 32.89 62.73
CA GLY A 586 -14.26 32.93 61.29
C GLY A 586 -15.58 32.66 60.61
N GLN A 587 -15.54 32.70 59.28
CA GLN A 587 -16.71 32.43 58.44
C GLN A 587 -16.42 31.21 57.58
N TYR A 588 -17.36 30.27 57.56
CA TYR A 588 -17.19 29.06 56.76
C TYR A 588 -17.12 29.40 55.28
N SER A 589 -16.18 28.77 54.58
CA SER A 589 -15.97 29.03 53.16
C SER A 589 -16.82 28.13 52.26
N GLY A 590 -17.20 26.96 52.73
CA GLY A 590 -18.03 26.07 51.96
C GLY A 590 -17.27 25.28 50.91
N PHE A 591 -18.03 24.70 49.98
CA PHE A 591 -17.45 23.90 48.93
C PHE A 591 -16.61 24.76 47.99
N LYS A 592 -15.47 24.20 47.57
CA LYS A 592 -14.58 24.86 46.63
C LYS A 592 -14.17 23.89 45.53
N TYR A 593 -13.92 24.43 44.35
CA TYR A 593 -13.54 23.62 43.19
C TYR A 593 -12.13 23.06 43.40
N PRO A 594 -11.95 21.75 43.39
CA PRO A 594 -10.59 21.21 43.58
C PRO A 594 -9.59 21.67 42.53
N TYR A 595 -10.02 21.81 41.27
CA TYR A 595 -9.12 22.19 40.19
C TYR A 595 -9.25 23.68 39.89
N SER B 6 -27.72 10.88 23.81
CA SER B 6 -27.67 11.33 22.40
C SER B 6 -26.60 12.39 22.19
N TRP B 7 -26.89 13.63 22.61
CA TRP B 7 -25.92 14.70 22.50
C TRP B 7 -24.66 14.39 23.31
N ASN B 8 -24.85 13.90 24.53
CA ASN B 8 -23.71 13.59 25.38
C ASN B 8 -22.92 12.41 24.86
N ASP B 9 -23.61 11.41 24.31
CA ASP B 9 -22.92 10.21 23.83
C ASP B 9 -21.97 10.54 22.69
N VAL B 10 -22.32 11.54 21.87
CA VAL B 10 -21.46 11.91 20.75
C VAL B 10 -20.19 12.58 21.26
N PHE B 11 -20.33 13.43 22.30
CA PHE B 11 -19.19 14.19 22.87
C PHE B 11 -18.47 13.32 23.91
N GLN B 12 -17.94 12.17 23.47
CA GLN B 12 -17.19 11.30 24.35
C GLN B 12 -15.90 10.88 23.67
N TYR B 13 -14.86 10.71 24.49
CA TYR B 13 -13.59 10.18 24.03
C TYR B 13 -13.19 9.02 24.91
N GLU B 14 -12.89 7.88 24.29
CA GLU B 14 -12.44 6.69 24.99
C GLU B 14 -10.94 6.57 24.84
N THR B 15 -10.24 6.48 25.96
CA THR B 15 -8.80 6.28 25.97
C THR B 15 -8.50 4.96 26.68
N ASN B 16 -7.49 4.26 26.18
CA ASN B 16 -7.10 2.99 26.75
C ASN B 16 -6.42 3.16 28.09
N LYS B 17 -6.78 2.32 29.05
CA LYS B 17 -6.05 2.25 30.30
C LYS B 17 -4.72 1.57 30.07
N VAL B 18 -3.66 2.15 30.61
CA VAL B 18 -2.31 1.68 30.40
C VAL B 18 -1.62 1.52 31.73
N THR B 19 -0.77 0.51 31.82
CA THR B 19 0.16 0.35 32.93
C THR B 19 1.56 0.71 32.43
N ARG B 20 2.19 1.68 33.08
CA ARG B 20 3.52 2.13 32.71
C ARG B 20 4.55 1.41 33.58
N ILE B 21 5.44 0.67 32.94
CA ILE B 21 6.47 -0.11 33.62
C ILE B 21 7.77 0.67 33.53
N GLN B 22 8.37 0.94 34.70
CA GLN B 22 9.70 1.53 34.77
C GLN B 22 10.73 0.40 34.74
N SER B 23 10.96 -0.09 33.53
CA SER B 23 11.91 -1.15 33.27
C SER B 23 12.96 -0.66 32.29
N VAL B 24 14.23 -0.91 32.62
CA VAL B 24 15.33 -0.55 31.72
C VAL B 24 15.30 -1.45 30.48
N ASN B 25 15.16 -2.75 30.70
CA ASN B 25 15.22 -3.70 29.58
C ASN B 25 14.08 -3.49 28.60
N TYR B 26 12.86 -3.34 29.10
CA TYR B 26 11.71 -3.21 28.21
C TYR B 26 11.74 -1.88 27.46
N GLY B 27 12.10 -0.80 28.14
CA GLY B 27 12.27 0.47 27.45
C GLY B 27 13.33 0.42 26.38
N THR B 28 14.47 -0.20 26.69
CA THR B 28 15.54 -0.35 25.71
C THR B 28 15.08 -1.17 24.51
N ILE B 29 14.39 -2.28 24.76
CA ILE B 29 13.90 -3.13 23.67
C ILE B 29 12.91 -2.35 22.82
N LYS B 30 12.01 -1.61 23.47
CA LYS B 30 11.02 -0.84 22.73
C LYS B 30 11.67 0.19 21.83
N TRP B 31 12.67 0.90 22.35
CA TRP B 31 13.30 1.94 21.56
C TRP B 31 14.15 1.35 20.45
N ILE B 32 14.83 0.24 20.72
CA ILE B 32 15.60 -0.44 19.69
C ILE B 32 14.70 -0.87 18.55
N LEU B 33 13.54 -1.45 18.88
CA LEU B 33 12.63 -1.92 17.84
C LEU B 33 12.01 -0.74 17.08
N HIS B 34 11.65 0.33 17.78
CA HIS B 34 11.12 1.51 17.10
C HIS B 34 12.15 2.07 16.13
N MET B 35 13.39 2.20 16.58
CA MET B 35 14.44 2.73 15.70
C MET B 35 14.71 1.80 14.53
N THR B 36 14.69 0.49 14.76
CA THR B 36 14.88 -0.46 13.67
C THR B 36 13.77 -0.33 12.63
N VAL B 37 12.53 -0.25 13.09
CA VAL B 37 11.40 -0.14 12.16
C VAL B 37 11.48 1.18 11.40
N PHE B 38 11.76 2.27 12.10
CA PHE B 38 11.87 3.56 11.44
C PHE B 38 12.99 3.56 10.42
N SER B 39 14.13 2.97 10.76
CA SER B 39 15.27 2.94 9.86
C SER B 39 14.95 2.13 8.61
N TYR B 40 14.34 0.95 8.77
CA TYR B 40 14.02 0.17 7.59
C TYR B 40 12.97 0.87 6.74
N VAL B 41 11.95 1.45 7.35
CA VAL B 41 10.91 2.13 6.60
C VAL B 41 11.47 3.32 5.82
N SER B 42 12.31 4.12 6.46
CA SER B 42 12.95 5.25 5.78
C SER B 42 13.88 4.78 4.68
N PHE B 43 14.65 3.72 4.93
CA PHE B 43 15.54 3.19 3.91
C PHE B 43 14.77 2.71 2.70
N ALA B 44 13.67 1.99 2.91
CA ALA B 44 12.85 1.53 1.79
C ALA B 44 12.28 2.72 1.03
N LEU B 45 11.77 3.71 1.75
CA LEU B 45 11.21 4.89 1.10
C LEU B 45 12.24 5.58 0.23
N MET B 46 13.47 5.75 0.74
CA MET B 46 14.51 6.42 -0.02
C MET B 46 15.00 5.57 -1.18
N SER B 47 15.20 4.27 -0.97
CA SER B 47 15.78 3.41 -1.98
C SER B 47 14.83 3.20 -3.14
N ASP B 48 13.58 2.89 -2.86
CA ASP B 48 12.59 2.66 -3.92
C ASP B 48 11.82 3.91 -4.29
N LYS B 49 12.14 5.05 -3.69
CA LYS B 49 11.46 6.31 -4.00
C LYS B 49 9.95 6.14 -3.92
N LEU B 50 9.49 5.48 -2.87
CA LEU B 50 8.07 5.19 -2.72
C LEU B 50 7.25 6.45 -2.46
N TYR B 51 7.93 7.56 -2.18
CA TYR B 51 7.28 8.86 -2.15
C TYR B 51 7.04 9.43 -3.54
N GLN B 52 7.63 8.83 -4.57
CA GLN B 52 7.52 9.30 -5.94
C GLN B 52 6.45 8.53 -6.69
N ARG B 53 5.67 9.24 -7.48
CA ARG B 53 4.89 8.63 -8.54
C ARG B 53 5.78 8.47 -9.77
N LYS B 54 5.77 7.29 -10.36
CA LYS B 54 6.59 6.94 -11.50
C LYS B 54 5.74 6.87 -12.75
N GLU B 55 6.22 7.53 -13.81
CA GLU B 55 5.56 7.57 -15.10
C GLU B 55 6.48 6.98 -16.16
N PRO B 56 5.98 6.09 -17.01
CA PRO B 56 6.79 5.64 -18.15
C PRO B 56 6.98 6.75 -19.15
N LEU B 57 8.10 6.69 -19.85
CA LEU B 57 8.44 7.68 -20.86
C LEU B 57 7.87 7.30 -22.22
N ILE B 58 7.57 8.32 -23.01
CA ILE B 58 7.31 8.17 -24.44
C ILE B 58 8.53 8.71 -25.18
N SER B 59 9.04 7.93 -26.11
CA SER B 59 10.31 8.21 -26.77
C SER B 59 10.14 8.37 -28.27
N SER B 60 10.99 9.24 -28.83
CA SER B 60 11.20 9.35 -30.27
C SER B 60 12.69 9.26 -30.53
N VAL B 61 13.05 8.44 -31.53
CA VAL B 61 14.45 8.21 -31.88
C VAL B 61 14.66 8.64 -33.32
N HIS B 62 15.74 9.38 -33.55
CA HIS B 62 16.18 9.78 -34.88
C HIS B 62 17.64 9.39 -35.03
N THR B 63 17.94 8.55 -36.02
CA THR B 63 19.28 8.05 -36.25
C THR B 63 19.85 8.60 -37.55
N LYS B 64 21.17 8.75 -37.57
CA LYS B 64 21.90 9.10 -38.78
C LYS B 64 23.19 8.30 -38.84
N VAL B 65 23.33 7.50 -39.91
CA VAL B 65 24.52 6.71 -40.15
C VAL B 65 25.46 7.48 -41.05
N LYS B 66 26.73 7.53 -40.66
CA LYS B 66 27.81 8.10 -41.45
C LYS B 66 28.81 7.01 -41.79
N GLY B 67 29.29 7.04 -43.01
CA GLY B 67 30.32 6.13 -43.47
C GLY B 67 30.19 5.76 -44.92
N VAL B 68 31.34 5.47 -45.53
CA VAL B 68 31.43 5.00 -46.91
C VAL B 68 32.24 3.71 -46.90
N ALA B 69 31.79 2.72 -47.66
CA ALA B 69 32.46 1.44 -47.76
C ALA B 69 33.03 1.25 -49.16
N GLU B 70 34.30 0.91 -49.25
CA GLU B 70 34.90 0.48 -50.52
C GLU B 70 34.72 -1.02 -50.66
N VAL B 71 34.16 -1.44 -51.80
CA VAL B 71 33.89 -2.85 -52.09
C VAL B 71 34.51 -3.20 -53.43
N THR B 72 35.26 -4.29 -53.47
CA THR B 72 35.85 -4.81 -54.69
C THR B 72 35.34 -6.23 -54.93
N GLU B 73 34.80 -6.47 -56.13
CA GLU B 73 34.23 -7.77 -56.47
C GLU B 73 34.64 -8.12 -57.90
N ASN B 74 34.23 -9.32 -58.33
CA ASN B 74 34.49 -9.79 -59.69
C ASN B 74 33.22 -10.37 -60.31
N LYS B 82 35.53 -9.60 -65.05
CA LYS B 82 36.10 -8.28 -64.82
C LYS B 82 36.11 -7.95 -63.34
N LEU B 83 36.95 -6.99 -62.95
CA LEU B 83 37.05 -6.54 -61.57
C LEU B 83 36.31 -5.22 -61.42
N VAL B 84 35.36 -5.18 -60.48
CA VAL B 84 34.52 -4.01 -60.27
C VAL B 84 34.82 -3.47 -58.87
N HIS B 85 35.30 -2.23 -58.82
CA HIS B 85 35.57 -1.54 -57.57
C HIS B 85 34.60 -0.39 -57.44
N GLY B 86 33.82 -0.38 -56.35
CA GLY B 86 32.84 0.65 -56.11
C GLY B 86 32.84 1.10 -54.66
N ILE B 87 32.04 2.12 -54.40
CA ILE B 87 31.85 2.66 -53.06
C ILE B 87 30.36 2.66 -52.75
N PHE B 88 30.03 2.32 -51.51
CA PHE B 88 28.68 2.36 -51.00
C PHE B 88 28.58 3.52 -50.01
N ASP B 89 27.66 4.42 -50.27
CA ASP B 89 27.28 5.45 -49.31
C ASP B 89 25.96 5.08 -48.66
N THR B 90 25.49 5.93 -47.75
CA THR B 90 24.34 5.61 -46.92
C THR B 90 23.14 5.16 -47.75
N ALA B 91 22.91 5.81 -48.88
CA ALA B 91 21.79 5.41 -49.73
C ALA B 91 21.97 4.02 -50.33
N ASP B 92 23.20 3.51 -50.37
CA ASP B 92 23.47 2.21 -50.97
C ASP B 92 23.50 1.07 -49.95
N TYR B 93 23.54 1.37 -48.65
CA TYR B 93 23.62 0.34 -47.63
C TYR B 93 22.70 0.54 -46.44
N THR B 94 22.00 1.67 -46.34
CA THR B 94 21.23 2.00 -45.15
C THR B 94 19.75 1.97 -45.48
N LEU B 95 18.98 1.38 -44.58
CA LEU B 95 17.53 1.50 -44.59
C LEU B 95 17.13 2.53 -43.55
N PRO B 96 16.41 3.60 -43.92
CA PRO B 96 16.13 4.65 -42.94
C PRO B 96 15.37 4.13 -41.72
N LEU B 97 15.58 4.80 -40.59
CA LEU B 97 14.93 4.40 -39.36
C LEU B 97 13.42 4.36 -39.54
N GLN B 98 12.82 3.24 -39.14
CA GLN B 98 11.38 3.02 -39.24
C GLN B 98 10.95 2.38 -37.93
N GLY B 99 10.07 3.06 -37.22
CA GLY B 99 9.82 2.69 -35.84
C GLY B 99 10.97 3.19 -35.00
N ASN B 100 11.79 2.26 -34.50
CA ASN B 100 12.96 2.62 -33.73
C ASN B 100 14.16 1.76 -34.09
N SER B 101 14.26 1.34 -35.34
CA SER B 101 15.34 0.47 -35.80
C SER B 101 15.88 0.95 -37.13
N PHE B 102 17.18 0.77 -37.33
CA PHE B 102 17.83 1.04 -38.60
C PHE B 102 18.67 -0.16 -39.00
N PHE B 103 18.79 -0.35 -40.31
CA PHE B 103 19.50 -1.47 -40.89
C PHE B 103 20.72 -1.00 -41.65
N VAL B 104 21.83 -1.70 -41.45
CA VAL B 104 23.07 -1.46 -42.18
C VAL B 104 23.42 -2.73 -42.92
N MET B 105 23.46 -2.65 -44.24
CA MET B 105 23.90 -3.77 -45.05
C MET B 105 25.38 -4.03 -44.82
N THR B 106 25.72 -5.29 -44.56
CA THR B 106 27.08 -5.72 -44.39
C THR B 106 27.52 -6.75 -45.41
N ASN B 107 26.58 -7.33 -46.15
CA ASN B 107 26.88 -8.33 -47.14
C ASN B 107 25.70 -8.39 -48.09
N TYR B 108 25.94 -8.91 -49.29
CA TYR B 108 24.86 -8.99 -50.24
C TYR B 108 25.16 -10.07 -51.26
N LEU B 109 24.10 -10.70 -51.74
CA LEU B 109 24.12 -11.52 -52.92
C LEU B 109 23.27 -10.84 -53.99
N LYS B 110 23.82 -10.69 -55.19
CA LYS B 110 23.16 -10.02 -56.29
C LYS B 110 22.80 -11.02 -57.37
N SER B 111 21.56 -10.94 -57.85
CA SER B 111 21.09 -11.71 -59.00
C SER B 111 20.48 -10.72 -59.99
N GLU B 112 21.22 -10.37 -61.02
CA GLU B 112 20.81 -9.37 -61.99
C GLU B 112 20.06 -10.00 -63.15
N GLY B 113 19.19 -9.19 -63.76
CA GLY B 113 18.51 -9.56 -64.99
C GLY B 113 17.60 -10.76 -64.87
N GLN B 114 16.82 -10.82 -63.81
CA GLN B 114 15.88 -11.92 -63.62
C GLN B 114 14.65 -11.73 -64.51
N GLU B 115 14.18 -12.82 -65.08
CA GLU B 115 12.96 -12.86 -65.87
C GLU B 115 12.07 -13.96 -65.34
N GLN B 116 10.76 -13.77 -65.40
CA GLN B 116 9.84 -14.82 -64.98
C GLN B 116 9.83 -15.88 -66.08
N LYS B 117 10.46 -17.01 -65.79
CA LYS B 117 10.62 -18.06 -66.78
C LYS B 117 11.02 -19.34 -66.08
N LEU B 118 11.38 -20.35 -66.87
CA LEU B 118 11.77 -21.65 -66.37
C LEU B 118 13.27 -21.71 -66.17
N CYS B 119 13.69 -22.36 -65.08
CA CYS B 119 15.10 -22.45 -64.75
C CYS B 119 15.31 -23.59 -63.79
N PRO B 120 16.54 -24.11 -63.69
CA PRO B 120 16.84 -25.08 -62.63
C PRO B 120 17.09 -24.37 -61.30
N GLU B 121 16.54 -24.93 -60.24
CA GLU B 121 16.70 -24.34 -58.92
C GLU B 121 18.13 -24.53 -58.44
N TYR B 122 18.60 -23.56 -57.66
CA TYR B 122 19.98 -23.57 -57.20
C TYR B 122 20.22 -24.81 -56.33
N PRO B 123 21.37 -25.47 -56.48
CA PRO B 123 21.65 -26.69 -55.68
C PRO B 123 22.17 -26.38 -54.29
N SER B 124 21.23 -26.14 -53.38
CA SER B 124 21.53 -25.76 -52.01
C SER B 124 21.40 -26.98 -51.10
N ARG B 125 22.36 -27.12 -50.18
CA ARG B 125 22.35 -28.23 -49.22
C ARG B 125 22.20 -29.57 -49.94
N GLY B 126 22.88 -29.71 -51.08
CA GLY B 126 22.77 -30.93 -51.86
C GLY B 126 21.37 -31.19 -52.37
N LYS B 127 20.70 -30.16 -52.87
CA LYS B 127 19.35 -30.29 -53.43
C LYS B 127 19.44 -30.79 -54.88
N GLN B 128 20.08 -31.94 -55.04
CA GLN B 128 20.27 -32.55 -56.34
C GLN B 128 19.08 -33.43 -56.70
N CYS B 129 18.86 -33.59 -57.99
CA CYS B 129 17.82 -34.47 -58.51
C CYS B 129 18.45 -35.45 -59.49
N HIS B 130 18.14 -36.73 -59.34
CA HIS B 130 18.61 -37.77 -60.24
C HIS B 130 17.53 -38.30 -61.16
N SER B 131 16.27 -38.06 -60.85
CA SER B 131 15.16 -38.51 -61.68
C SER B 131 14.00 -37.55 -61.52
N ASP B 132 13.09 -37.58 -62.49
CA ASP B 132 11.92 -36.71 -62.44
C ASP B 132 10.95 -37.12 -61.33
N GLN B 133 11.12 -38.30 -60.74
CA GLN B 133 10.23 -38.73 -59.67
C GLN B 133 10.37 -37.82 -58.45
N GLY B 134 11.61 -37.48 -58.08
CA GLY B 134 11.82 -36.64 -56.91
C GLY B 134 11.22 -35.26 -57.07
N CYS B 135 11.23 -34.73 -58.28
CA CYS B 135 10.72 -33.38 -58.54
C CYS B 135 9.21 -33.45 -58.78
N ILE B 136 8.44 -32.94 -57.83
CA ILE B 136 6.99 -32.89 -57.98
C ILE B 136 6.62 -31.77 -58.95
N LYS B 137 5.45 -31.91 -59.57
CA LYS B 137 4.92 -30.90 -60.46
C LYS B 137 3.87 -30.07 -59.75
N GLY B 138 3.95 -28.75 -59.95
CA GLY B 138 3.04 -27.83 -59.30
C GLY B 138 3.37 -27.52 -57.87
N TRP B 139 4.46 -28.05 -57.35
CA TRP B 139 4.85 -27.84 -55.96
C TRP B 139 5.51 -26.47 -55.80
N MET B 140 5.00 -25.66 -54.88
CA MET B 140 5.56 -24.31 -54.62
C MET B 140 6.62 -24.45 -53.52
N ASP B 141 7.91 -24.44 -53.89
CA ASP B 141 9.01 -24.53 -52.95
C ASP B 141 9.28 -23.15 -52.38
N PRO B 142 8.98 -22.89 -51.10
CA PRO B 142 9.28 -21.57 -50.54
C PRO B 142 10.77 -21.32 -50.35
N GLN B 143 11.60 -22.37 -50.37
CA GLN B 143 13.04 -22.18 -50.34
C GLN B 143 13.56 -21.77 -51.71
N SER B 144 13.19 -22.51 -52.75
CA SER B 144 13.60 -22.15 -54.10
C SER B 144 12.84 -20.94 -54.63
N LYS B 145 11.63 -20.69 -54.12
CA LYS B 145 10.83 -19.53 -54.50
C LYS B 145 10.36 -19.65 -55.95
N GLY B 146 9.88 -20.85 -56.29
CA GLY B 146 9.36 -21.12 -57.61
C GLY B 146 8.46 -22.33 -57.60
N ILE B 147 7.78 -22.52 -58.72
CA ILE B 147 6.84 -23.63 -58.92
C ILE B 147 7.55 -24.73 -59.70
N GLN B 148 7.67 -25.90 -59.10
CA GLN B 148 8.26 -27.04 -59.78
C GLN B 148 7.37 -27.50 -60.94
N THR B 149 8.02 -27.94 -62.01
CA THR B 149 7.35 -28.43 -63.20
C THR B 149 7.31 -29.95 -63.28
N GLY B 150 8.00 -30.63 -62.35
CA GLY B 150 7.99 -32.10 -62.28
C GLY B 150 9.17 -32.71 -63.02
N ARG B 151 10.03 -31.88 -63.61
CA ARG B 151 11.19 -32.34 -64.41
C ARG B 151 12.49 -32.10 -63.65
N CYS B 152 13.53 -32.91 -63.88
CA CYS B 152 14.86 -32.70 -63.32
C CYS B 152 15.81 -32.36 -64.47
N ILE B 153 16.46 -31.20 -64.39
CA ILE B 153 17.30 -30.72 -65.48
C ILE B 153 18.67 -30.37 -64.93
N PRO B 154 19.68 -30.35 -65.80
CA PRO B 154 21.04 -30.06 -65.34
C PRO B 154 21.20 -28.58 -65.01
N TYR B 155 21.56 -28.29 -63.76
CA TYR B 155 21.91 -26.93 -63.38
C TYR B 155 23.28 -26.55 -63.91
N ASP B 156 24.17 -27.54 -64.08
CA ASP B 156 25.50 -27.34 -64.60
C ASP B 156 25.91 -28.61 -65.34
N GLN B 157 27.20 -28.75 -65.63
CA GLN B 157 27.67 -29.91 -66.36
C GLN B 157 27.48 -31.20 -65.57
N LYS B 158 27.72 -31.14 -64.26
CA LYS B 158 27.78 -32.35 -63.43
C LYS B 158 26.50 -32.62 -62.66
N ARG B 159 25.95 -31.63 -61.99
CA ARG B 159 24.80 -31.83 -61.10
C ARG B 159 23.52 -31.29 -61.74
N LYS B 160 22.40 -31.85 -61.31
CA LYS B 160 21.09 -31.51 -61.84
C LYS B 160 20.15 -31.15 -60.69
N THR B 161 19.25 -30.21 -60.96
CA THR B 161 18.30 -29.73 -59.96
C THR B 161 16.93 -29.60 -60.60
N CYS B 162 15.90 -29.67 -59.76
CA CYS B 162 14.53 -29.64 -60.24
C CYS B 162 14.23 -28.33 -60.95
N GLU B 163 13.47 -28.42 -62.02
CA GLU B 163 13.05 -27.25 -62.78
C GLU B 163 11.93 -26.51 -62.06
N ILE B 164 11.92 -25.19 -62.20
CA ILE B 164 10.93 -24.35 -61.54
C ILE B 164 10.63 -23.17 -62.43
N PHE B 165 9.37 -22.74 -62.43
CA PHE B 165 8.99 -21.44 -62.94
C PHE B 165 9.21 -20.42 -61.83
N ALA B 166 9.99 -19.41 -62.10
CA ALA B 166 10.46 -18.50 -61.08
C ALA B 166 11.12 -17.31 -61.75
N TRP B 167 11.62 -16.41 -60.93
CA TRP B 167 12.56 -15.39 -61.39
C TRP B 167 13.90 -16.08 -61.64
N CYS B 168 14.37 -16.01 -62.88
CA CYS B 168 15.53 -16.74 -63.32
C CYS B 168 16.55 -15.77 -63.93
N PRO B 169 17.84 -15.91 -63.63
CA PRO B 169 18.50 -17.02 -62.92
C PRO B 169 18.18 -17.08 -61.42
N ALA B 170 17.73 -18.26 -60.99
CA ALA B 170 17.44 -18.48 -59.58
C ALA B 170 18.70 -18.86 -58.84
N GLU B 171 18.98 -18.13 -57.76
CA GLU B 171 20.19 -18.34 -56.97
C GLU B 171 19.89 -18.51 -55.49
N GLU B 172 18.62 -18.67 -55.12
CA GLU B 172 18.26 -18.82 -53.72
C GLU B 172 18.87 -20.09 -53.14
N GLY B 173 19.42 -19.97 -51.95
CA GLY B 173 20.19 -21.02 -51.32
C GLY B 173 21.68 -20.84 -51.43
N LYS B 174 22.14 -19.93 -52.29
CA LYS B 174 23.54 -19.56 -52.33
C LYS B 174 23.97 -18.99 -50.99
N GLU B 175 25.14 -19.41 -50.53
CA GLU B 175 25.64 -18.96 -49.24
C GLU B 175 26.10 -17.51 -49.31
N ALA B 176 25.97 -16.82 -48.19
CA ALA B 176 26.44 -15.45 -48.11
C ALA B 176 27.94 -15.38 -48.38
N PRO B 177 28.40 -14.38 -49.14
CA PRO B 177 29.83 -14.29 -49.40
C PRO B 177 30.65 -14.15 -48.13
N ARG B 178 31.80 -14.81 -48.13
CA ARG B 178 32.71 -14.82 -46.99
C ARG B 178 34.12 -14.54 -47.50
N PRO B 179 34.80 -13.48 -47.04
CA PRO B 179 34.37 -12.51 -46.03
C PRO B 179 33.32 -11.53 -46.53
N ALA B 180 32.66 -10.88 -45.57
CA ALA B 180 31.57 -9.97 -45.90
C ALA B 180 32.08 -8.78 -46.70
N LEU B 181 31.33 -8.45 -47.75
CA LEU B 181 31.74 -7.41 -48.67
C LEU B 181 31.81 -6.05 -48.00
N LEU B 182 30.83 -5.74 -47.16
CA LEU B 182 30.83 -4.49 -46.40
C LEU B 182 31.31 -4.72 -44.97
N ARG B 183 32.54 -5.24 -44.87
CA ARG B 183 33.22 -5.32 -43.58
C ARG B 183 33.44 -3.94 -42.98
N SER B 184 33.86 -3.00 -43.83
CA SER B 184 34.18 -1.65 -43.41
C SER B 184 33.04 -0.96 -42.65
N ALA B 185 31.84 -1.55 -42.68
CA ALA B 185 30.73 -1.01 -41.90
C ALA B 185 31.02 -1.00 -40.40
N GLU B 186 31.98 -1.82 -39.94
CA GLU B 186 32.37 -1.75 -38.55
C GLU B 186 32.86 -0.36 -38.18
N ASN B 187 33.40 0.36 -39.14
CA ASN B 187 33.91 1.71 -38.93
C ASN B 187 32.86 2.78 -39.16
N PHE B 188 31.66 2.41 -39.59
CA PHE B 188 30.57 3.37 -39.68
C PHE B 188 30.20 3.87 -38.30
N THR B 189 29.64 5.07 -38.26
CA THR B 189 29.15 5.65 -37.03
C THR B 189 27.66 5.90 -37.16
N VAL B 190 26.97 5.84 -36.02
CA VAL B 190 25.57 6.23 -35.94
C VAL B 190 25.41 7.27 -34.84
N LEU B 191 24.80 8.39 -35.19
CA LEU B 191 24.35 9.38 -34.24
C LEU B 191 22.90 9.08 -33.90
N ILE B 192 22.63 8.89 -32.62
CA ILE B 192 21.30 8.58 -32.11
C ILE B 192 20.83 9.78 -31.30
N LYS B 193 19.73 10.40 -31.74
CA LYS B 193 19.08 11.47 -31.02
C LYS B 193 17.81 10.90 -30.41
N ASN B 194 17.67 11.04 -29.10
CA ASN B 194 16.56 10.46 -28.35
C ASN B 194 15.86 11.56 -27.60
N ASN B 195 14.60 11.78 -27.94
CA ASN B 195 13.72 12.70 -27.24
C ASN B 195 12.79 11.87 -26.38
N ILE B 196 12.71 12.21 -25.10
CA ILE B 196 11.82 11.50 -24.20
C ILE B 196 10.93 12.51 -23.48
N ASP B 197 9.73 12.04 -23.13
CA ASP B 197 8.74 12.86 -22.46
C ASP B 197 8.01 12.03 -21.43
N PHE B 198 7.72 12.68 -20.30
CA PHE B 198 6.77 12.21 -19.30
C PHE B 198 5.59 13.17 -19.33
N PRO B 199 4.48 12.82 -19.98
CA PRO B 199 3.39 13.78 -20.13
C PRO B 199 2.63 14.03 -18.84
N GLY B 200 2.47 13.01 -18.01
CA GLY B 200 1.85 13.21 -16.71
C GLY B 200 2.60 14.21 -15.86
N HIS B 201 3.92 14.13 -15.86
CA HIS B 201 4.77 15.09 -15.16
C HIS B 201 5.08 16.33 -15.97
N ASN B 202 4.60 16.40 -17.22
CA ASN B 202 4.88 17.51 -18.11
C ASN B 202 6.37 17.84 -18.13
N TYR B 203 7.18 16.82 -18.40
CA TYR B 203 8.61 17.00 -18.51
C TYR B 203 9.09 16.38 -19.82
N THR B 204 10.04 17.04 -20.47
CA THR B 204 10.66 16.47 -21.65
C THR B 204 12.13 16.82 -21.67
N THR B 205 12.93 15.88 -22.18
CA THR B 205 14.35 16.12 -22.36
C THR B 205 14.83 15.34 -23.57
N ARG B 206 16.11 15.52 -23.89
CA ARG B 206 16.74 14.80 -24.98
C ARG B 206 18.16 14.42 -24.57
N ASN B 207 18.69 13.43 -25.29
CA ASN B 207 19.99 12.86 -24.97
C ASN B 207 21.15 13.73 -25.44
N ILE B 208 20.88 14.80 -26.17
CA ILE B 208 21.90 15.75 -26.58
C ILE B 208 21.51 17.12 -26.07
N LEU B 209 22.43 17.76 -25.36
CA LEU B 209 22.24 19.08 -24.79
C LEU B 209 23.39 19.97 -25.20
N PRO B 210 23.23 21.29 -25.11
CA PRO B 210 24.33 22.18 -25.46
C PRO B 210 25.56 21.91 -24.59
N GLY B 211 26.73 21.92 -25.24
CA GLY B 211 28.01 21.65 -24.58
C GLY B 211 28.74 20.46 -25.15
N MET B 212 28.00 19.47 -25.65
CA MET B 212 28.63 18.27 -26.20
C MET B 212 29.42 18.60 -27.46
N ASN B 213 30.42 17.78 -27.72
CA ASN B 213 31.29 17.94 -28.88
C ASN B 213 31.01 16.83 -29.88
N ILE B 214 30.87 17.19 -31.16
CA ILE B 214 30.63 16.20 -32.19
C ILE B 214 31.84 15.30 -32.38
N SER B 215 33.03 15.76 -32.01
CA SER B 215 34.25 14.99 -32.15
C SER B 215 34.34 13.84 -31.16
N CYS B 216 33.28 13.64 -30.40
CA CYS B 216 33.16 12.52 -29.48
C CYS B 216 32.66 11.26 -30.20
N THR B 217 33.07 10.12 -29.66
CA THR B 217 32.46 8.85 -29.96
C THR B 217 32.24 8.15 -28.63
N PHE B 218 31.15 7.38 -28.54
CA PHE B 218 30.75 6.81 -27.27
C PHE B 218 31.83 5.90 -26.70
N HIS B 219 31.98 5.97 -25.38
CA HIS B 219 32.78 5.02 -24.64
C HIS B 219 32.12 4.80 -23.28
N LYS B 220 32.13 3.56 -22.82
CA LYS B 220 31.49 3.23 -21.55
C LYS B 220 32.03 4.07 -20.41
N THR B 221 33.34 4.32 -20.40
CA THR B 221 34.01 5.04 -19.32
C THR B 221 34.36 6.46 -19.70
N TRP B 222 35.06 6.67 -20.81
CA TRP B 222 35.54 8.00 -21.16
C TRP B 222 34.41 8.91 -21.62
N ASN B 223 33.53 8.41 -22.48
CA ASN B 223 32.46 9.23 -23.08
C ASN B 223 31.14 8.46 -23.01
N PRO B 224 30.64 8.24 -21.80
CA PRO B 224 29.39 7.48 -21.65
C PRO B 224 28.16 8.23 -22.07
N GLN B 225 28.25 9.53 -22.33
CA GLN B 225 27.11 10.33 -22.72
C GLN B 225 27.17 10.78 -24.17
N CYS B 226 28.20 10.37 -24.90
CA CYS B 226 28.29 10.70 -26.31
C CYS B 226 27.33 9.81 -27.11
N PRO B 227 26.39 10.37 -27.85
CA PRO B 227 25.44 9.55 -28.60
C PRO B 227 25.90 9.12 -29.98
N ILE B 228 27.20 9.17 -30.25
CA ILE B 228 27.79 8.74 -31.50
C ILE B 228 28.49 7.41 -31.25
N PHE B 229 28.05 6.39 -31.95
CA PHE B 229 28.49 5.02 -31.72
C PHE B 229 29.11 4.46 -32.98
N ARG B 230 30.34 3.99 -32.87
CA ARG B 230 30.92 3.13 -33.89
C ARG B 230 30.32 1.74 -33.76
N LEU B 231 29.91 1.17 -34.90
CA LEU B 231 29.22 -0.11 -34.89
C LEU B 231 30.12 -1.23 -34.37
N GLY B 232 31.38 -1.24 -34.81
CA GLY B 232 32.32 -2.22 -34.29
C GLY B 232 32.53 -2.09 -32.80
N ASP B 233 32.55 -0.86 -32.30
CA ASP B 233 32.65 -0.64 -30.86
C ASP B 233 31.43 -1.21 -30.14
N ILE B 234 30.25 -1.01 -30.71
CA ILE B 234 29.05 -1.60 -30.15
C ILE B 234 29.22 -3.11 -30.02
N PHE B 235 29.73 -3.75 -31.07
CA PHE B 235 29.86 -5.19 -31.06
C PHE B 235 30.92 -5.66 -30.07
N GLN B 236 32.07 -5.00 -30.03
CA GLN B 236 33.16 -5.44 -29.18
C GLN B 236 32.98 -5.07 -27.72
N GLU B 237 32.06 -4.15 -27.39
CA GLU B 237 31.79 -3.86 -25.99
C GLU B 237 31.14 -5.04 -25.29
N ILE B 238 30.38 -5.86 -26.03
CA ILE B 238 29.67 -6.99 -25.44
C ILE B 238 30.18 -8.30 -26.04
N GLY B 239 31.46 -8.30 -26.44
CA GLY B 239 32.09 -9.53 -26.89
C GLY B 239 31.45 -10.15 -28.10
N GLU B 240 31.09 -9.33 -29.08
CA GLU B 240 30.57 -9.82 -30.35
C GLU B 240 31.52 -9.40 -31.46
N ASN B 241 31.65 -10.25 -32.46
CA ASN B 241 32.60 -10.07 -33.54
C ASN B 241 31.84 -9.55 -34.77
N PHE B 242 32.10 -8.29 -35.12
CA PHE B 242 31.41 -7.68 -36.25
C PHE B 242 31.77 -8.37 -37.56
N THR B 243 33.02 -8.78 -37.71
CA THR B 243 33.46 -9.41 -38.95
C THR B 243 32.65 -10.68 -39.23
N GLU B 244 32.43 -11.50 -38.20
CA GLU B 244 31.67 -12.73 -38.38
C GLU B 244 30.19 -12.45 -38.58
N VAL B 245 29.62 -11.57 -37.76
CA VAL B 245 28.19 -11.27 -37.86
C VAL B 245 27.86 -10.62 -39.19
N ALA B 246 28.81 -9.92 -39.79
CA ALA B 246 28.59 -9.25 -41.05
C ALA B 246 28.26 -10.21 -42.19
N VAL B 247 28.73 -11.46 -42.12
CA VAL B 247 28.52 -12.40 -43.21
C VAL B 247 27.04 -12.72 -43.38
N GLN B 248 26.38 -13.12 -42.30
CA GLN B 248 24.98 -13.49 -42.34
C GLN B 248 24.08 -12.48 -41.66
N GLY B 249 24.64 -11.52 -40.95
CA GLY B 249 23.85 -10.49 -40.32
C GLY B 249 23.40 -10.85 -38.92
N GLY B 250 22.66 -9.91 -38.34
CA GLY B 250 22.16 -10.09 -36.99
C GLY B 250 21.34 -8.89 -36.58
N ILE B 251 20.87 -8.96 -35.33
CA ILE B 251 20.07 -7.91 -34.73
C ILE B 251 20.75 -7.50 -33.44
N MET B 252 21.08 -6.21 -33.33
CA MET B 252 21.68 -5.66 -32.14
C MET B 252 20.76 -4.60 -31.57
N GLY B 253 20.64 -4.61 -30.24
CA GLY B 253 19.86 -3.64 -29.51
C GLY B 253 20.76 -2.64 -28.82
N ILE B 254 20.47 -1.36 -29.06
CA ILE B 254 21.05 -0.27 -28.32
C ILE B 254 20.00 0.15 -27.31
N GLU B 255 20.20 -0.26 -26.06
CA GLU B 255 19.28 0.07 -24.99
C GLU B 255 19.63 1.42 -24.41
N ILE B 256 18.63 2.29 -24.32
CA ILE B 256 18.77 3.59 -23.69
C ILE B 256 17.84 3.59 -22.48
N TYR B 257 18.44 3.56 -21.29
CA TYR B 257 17.70 3.54 -20.05
C TYR B 257 17.68 4.95 -19.46
N TRP B 258 16.50 5.44 -19.18
CA TRP B 258 16.30 6.74 -18.54
C TRP B 258 15.75 6.52 -17.13
N ASP B 259 16.66 6.44 -16.17
CA ASP B 259 16.31 6.49 -14.75
C ASP B 259 16.34 7.96 -14.35
N CYS B 260 15.16 8.58 -14.35
CA CYS B 260 15.03 10.02 -14.23
C CYS B 260 14.34 10.39 -12.93
N ASN B 261 14.96 11.30 -12.18
CA ASN B 261 14.37 11.89 -10.99
C ASN B 261 14.02 13.33 -11.32
N LEU B 262 12.74 13.65 -11.27
CA LEU B 262 12.25 14.95 -11.69
C LEU B 262 12.01 15.90 -10.53
N ASP B 263 12.42 15.54 -9.33
CA ASP B 263 12.37 16.48 -8.22
C ASP B 263 13.47 17.52 -8.36
N SER B 264 13.12 18.77 -8.06
CA SER B 264 14.08 19.86 -8.23
C SER B 264 15.33 19.64 -7.39
N TRP B 265 15.16 19.14 -6.17
CA TRP B 265 16.28 18.98 -5.25
C TRP B 265 17.14 17.77 -5.56
N SER B 266 16.65 16.85 -6.39
CA SER B 266 17.38 15.64 -6.74
C SER B 266 17.28 15.38 -8.24
N HIS B 267 17.33 16.45 -9.02
CA HIS B 267 17.08 16.33 -10.45
C HIS B 267 18.22 15.60 -11.14
N ARG B 268 17.89 14.50 -11.80
CA ARG B 268 18.88 13.70 -12.52
C ARG B 268 18.11 12.90 -13.58
N CYS B 269 18.17 13.37 -14.82
CA CYS B 269 17.53 12.70 -15.96
C CYS B 269 18.58 12.60 -17.07
N GLN B 270 19.34 11.51 -17.04
CA GLN B 270 20.40 11.23 -17.99
C GLN B 270 20.22 9.85 -18.58
N PRO B 271 20.60 9.66 -19.85
CA PRO B 271 20.51 8.32 -20.43
C PRO B 271 21.73 7.46 -20.15
N LYS B 272 21.46 6.18 -19.94
CA LYS B 272 22.49 5.15 -19.81
C LYS B 272 22.39 4.24 -21.04
N TYR B 273 23.50 4.11 -21.76
CA TYR B 273 23.55 3.34 -22.98
C TYR B 273 24.13 1.95 -22.72
N SER B 274 23.53 0.94 -23.33
CA SER B 274 24.00 -0.42 -23.23
C SER B 274 23.69 -1.14 -24.53
N PHE B 275 24.30 -2.31 -24.71
CA PHE B 275 24.18 -3.04 -25.95
C PHE B 275 23.89 -4.51 -25.67
N ARG B 276 23.06 -5.10 -26.53
CA ARG B 276 22.63 -6.48 -26.35
C ARG B 276 22.31 -7.10 -27.71
N ARG B 277 22.98 -8.19 -28.03
CA ARG B 277 22.59 -8.94 -29.23
C ARG B 277 21.20 -9.50 -29.04
N LEU B 278 20.34 -9.31 -30.04
CA LEU B 278 18.94 -9.71 -29.96
C LEU B 278 18.62 -10.96 -30.78
N ASP B 279 19.48 -11.32 -31.72
CA ASP B 279 19.31 -12.52 -32.52
C ASP B 279 20.11 -13.66 -31.91
N ASP B 280 19.49 -14.83 -31.85
CA ASP B 280 20.15 -15.99 -31.28
C ASP B 280 21.36 -16.39 -32.13
N LYS B 281 22.50 -16.56 -31.46
CA LYS B 281 23.72 -16.97 -32.15
C LYS B 281 23.58 -18.34 -32.79
N TYR B 282 22.92 -19.27 -32.11
CA TYR B 282 22.86 -20.67 -32.50
C TYR B 282 21.51 -21.05 -33.08
N THR B 283 20.86 -20.11 -33.75
CA THR B 283 19.64 -20.42 -34.48
C THR B 283 19.89 -21.52 -35.51
N ASN B 284 18.97 -22.48 -35.56
CA ASN B 284 19.12 -23.59 -36.49
C ASN B 284 19.07 -23.10 -37.94
N GLU B 285 19.86 -23.74 -38.79
CA GLU B 285 19.93 -23.34 -40.19
C GLU B 285 18.55 -23.32 -40.84
N SER B 286 17.65 -24.18 -40.38
CA SER B 286 16.29 -24.19 -40.90
C SER B 286 15.49 -22.98 -40.46
N LEU B 287 15.91 -22.30 -39.39
CA LEU B 287 15.18 -21.19 -38.83
C LEU B 287 15.74 -19.84 -39.27
N PHE B 288 16.43 -19.79 -40.39
CA PHE B 288 16.88 -18.54 -40.99
C PHE B 288 17.79 -17.77 -40.04
N PRO B 289 19.01 -18.27 -39.81
CA PRO B 289 19.94 -17.58 -38.93
C PRO B 289 20.33 -16.21 -39.46
N GLY B 290 20.65 -15.32 -38.55
CA GLY B 290 21.11 -14.01 -38.92
C GLY B 290 19.97 -13.05 -39.21
N TYR B 291 20.25 -12.14 -40.12
CA TYR B 291 19.29 -11.15 -40.57
C TYR B 291 19.59 -10.79 -42.01
N ASN B 292 18.59 -10.95 -42.87
CA ASN B 292 18.69 -10.56 -44.26
C ASN B 292 17.29 -10.27 -44.76
N PHE B 293 17.22 -9.53 -45.84
CA PHE B 293 15.98 -9.39 -46.58
C PHE B 293 16.28 -9.32 -48.06
N ARG B 294 15.30 -9.65 -48.86
CA ARG B 294 15.43 -9.63 -50.31
C ARG B 294 14.76 -8.37 -50.85
N TYR B 295 15.52 -7.60 -51.62
CA TYR B 295 15.05 -6.36 -52.22
C TYR B 295 15.07 -6.49 -53.74
N ALA B 296 13.96 -6.14 -54.37
CA ALA B 296 13.81 -6.27 -55.82
C ALA B 296 13.81 -4.89 -56.46
N LYS B 297 14.65 -4.72 -57.48
CA LYS B 297 14.67 -3.50 -58.30
C LYS B 297 14.14 -3.88 -59.67
N TYR B 298 12.94 -3.42 -59.99
CA TYR B 298 12.28 -3.77 -61.24
C TYR B 298 12.60 -2.73 -62.31
N TYR B 299 12.76 -3.20 -63.54
CA TYR B 299 13.07 -2.32 -64.67
C TYR B 299 12.66 -3.05 -65.95
N LYS B 300 12.83 -2.36 -67.07
CA LYS B 300 12.51 -2.90 -68.39
C LYS B 300 13.77 -2.89 -69.25
N GLU B 301 14.10 -4.05 -69.82
CA GLU B 301 15.22 -4.18 -70.75
C GLU B 301 14.68 -4.77 -72.04
N ASN B 302 14.91 -4.07 -73.15
CA ASN B 302 14.33 -4.44 -74.44
C ASN B 302 12.81 -4.44 -74.28
N GLY B 303 12.11 -5.52 -74.55
CA GLY B 303 10.68 -5.59 -74.29
C GLY B 303 10.36 -6.51 -73.15
N MET B 304 11.31 -6.72 -72.25
CA MET B 304 11.21 -7.69 -71.17
C MET B 304 11.23 -6.97 -69.83
N GLU B 305 10.29 -7.33 -68.96
CA GLU B 305 10.25 -6.79 -67.60
C GLU B 305 11.15 -7.64 -66.72
N LYS B 306 12.23 -7.06 -66.18
CA LYS B 306 13.23 -7.82 -65.38
C LYS B 306 13.30 -7.29 -63.94
N ARG B 307 14.15 -7.87 -63.09
CA ARG B 307 14.36 -7.38 -61.71
C ARG B 307 15.75 -7.79 -61.22
N THR B 308 16.43 -6.96 -60.44
CA THR B 308 17.73 -7.32 -59.82
C THR B 308 17.45 -7.65 -58.35
N LEU B 309 17.59 -8.91 -57.95
CA LEU B 309 17.30 -9.33 -56.59
C LEU B 309 18.57 -9.22 -55.76
N ILE B 310 18.51 -8.43 -54.70
CA ILE B 310 19.60 -8.29 -53.75
C ILE B 310 19.16 -8.93 -52.45
N LYS B 311 19.79 -10.03 -52.09
CA LYS B 311 19.67 -10.59 -50.75
C LYS B 311 20.67 -9.84 -49.89
N ALA B 312 20.18 -8.87 -49.14
CA ALA B 312 21.00 -8.02 -48.31
C ALA B 312 21.05 -8.58 -46.89
N PHE B 313 22.23 -9.00 -46.48
CA PHE B 313 22.51 -9.37 -45.10
C PHE B 313 23.11 -8.17 -44.39
N GLY B 314 22.71 -7.99 -43.15
CA GLY B 314 23.27 -6.91 -42.38
C GLY B 314 22.76 -6.94 -40.97
N VAL B 315 23.10 -5.89 -40.24
CA VAL B 315 22.74 -5.76 -38.84
C VAL B 315 21.59 -4.79 -38.74
N ARG B 316 20.46 -5.27 -38.22
CA ARG B 316 19.37 -4.40 -37.81
C ARG B 316 19.66 -3.95 -36.39
N PHE B 317 19.75 -2.64 -36.20
CA PHE B 317 20.01 -2.05 -34.91
C PHE B 317 18.67 -1.58 -34.34
N ASP B 318 18.21 -2.24 -33.29
CA ASP B 318 16.97 -1.87 -32.62
C ASP B 318 17.33 -0.95 -31.46
N ILE B 319 16.82 0.28 -31.50
CA ILE B 319 17.06 1.23 -30.43
C ILE B 319 15.94 1.08 -29.42
N LEU B 320 16.28 0.58 -28.24
CA LEU B 320 15.30 0.28 -27.20
C LEU B 320 15.42 1.31 -26.10
N VAL B 321 14.37 2.11 -25.93
CA VAL B 321 14.35 3.22 -25.00
C VAL B 321 13.29 2.92 -23.95
N PHE B 322 13.71 2.92 -22.70
CA PHE B 322 12.84 2.56 -21.59
C PHE B 322 13.28 3.32 -20.36
N GLY B 323 12.37 3.46 -19.42
CA GLY B 323 12.67 4.12 -18.17
C GLY B 323 11.44 4.76 -17.58
N THR B 324 11.61 5.27 -16.38
CA THR B 324 10.55 5.89 -15.61
C THR B 324 11.03 7.22 -15.07
N GLY B 325 10.09 8.16 -14.96
CA GLY B 325 10.35 9.43 -14.33
C GLY B 325 9.58 9.51 -13.03
N GLY B 326 10.30 9.79 -11.96
CA GLY B 326 9.73 9.85 -10.63
C GLY B 326 9.60 11.30 -10.17
N LYS B 327 8.42 11.63 -9.67
CA LYS B 327 8.19 12.95 -9.09
C LYS B 327 7.43 12.78 -7.79
N PHE B 328 7.82 13.58 -6.79
CA PHE B 328 7.17 13.50 -5.48
C PHE B 328 5.65 13.60 -5.62
N ASP B 329 4.96 12.67 -4.99
CA ASP B 329 3.50 12.68 -4.90
C ASP B 329 3.11 12.49 -3.44
N ILE B 330 2.30 13.42 -2.93
CA ILE B 330 1.93 13.38 -1.51
C ILE B 330 1.07 12.16 -1.22
N ILE B 331 0.20 11.78 -2.16
CA ILE B 331 -0.67 10.64 -1.93
C ILE B 331 0.12 9.34 -1.86
N GLN B 332 1.13 9.19 -2.71
CA GLN B 332 1.98 7.99 -2.64
C GLN B 332 2.70 7.90 -1.30
N LEU B 333 3.25 9.03 -0.84
CA LEU B 333 3.91 9.07 0.46
C LEU B 333 2.95 8.73 1.58
N VAL B 334 1.74 9.29 1.54
CA VAL B 334 0.74 9.06 2.58
C VAL B 334 0.34 7.59 2.61
N VAL B 335 0.13 7.00 1.43
CA VAL B 335 -0.22 5.59 1.36
C VAL B 335 0.90 4.72 1.90
N TYR B 336 2.15 5.05 1.57
CA TYR B 336 3.26 4.27 2.09
C TYR B 336 3.38 4.38 3.61
N ILE B 337 3.25 5.60 4.13
CA ILE B 337 3.35 5.79 5.57
C ILE B 337 2.22 5.05 6.28
N GLY B 338 1.02 5.09 5.72
CA GLY B 338 -0.08 4.34 6.29
C GLY B 338 0.17 2.84 6.25
N SER B 339 0.75 2.36 5.16
CA SER B 339 1.06 0.94 5.03
C SER B 339 2.08 0.51 6.08
N THR B 340 3.01 1.39 6.41
CA THR B 340 4.07 1.02 7.34
C THR B 340 3.79 1.39 8.79
N LEU B 341 2.71 2.13 9.06
CA LEU B 341 2.44 2.58 10.43
C LEU B 341 2.25 1.40 11.37
N SER B 342 1.54 0.36 10.92
CA SER B 342 1.27 -0.77 11.79
C SER B 342 2.53 -1.52 12.23
N TYR B 343 3.64 -1.32 11.54
CA TYR B 343 4.88 -1.99 11.95
C TYR B 343 5.46 -1.40 13.22
N PHE B 344 4.99 -0.22 13.64
CA PHE B 344 5.46 0.41 14.86
C PHE B 344 4.84 -0.20 16.12
N GLY B 345 3.87 -1.09 15.97
CA GLY B 345 3.38 -1.91 17.06
C GLY B 345 4.19 -3.15 17.33
N LEU B 346 5.31 -3.32 16.62
CA LEU B 346 6.15 -4.49 16.82
C LEU B 346 6.71 -4.53 18.24
N ALA B 347 7.17 -3.40 18.76
CA ALA B 347 7.73 -3.36 20.10
C ALA B 347 6.69 -3.79 21.14
N THR B 348 5.48 -3.25 21.02
CA THR B 348 4.42 -3.61 21.95
C THR B 348 4.07 -5.09 21.85
N VAL B 349 3.96 -5.60 20.62
CA VAL B 349 3.61 -7.01 20.44
C VAL B 349 4.68 -7.89 21.07
N CYS B 350 5.95 -7.58 20.82
CA CYS B 350 7.04 -8.42 21.31
C CYS B 350 7.13 -8.37 22.83
N ILE B 351 7.03 -7.18 23.42
CA ILE B 351 7.14 -7.06 24.87
C ILE B 351 5.95 -7.71 25.55
N ASP B 352 4.75 -7.55 24.98
CA ASP B 352 3.58 -8.22 25.54
C ASP B 352 3.71 -9.73 25.46
N LEU B 353 4.26 -10.24 24.35
CA LEU B 353 4.49 -11.68 24.25
C LEU B 353 5.49 -12.15 25.30
N ILE B 354 6.54 -11.36 25.53
CA ILE B 354 7.51 -11.71 26.56
C ILE B 354 6.84 -11.75 27.93
N ILE B 355 6.03 -10.74 28.24
CA ILE B 355 5.35 -10.70 29.53
C ILE B 355 4.41 -11.89 29.69
N ASN B 356 3.66 -12.21 28.64
CA ASN B 356 2.74 -13.34 28.71
C ASN B 356 3.48 -14.65 28.93
N THR B 357 4.57 -14.87 28.18
CA THR B 357 5.29 -16.13 28.28
C THR B 357 5.96 -16.28 29.64
N TYR B 358 6.64 -15.25 30.10
CA TYR B 358 7.35 -15.32 31.37
C TYR B 358 6.44 -15.14 32.57
N ALA B 359 5.13 -15.06 32.36
CA ALA B 359 4.18 -14.97 33.46
C ALA B 359 3.65 -16.34 33.83
N SER B 360 3.77 -17.27 32.89
CA SER B 360 3.32 -18.65 33.11
C SER B 360 4.05 -19.28 34.37
N THR B 361 3.35 -20.12 35.12
CA THR B 361 3.92 -20.72 36.32
C THR B 361 4.93 -21.81 35.97
N CYS B 362 4.71 -22.42 34.81
CA CYS B 362 5.57 -23.47 34.32
C CYS B 362 7.06 -23.10 34.28
N CYS B 363 7.32 -21.86 33.91
CA CYS B 363 8.66 -21.35 33.81
C CYS B 363 9.46 -21.51 35.10
N ARG B 364 8.76 -21.36 36.21
CA ARG B 364 9.37 -21.49 37.52
C ARG B 364 9.55 -22.96 37.88
N SER B 365 8.60 -23.79 37.43
CA SER B 365 8.63 -25.20 37.78
C SER B 365 9.73 -25.94 37.03
N ARG B 366 9.89 -25.67 35.73
CA ARG B 366 10.82 -26.41 34.89
C ARG B 366 11.93 -25.54 34.33
N VAL B 367 11.60 -24.42 33.70
CA VAL B 367 12.58 -23.66 32.94
C VAL B 367 13.61 -23.04 33.88
N TYR B 368 13.16 -22.38 34.93
CA TYR B 368 14.08 -21.65 35.80
C TYR B 368 15.08 -22.56 36.48
N PRO B 369 14.68 -23.68 37.09
CA PRO B 369 15.69 -24.58 37.69
C PRO B 369 16.74 -25.04 36.70
N SER B 370 16.32 -25.34 35.46
CA SER B 370 17.28 -25.75 34.44
C SER B 370 18.18 -24.61 34.02
N CYS B 371 17.61 -23.41 33.83
CA CYS B 371 18.35 -22.23 33.40
C CYS B 371 18.12 -21.13 34.44
N LYS B 372 18.99 -21.11 35.45
CA LYS B 372 18.88 -20.10 36.50
C LYS B 372 19.16 -18.70 35.98
N CYS B 373 19.73 -18.57 34.79
CA CYS B 373 20.05 -17.26 34.23
C CYS B 373 18.78 -16.45 33.99
N CYS B 374 17.70 -17.14 33.63
CA CYS B 374 16.44 -16.51 33.35
C CYS B 374 15.48 -16.44 34.52
N GLU B 375 16.07 -16.26 35.70
CA GLU B 375 15.30 -16.15 36.94
C GLU B 375 14.76 -14.74 37.17
N PRO B 376 15.55 -13.70 36.85
CA PRO B 376 15.08 -12.32 37.04
C PRO B 376 13.89 -11.96 36.15
N CYS B 377 13.55 -12.82 35.20
CA CYS B 377 12.41 -12.62 34.35
C CYS B 377 11.07 -13.02 34.97
N ALA B 378 11.12 -13.35 36.26
CA ALA B 378 9.93 -13.73 37.01
C ALA B 378 9.09 -12.51 37.34
N VAL B 379 9.69 -11.32 37.22
CA VAL B 379 8.95 -10.08 37.43
C VAL B 379 7.83 -9.92 36.42
N ASN B 380 7.81 -10.75 35.37
CA ASN B 380 6.74 -10.66 34.38
C ASN B 380 5.41 -11.14 34.94
N GLU B 381 5.44 -11.98 35.98
CA GLU B 381 4.19 -12.36 36.64
C GLU B 381 3.49 -11.15 37.24
N TYR B 382 4.26 -10.27 37.90
CA TYR B 382 3.70 -9.05 38.45
C TYR B 382 3.15 -8.16 37.34
N TYR B 383 3.89 -8.02 36.24
CA TYR B 383 3.42 -7.22 35.12
C TYR B 383 2.13 -7.77 34.55
N TYR B 384 2.04 -9.09 34.41
CA TYR B 384 0.83 -9.70 33.86
C TYR B 384 -0.36 -9.53 34.80
N ARG B 385 -0.14 -9.68 36.10
CA ARG B 385 -1.24 -9.48 37.04
C ARG B 385 -1.62 -8.02 37.18
N LYS B 386 -0.74 -7.11 36.80
CA LYS B 386 -1.07 -5.69 36.75
C LYS B 386 -1.63 -5.25 35.40
N LYS B 387 -1.52 -6.10 34.38
CA LYS B 387 -1.99 -5.78 33.04
C LYS B 387 -3.31 -6.47 32.69
N CYS B 388 -3.51 -7.69 33.14
CA CYS B 388 -4.64 -8.51 32.74
C CYS B 388 -5.55 -8.80 33.93
N GLU B 389 -6.85 -8.67 33.70
CA GLU B 389 -7.90 -8.99 34.68
C GLU B 389 -8.76 -10.09 34.08
N PRO B 390 -8.50 -11.35 34.41
CA PRO B 390 -9.35 -12.43 33.89
C PRO B 390 -10.77 -12.34 34.43
N ILE B 391 -11.73 -12.62 33.56
CA ILE B 391 -13.12 -12.75 33.94
C ILE B 391 -13.72 -13.87 33.12
N VAL B 392 -14.66 -14.59 33.72
CA VAL B 392 -15.33 -15.71 33.06
C VAL B 392 -16.73 -15.27 32.69
N GLU B 393 -17.28 -15.95 31.70
CA GLU B 393 -18.64 -15.65 31.26
C GLU B 393 -19.63 -16.03 32.36
N PRO B 394 -20.50 -15.13 32.79
CA PRO B 394 -21.51 -15.46 33.79
C PRO B 394 -22.69 -16.20 33.17
N LYS B 395 -22.84 -17.46 33.54
CA LYS B 395 -23.92 -18.30 33.06
C LYS B 395 -24.56 -19.03 34.23
N PRO B 396 -25.78 -19.53 34.06
CA PRO B 396 -26.47 -20.17 35.19
C PRO B 396 -25.70 -21.34 35.77
N THR B 397 -24.94 -22.06 34.95
CA THR B 397 -24.15 -23.17 35.45
C THR B 397 -22.95 -22.73 36.26
N LEU B 398 -22.60 -21.45 36.26
CA LEU B 398 -21.41 -20.97 36.92
C LEU B 398 -21.64 -20.93 38.43
N LYS B 399 -20.79 -21.65 39.17
CA LYS B 399 -20.85 -21.68 40.61
C LYS B 399 -19.43 -21.66 41.16
N TYR B 400 -19.27 -21.09 42.35
CA TYR B 400 -18.00 -21.11 43.05
C TYR B 400 -18.22 -21.68 44.44
N VAL B 401 -17.30 -22.54 44.86
CA VAL B 401 -17.35 -23.15 46.18
C VAL B 401 -15.98 -23.01 46.82
N SER B 402 -15.97 -23.01 48.15
CA SER B 402 -14.73 -22.86 48.91
C SER B 402 -14.77 -23.81 50.09
N PHE B 403 -13.67 -24.53 50.29
CA PHE B 403 -13.53 -25.46 51.39
C PHE B 403 -12.48 -24.95 52.36
N VAL B 404 -12.87 -24.85 53.63
CA VAL B 404 -11.99 -24.26 54.65
C VAL B 404 -10.70 -25.08 54.76
N ASP B 405 -10.81 -26.40 54.63
CA ASP B 405 -9.62 -27.24 54.65
C ASP B 405 -8.67 -26.91 53.51
N GLU B 406 -9.22 -26.67 52.31
CA GLU B 406 -8.40 -26.32 51.16
C GLU B 406 -8.03 -24.84 51.19
N PRO B 407 -6.96 -24.46 50.51
CA PRO B 407 -6.57 -23.04 50.47
C PRO B 407 -7.10 -22.26 49.27
N HIS B 408 -7.68 -22.93 48.29
CA HIS B 408 -8.11 -22.32 47.05
C HIS B 408 -9.63 -22.44 46.90
N ILE B 409 -10.14 -21.88 45.81
CA ILE B 409 -11.56 -21.90 45.49
C ILE B 409 -11.76 -22.81 44.28
N TRP B 410 -12.96 -23.32 44.12
CA TRP B 410 -13.28 -24.23 43.03
C TRP B 410 -14.44 -23.67 42.20
N MET B 411 -14.25 -23.62 40.89
CA MET B 411 -15.24 -23.13 39.95
C MET B 411 -15.87 -24.30 39.22
N VAL B 412 -17.19 -24.35 39.22
CA VAL B 412 -17.97 -25.40 38.58
C VAL B 412 -18.81 -24.77 37.49
N ASP B 413 -18.56 -25.16 36.25
CA ASP B 413 -19.28 -24.66 35.09
C ASP B 413 -20.21 -25.71 34.48
N GLN B 414 -20.34 -26.87 35.11
CA GLN B 414 -21.10 -27.99 34.56
C GLN B 414 -22.41 -28.12 35.29
N GLN B 415 -23.46 -28.48 34.55
CA GLN B 415 -24.77 -28.68 35.15
C GLN B 415 -24.72 -29.84 36.15
N LEU B 416 -25.50 -29.71 37.22
CA LEU B 416 -25.61 -30.75 38.23
C LEU B 416 -26.76 -31.67 37.84
N LEU B 417 -26.42 -32.81 37.25
CA LEU B 417 -27.41 -33.77 36.79
C LEU B 417 -27.75 -34.77 37.90
N GLY B 418 -28.16 -34.22 39.04
CA GLY B 418 -28.50 -35.01 40.21
C GLY B 418 -27.35 -35.32 41.13
N LYS B 419 -26.11 -35.12 40.67
CA LYS B 419 -24.95 -35.36 41.53
C LYS B 419 -24.74 -34.18 42.46
N SER B 420 -24.44 -34.48 43.72
CA SER B 420 -24.25 -33.43 44.72
C SER B 420 -23.09 -32.54 44.31
N LEU B 421 -23.25 -31.23 44.56
CA LEU B 421 -22.20 -30.28 44.21
C LEU B 421 -20.90 -30.60 44.92
N GLN B 422 -20.98 -31.18 46.12
CA GLN B 422 -19.78 -31.56 46.84
C GLN B 422 -18.91 -32.51 46.03
N ASP B 423 -19.50 -33.31 45.15
CA ASP B 423 -18.78 -34.32 44.40
C ASP B 423 -18.55 -33.95 42.94
N VAL B 424 -19.11 -32.82 42.48
CA VAL B 424 -19.11 -32.53 41.05
C VAL B 424 -17.76 -32.02 40.58
N LYS B 425 -16.97 -31.44 41.49
CA LYS B 425 -15.53 -31.29 41.27
C LYS B 425 -15.14 -30.47 40.05
N GLY B 426 -15.38 -29.18 40.05
CA GLY B 426 -14.91 -28.33 38.98
C GLY B 426 -13.43 -28.01 39.13
N GLN B 427 -13.00 -27.03 38.33
CA GLN B 427 -11.59 -26.63 38.30
C GLN B 427 -11.24 -25.80 39.52
N GLU B 428 -9.95 -25.48 39.64
CA GLU B 428 -9.43 -24.73 40.77
C GLU B 428 -9.05 -23.32 40.35
N VAL B 429 -9.45 -22.34 41.14
CA VAL B 429 -9.12 -20.93 40.95
C VAL B 429 -8.53 -20.42 42.25
N PRO B 430 -7.56 -19.51 42.21
CA PRO B 430 -6.99 -19.00 43.46
C PRO B 430 -7.92 -17.98 44.13
N ARG B 431 -7.86 -17.96 45.45
CA ARG B 431 -8.60 -16.94 46.18
C ARG B 431 -7.87 -15.60 46.09
N PRO B 432 -8.56 -14.52 45.73
CA PRO B 432 -7.86 -13.24 45.59
C PRO B 432 -7.31 -12.75 46.92
N GLN B 433 -6.25 -11.96 46.84
CA GLN B 433 -5.67 -11.36 48.03
C GLN B 433 -6.60 -10.27 48.54
N THR B 434 -6.92 -10.33 49.83
CA THR B 434 -7.82 -9.35 50.43
C THR B 434 -7.12 -7.99 50.54
N ASP B 435 -7.92 -6.94 50.49
CA ASP B 435 -7.38 -5.59 50.63
C ASP B 435 -6.91 -5.40 52.06
N PHE B 436 -5.60 -5.47 52.28
CA PHE B 436 -5.06 -5.32 53.63
C PHE B 436 -5.37 -3.92 54.18
N LEU B 437 -5.44 -2.93 53.29
CA LEU B 437 -5.79 -1.58 53.73
C LEU B 437 -7.18 -1.55 54.35
N GLU B 438 -8.12 -2.31 53.79
CA GLU B 438 -9.46 -2.40 54.38
C GLU B 438 -9.46 -3.26 55.63
N LEU B 439 -8.51 -4.20 55.73
CA LEU B 439 -8.41 -5.09 56.87
C LEU B 439 -7.50 -4.56 57.96
N SER B 440 -7.26 -3.26 58.02
CA SER B 440 -6.45 -2.66 59.07
C SER B 440 -7.28 -2.30 60.29
N ARG B 441 -8.56 -2.60 60.29
CA ARG B 441 -9.44 -2.30 61.41
C ARG B 441 -9.35 -3.42 62.44
N LEU B 442 -10.24 -3.41 63.43
CA LEU B 442 -10.27 -4.45 64.46
C LEU B 442 -10.44 -5.83 63.83
N ASP B 472 -27.59 -38.66 62.30
CA ASP B 472 -27.87 -38.96 60.89
C ASP B 472 -27.47 -37.80 60.00
N SER B 473 -26.18 -37.43 60.06
CA SER B 473 -25.70 -36.35 59.23
C SER B 473 -25.68 -36.76 57.76
N PRO B 474 -25.78 -35.80 56.85
CA PRO B 474 -25.76 -36.16 55.42
C PRO B 474 -24.47 -36.86 55.04
N ASP B 475 -24.59 -37.76 54.05
CA ASP B 475 -23.43 -38.54 53.62
C ASP B 475 -22.34 -37.64 53.05
N TRP B 476 -22.73 -36.67 52.22
CA TRP B 476 -21.77 -35.75 51.64
C TRP B 476 -21.20 -34.76 52.64
N CYS B 477 -21.81 -34.63 53.82
CA CYS B 477 -21.30 -33.71 54.82
C CYS B 477 -20.06 -34.27 55.49
N GLN B 478 -19.25 -33.36 56.03
CA GLN B 478 -18.02 -33.75 56.73
C GLN B 478 -17.81 -32.91 57.98
N CYS B 479 -18.86 -32.28 58.50
CA CYS B 479 -18.72 -31.42 59.67
C CYS B 479 -19.80 -31.60 60.72
N GLY B 480 -20.86 -32.36 60.45
CA GLY B 480 -21.88 -32.64 61.43
C GLY B 480 -22.91 -31.54 61.62
N ASN B 481 -22.92 -30.53 60.75
CA ASN B 481 -23.87 -29.43 60.85
C ASN B 481 -24.71 -29.24 59.61
N CYS B 482 -24.33 -29.83 58.49
CA CYS B 482 -25.10 -29.69 57.26
C CYS B 482 -26.42 -30.43 57.36
N LEU B 483 -27.48 -29.81 56.85
CA LEU B 483 -28.81 -30.38 56.86
C LEU B 483 -29.28 -30.64 55.44
N PRO B 484 -30.19 -31.60 55.24
CA PRO B 484 -30.74 -31.83 53.90
C PRO B 484 -31.43 -30.59 53.36
N SER B 485 -31.30 -30.38 52.06
CA SER B 485 -31.90 -29.23 51.42
C SER B 485 -33.41 -29.39 51.32
N GLN B 486 -34.13 -28.29 51.50
CA GLN B 486 -35.57 -28.24 51.36
C GLN B 486 -36.02 -27.85 49.95
N LEU B 487 -35.08 -27.68 49.03
CA LEU B 487 -35.42 -27.31 47.67
C LEU B 487 -36.02 -28.51 46.93
N PRO B 488 -36.67 -28.27 45.79
CA PRO B 488 -37.18 -29.39 45.00
C PRO B 488 -36.05 -30.34 44.60
N GLU B 489 -36.39 -31.63 44.57
CA GLU B 489 -35.39 -32.65 44.31
C GLU B 489 -34.59 -32.36 43.04
N ASN B 490 -35.27 -31.94 41.98
CA ASN B 490 -34.60 -31.74 40.69
C ASN B 490 -33.41 -30.80 40.82
N ARG B 491 -33.47 -29.84 41.74
CA ARG B 491 -32.39 -28.89 41.97
C ARG B 491 -31.88 -28.95 43.41
N ARG B 492 -32.00 -30.12 44.05
CA ARG B 492 -31.54 -30.24 45.43
C ARG B 492 -30.02 -30.34 45.52
N ALA B 493 -29.38 -30.84 44.48
CA ALA B 493 -27.93 -31.01 44.50
C ALA B 493 -27.19 -29.69 44.57
N LEU B 494 -27.85 -28.58 44.23
CA LEU B 494 -27.19 -27.29 44.29
C LEU B 494 -26.76 -26.95 45.71
N GLU B 495 -27.62 -27.22 46.69
CA GLU B 495 -27.35 -26.89 48.08
C GLU B 495 -26.65 -28.02 48.83
N GLU B 496 -26.37 -29.14 48.16
CA GLU B 496 -25.74 -30.29 48.80
C GLU B 496 -24.22 -30.08 48.82
N LEU B 497 -23.81 -29.13 49.66
CA LEU B 497 -22.41 -28.73 49.76
C LEU B 497 -22.02 -28.59 51.22
N CYS B 498 -20.85 -29.11 51.54
CA CYS B 498 -20.29 -29.03 52.88
C CYS B 498 -19.20 -27.97 52.92
N CYS B 499 -18.99 -27.40 54.11
CA CYS B 499 -17.96 -26.39 54.29
C CYS B 499 -16.54 -26.92 54.09
N ARG B 500 -16.35 -28.24 54.07
CA ARG B 500 -15.04 -28.81 53.93
C ARG B 500 -15.14 -30.13 53.16
N ARG B 501 -14.05 -30.50 52.50
CA ARG B 501 -14.01 -31.76 51.76
C ARG B 501 -13.82 -32.95 52.68
N LYS B 502 -13.04 -32.80 53.74
CA LYS B 502 -12.67 -33.87 54.64
C LYS B 502 -13.21 -33.61 56.03
N PRO B 503 -13.36 -34.65 56.85
CA PRO B 503 -13.92 -34.46 58.20
C PRO B 503 -13.09 -33.49 59.01
N GLY B 504 -13.77 -32.70 59.83
CA GLY B 504 -13.10 -31.72 60.66
C GLY B 504 -14.11 -30.81 61.32
N GLN B 505 -13.59 -29.78 61.97
CA GLN B 505 -14.44 -28.79 62.64
C GLN B 505 -15.12 -27.91 61.61
N CYS B 506 -16.38 -27.59 61.89
CA CYS B 506 -17.14 -26.72 60.99
C CYS B 506 -16.62 -25.30 61.03
N ILE B 507 -16.71 -24.62 59.89
CA ILE B 507 -16.34 -23.22 59.82
C ILE B 507 -17.26 -22.37 60.69
N THR B 508 -18.49 -22.85 60.92
CA THR B 508 -19.42 -22.09 61.75
C THR B 508 -18.91 -21.92 63.17
N THR B 509 -18.09 -22.86 63.64
CA THR B 509 -17.57 -22.78 65.00
C THR B 509 -16.51 -21.71 65.16
N SER B 510 -15.98 -21.18 64.06
CA SER B 510 -14.99 -20.12 64.15
C SER B 510 -15.61 -18.87 64.74
N GLU B 511 -14.78 -18.12 65.49
CA GLU B 511 -15.27 -16.90 66.13
C GLU B 511 -15.67 -15.87 65.10
N LEU B 512 -14.92 -15.77 64.00
CA LEU B 512 -15.21 -14.77 62.98
C LEU B 512 -16.57 -14.99 62.33
N PHE B 513 -17.06 -16.23 62.33
CA PHE B 513 -18.33 -16.49 61.68
C PHE B 513 -19.47 -15.74 62.35
N SER B 514 -19.48 -15.72 63.69
CA SER B 514 -20.54 -15.02 64.40
C SER B 514 -20.49 -13.52 64.14
N LYS B 515 -19.29 -12.94 64.14
CA LYS B 515 -19.18 -11.50 64.00
C LYS B 515 -19.48 -11.06 62.56
N ILE B 516 -18.89 -11.75 61.58
CA ILE B 516 -19.06 -11.36 60.19
C ILE B 516 -20.48 -11.65 59.72
N VAL B 517 -21.01 -12.81 60.07
CA VAL B 517 -22.23 -13.34 59.46
C VAL B 517 -23.41 -13.23 60.42
N LEU B 518 -23.29 -13.75 61.64
CA LEU B 518 -24.41 -13.87 62.55
C LEU B 518 -24.55 -12.70 63.51
N SER B 519 -23.74 -11.65 63.37
CA SER B 519 -23.87 -10.46 64.20
C SER B 519 -24.99 -9.60 63.63
N ARG B 520 -26.10 -9.50 64.37
CA ARG B 520 -27.22 -8.68 63.92
C ARG B 520 -26.83 -7.21 63.85
N GLU B 521 -25.99 -6.74 64.77
CA GLU B 521 -25.60 -5.34 64.77
C GLU B 521 -24.86 -4.97 63.49
N ALA B 522 -23.91 -5.82 63.06
CA ALA B 522 -23.15 -5.53 61.85
C ALA B 522 -24.04 -5.51 60.61
N LEU B 523 -24.95 -6.49 60.51
CA LEU B 523 -25.85 -6.53 59.37
C LEU B 523 -26.78 -5.33 59.36
N GLN B 524 -27.25 -4.91 60.54
CA GLN B 524 -28.08 -3.72 60.61
C GLN B 524 -27.31 -2.48 60.20
N LEU B 525 -26.04 -2.38 60.62
CA LEU B 525 -25.22 -1.26 60.21
C LEU B 525 -25.02 -1.23 58.70
N LEU B 526 -24.81 -2.40 58.09
CA LEU B 526 -24.70 -2.47 56.64
C LEU B 526 -26.00 -2.05 55.97
N LEU B 527 -27.13 -2.49 56.52
CA LEU B 527 -28.43 -2.07 55.98
C LEU B 527 -28.58 -0.56 56.02
N LEU B 528 -28.22 0.04 57.15
CA LEU B 528 -28.30 1.49 57.28
C LEU B 528 -27.37 2.17 56.30
N TYR B 529 -26.16 1.64 56.13
CA TYR B 529 -25.23 2.20 55.17
C TYR B 529 -25.83 2.19 53.77
N GLN B 530 -26.46 1.08 53.38
CA GLN B 530 -27.14 1.02 52.10
C GLN B 530 -28.42 1.85 52.11
N GLU B 531 -29.21 1.72 53.17
CA GLU B 531 -30.50 2.42 53.30
C GLU B 531 -30.55 3.11 54.66
N PRO B 532 -30.11 4.37 54.73
CA PRO B 532 -30.02 5.01 56.06
C PRO B 532 -31.34 5.06 56.81
N LEU B 533 -32.46 5.24 56.12
CA LEU B 533 -33.76 5.35 56.75
C LEU B 533 -34.55 4.05 56.65
N LEU B 534 -33.87 2.92 56.67
CA LEU B 534 -34.55 1.62 56.58
C LEU B 534 -35.36 1.39 57.85
N ALA B 535 -36.59 0.90 57.66
CA ALA B 535 -37.49 0.59 58.78
C ALA B 535 -37.27 -0.85 59.21
N LEU B 536 -36.78 -1.04 60.43
CA LEU B 536 -36.49 -2.38 60.96
C LEU B 536 -37.77 -2.97 61.56
N GLU B 537 -38.71 -3.27 60.67
CA GLU B 537 -39.99 -3.83 61.07
C GLU B 537 -40.50 -4.74 59.96
N GLY B 538 -41.43 -5.62 60.33
CA GLY B 538 -41.99 -6.55 59.37
C GLY B 538 -41.14 -7.78 59.19
N GLU B 539 -41.59 -8.66 58.30
CA GLU B 539 -40.87 -9.89 57.99
C GLU B 539 -39.77 -9.68 56.96
N ALA B 540 -39.69 -8.50 56.33
CA ALA B 540 -38.66 -8.26 55.33
C ALA B 540 -37.30 -8.02 55.96
N ILE B 541 -37.25 -7.57 57.22
CA ILE B 541 -35.97 -7.31 57.86
C ILE B 541 -35.17 -8.60 57.99
N ASN B 542 -35.84 -9.69 58.35
CA ASN B 542 -35.15 -10.98 58.44
C ASN B 542 -34.60 -11.41 57.10
N SER B 543 -35.37 -11.24 56.03
CA SER B 543 -34.90 -11.59 54.70
C SER B 543 -33.69 -10.75 54.31
N LYS B 544 -33.74 -9.46 54.61
CA LYS B 544 -32.62 -8.59 54.29
C LYS B 544 -31.37 -8.96 55.06
N LEU B 545 -31.52 -9.28 56.35
CA LEU B 545 -30.39 -9.73 57.14
C LEU B 545 -29.82 -11.03 56.59
N ARG B 546 -30.70 -11.94 56.15
CA ARG B 546 -30.22 -13.19 55.56
C ARG B 546 -29.42 -12.92 54.30
N HIS B 547 -29.93 -12.04 53.44
CA HIS B 547 -29.22 -11.72 52.21
C HIS B 547 -27.86 -11.11 52.52
N CYS B 548 -27.81 -10.20 53.49
CA CYS B 548 -26.54 -9.55 53.82
C CYS B 548 -25.57 -10.54 54.47
N ALA B 549 -26.08 -11.48 55.26
CA ALA B 549 -25.22 -12.52 55.83
C ALA B 549 -24.64 -13.42 54.74
N TYR B 550 -25.46 -13.80 53.76
CA TYR B 550 -24.96 -14.55 52.63
C TYR B 550 -23.87 -13.78 51.90
N ARG B 551 -24.13 -12.49 51.63
CA ARG B 551 -23.13 -11.67 50.95
C ARG B 551 -21.85 -11.57 51.77
N SER B 552 -21.97 -11.45 53.09
CA SER B 552 -20.80 -11.30 53.94
C SER B 552 -19.96 -12.57 53.94
N TYR B 553 -20.60 -13.73 54.07
CA TYR B 553 -19.85 -14.98 53.97
C TYR B 553 -19.20 -15.13 52.61
N ALA B 554 -19.94 -14.83 51.55
CA ALA B 554 -19.41 -14.96 50.21
C ALA B 554 -18.22 -14.04 50.00
N THR B 555 -18.29 -12.81 50.51
CA THR B 555 -17.18 -11.89 50.38
C THR B 555 -15.98 -12.34 51.20
N TRP B 556 -16.24 -12.88 52.34
CA TRP B 556 -15.17 -13.32 53.23
C TRP B 556 -14.43 -14.54 52.65
N ARG B 557 -15.18 -15.51 52.11
CA ARG B 557 -14.58 -16.75 51.64
C ARG B 557 -14.21 -16.71 50.16
N PHE B 558 -14.52 -15.63 49.45
CA PHE B 558 -14.16 -15.51 48.04
C PHE B 558 -13.57 -14.16 47.68
N VAL B 559 -13.68 -13.14 48.54
CA VAL B 559 -13.05 -11.85 48.31
C VAL B 559 -13.64 -11.17 47.09
N SER B 560 -13.34 -11.71 45.91
CA SER B 560 -13.80 -11.09 44.67
C SER B 560 -15.31 -11.04 44.62
N GLN B 561 -15.85 -9.88 44.24
CA GLN B 561 -17.29 -9.75 44.10
C GLN B 561 -17.81 -10.59 42.93
N ASP B 562 -16.99 -10.72 41.83
CA ASP B 562 -17.38 -11.54 40.69
C ASP B 562 -17.53 -13.00 41.08
N MET B 563 -16.63 -13.52 41.92
CA MET B 563 -16.76 -14.89 42.41
C MET B 563 -17.80 -14.99 43.51
N ALA B 564 -17.95 -13.95 44.34
CA ALA B 564 -18.92 -13.98 45.42
C ALA B 564 -20.35 -13.98 44.88
N ASP B 565 -20.58 -13.36 43.72
CA ASP B 565 -21.93 -13.27 43.17
C ASP B 565 -22.44 -14.65 42.77
N PHE B 566 -21.57 -15.51 42.27
CA PHE B 566 -21.94 -16.88 41.91
C PHE B 566 -21.42 -17.90 42.90
N ALA B 567 -20.99 -17.48 44.09
CA ALA B 567 -20.58 -18.42 45.11
C ALA B 567 -21.78 -19.20 45.62
N ILE B 568 -21.50 -20.34 46.22
CA ILE B 568 -22.52 -21.19 46.82
C ILE B 568 -22.16 -21.40 48.27
N LEU B 569 -23.08 -21.08 49.15
CA LEU B 569 -22.85 -21.24 50.57
C LEU B 569 -22.99 -22.72 50.96
N PRO B 570 -22.21 -23.16 51.94
CA PRO B 570 -22.41 -24.52 52.46
C PRO B 570 -23.74 -24.64 53.19
N SER B 571 -24.24 -25.87 53.25
CA SER B 571 -25.52 -26.09 53.92
C SER B 571 -25.46 -25.71 55.39
N CYS B 572 -24.34 -26.00 56.05
CA CYS B 572 -24.23 -25.70 57.47
C CYS B 572 -24.33 -24.21 57.73
N CYS B 573 -23.51 -23.43 57.04
CA CYS B 573 -23.54 -21.97 57.20
C CYS B 573 -24.88 -21.40 56.75
N ARG B 574 -25.40 -21.90 55.63
CA ARG B 574 -26.70 -21.45 55.14
C ARG B 574 -27.78 -21.62 56.19
N TRP B 575 -27.86 -22.81 56.79
CA TRP B 575 -28.92 -23.08 57.74
C TRP B 575 -28.69 -22.39 59.07
N LYS B 576 -27.43 -22.22 59.48
CA LYS B 576 -27.16 -21.41 60.65
C LYS B 576 -27.64 -19.98 60.46
N ILE B 577 -27.38 -19.41 59.28
CA ILE B 577 -27.88 -18.07 58.97
C ILE B 577 -29.39 -18.06 58.98
N ARG B 578 -30.01 -19.06 58.35
CA ARG B 578 -31.45 -19.09 58.23
C ARG B 578 -32.15 -19.28 59.57
N LYS B 579 -31.52 -19.96 60.52
CA LYS B 579 -32.10 -20.08 61.85
C LYS B 579 -31.81 -18.88 62.73
N GLU B 580 -30.68 -18.19 62.49
CA GLU B 580 -30.46 -16.91 63.16
C GLU B 580 -31.51 -15.89 62.75
N PHE B 581 -31.99 -15.96 61.51
CA PHE B 581 -33.04 -15.08 61.01
C PHE B 581 -34.09 -15.95 60.34
N PRO B 582 -34.92 -16.65 61.12
CA PRO B 582 -35.89 -17.57 60.53
C PRO B 582 -36.91 -16.84 59.66
N LYS B 583 -37.36 -17.55 58.63
CA LYS B 583 -38.48 -17.11 57.81
C LYS B 583 -39.77 -17.63 58.42
N THR B 584 -40.76 -16.75 58.54
CA THR B 584 -41.95 -17.07 59.33
C THR B 584 -42.87 -18.05 58.60
N GLN B 585 -43.42 -17.63 57.46
CA GLN B 585 -44.48 -18.35 56.78
C GLN B 585 -44.19 -18.45 55.29
N GLY B 586 -42.98 -18.88 54.96
CA GLY B 586 -42.58 -19.01 53.57
C GLY B 586 -41.55 -20.10 53.41
N GLN B 587 -41.14 -20.31 52.15
CA GLN B 587 -40.13 -21.29 51.79
C GLN B 587 -38.94 -20.57 51.19
N TYR B 588 -37.74 -20.90 51.67
CA TYR B 588 -36.52 -20.29 51.15
C TYR B 588 -36.33 -20.62 49.68
N SER B 589 -35.95 -19.62 48.89
CA SER B 589 -35.78 -19.79 47.45
C SER B 589 -34.36 -20.22 47.09
N GLY B 590 -33.37 -19.87 47.89
CA GLY B 590 -32.00 -20.26 47.63
C GLY B 590 -31.32 -19.37 46.62
N PHE B 591 -30.19 -19.88 46.12
CA PHE B 591 -29.40 -19.15 45.14
C PHE B 591 -30.15 -19.01 43.82
N LYS B 592 -30.03 -17.83 43.21
CA LYS B 592 -30.65 -17.54 41.93
C LYS B 592 -29.62 -16.89 41.01
N TYR B 593 -29.78 -17.12 39.72
CA TYR B 593 -28.87 -16.58 38.72
C TYR B 593 -29.07 -15.07 38.59
N PRO B 594 -28.04 -14.25 38.84
CA PRO B 594 -28.24 -12.80 38.73
C PRO B 594 -28.69 -12.35 37.34
N TYR B 595 -28.18 -12.98 36.28
CA TYR B 595 -28.52 -12.57 34.92
C TYR B 595 -29.60 -13.47 34.35
N SER C 6 -5.48 -25.32 27.97
CA SER C 6 -5.40 -25.72 26.53
C SER C 6 -6.67 -25.37 25.79
N TRP C 7 -7.72 -26.17 25.99
CA TRP C 7 -9.00 -25.90 25.33
C TRP C 7 -9.54 -24.54 25.79
N ASN C 8 -9.48 -24.26 27.08
CA ASN C 8 -10.01 -23.00 27.59
C ASN C 8 -9.17 -21.82 27.14
N ASP C 9 -7.85 -21.99 27.06
CA ASP C 9 -6.97 -20.89 26.68
C ASP C 9 -7.26 -20.43 25.26
N VAL C 10 -7.67 -21.34 24.39
CA VAL C 10 -7.96 -20.97 23.01
C VAL C 10 -9.24 -20.15 22.95
N PHE C 11 -10.25 -20.53 23.75
CA PHE C 11 -11.57 -19.84 23.78
C PHE C 11 -11.50 -18.63 24.70
N GLN C 12 -10.62 -17.67 24.40
CA GLN C 12 -10.50 -16.46 25.19
C GLN C 12 -10.47 -15.26 24.27
N TYR C 13 -11.06 -14.17 24.74
CA TYR C 13 -10.99 -12.89 24.04
C TYR C 13 -10.49 -11.82 25.01
N GLU C 14 -9.46 -11.10 24.61
CA GLU C 14 -8.90 -10.01 25.39
C GLU C 14 -9.38 -8.70 24.82
N THR C 15 -10.00 -7.88 25.66
CA THR C 15 -10.44 -6.56 25.30
C THR C 15 -9.72 -5.53 26.15
N ASN C 16 -9.39 -4.40 25.53
CA ASN C 16 -8.68 -3.35 26.23
C ASN C 16 -9.58 -2.64 27.23
N LYS C 17 -9.05 -2.38 28.42
CA LYS C 17 -9.73 -1.52 29.37
C LYS C 17 -9.65 -0.08 28.91
N VAL C 18 -10.78 0.61 28.97
CA VAL C 18 -10.88 1.97 28.46
C VAL C 18 -11.51 2.85 29.53
N THR C 19 -11.06 4.09 29.56
CA THR C 19 -11.70 5.13 30.35
C THR C 19 -12.41 6.06 29.39
N ARG C 20 -13.73 6.21 29.58
CA ARG C 20 -14.55 7.07 28.74
C ARG C 20 -14.67 8.44 29.39
N ILE C 21 -14.22 9.48 28.70
CA ILE C 21 -14.25 10.84 29.19
C ILE C 21 -15.42 11.56 28.54
N GLN C 22 -16.30 12.11 29.38
CA GLN C 22 -17.39 12.96 28.91
C GLN C 22 -16.88 14.40 28.82
N SER C 23 -16.14 14.65 27.74
CA SER C 23 -15.57 15.95 27.46
C SER C 23 -16.09 16.45 26.12
N VAL C 24 -16.53 17.71 26.09
CA VAL C 24 -16.99 18.31 24.86
C VAL C 24 -15.80 18.55 23.92
N ASN C 25 -14.72 19.11 24.45
CA ASN C 25 -13.57 19.47 23.62
C ASN C 25 -12.92 18.23 23.01
N TYR C 26 -12.71 17.19 23.80
CA TYR C 26 -12.02 16.01 23.29
C TYR C 26 -12.88 15.25 22.30
N GLY C 27 -14.18 15.13 22.58
CA GLY C 27 -15.07 14.52 21.59
C GLY C 27 -15.11 15.30 20.29
N THR C 28 -15.18 16.63 20.37
CA THR C 28 -15.17 17.45 19.17
C THR C 28 -13.88 17.30 18.40
N ILE C 29 -12.75 17.29 19.09
CA ILE C 29 -11.46 17.12 18.42
C ILE C 29 -11.39 15.77 17.75
N LYS C 30 -11.85 14.72 18.45
CA LYS C 30 -11.82 13.38 17.90
C LYS C 30 -12.65 13.28 16.63
N TRP C 31 -13.84 13.86 16.66
CA TRP C 31 -14.72 13.76 15.50
C TRP C 31 -14.20 14.61 14.34
N ILE C 32 -13.65 15.78 14.64
CA ILE C 32 -13.05 16.62 13.60
C ILE C 32 -11.92 15.88 12.92
N LEU C 33 -11.06 15.24 13.71
CA LEU C 33 -9.93 14.53 13.14
C LEU C 33 -10.38 13.29 12.35
N HIS C 34 -11.37 12.56 12.87
CA HIS C 34 -11.89 11.42 12.12
C HIS C 34 -12.47 11.86 10.78
N MET C 35 -13.26 12.93 10.79
CA MET C 35 -13.85 13.42 9.55
C MET C 35 -12.78 13.93 8.60
N THR C 36 -11.76 14.60 9.11
CA THR C 36 -10.67 15.06 8.26
C THR C 36 -9.94 13.90 7.60
N VAL C 37 -9.63 12.86 8.38
CA VAL C 37 -8.93 11.70 7.85
C VAL C 37 -9.80 11.00 6.81
N PHE C 38 -11.08 10.80 7.12
CA PHE C 38 -11.98 10.15 6.20
C PHE C 38 -12.10 10.94 4.91
N SER C 39 -12.21 12.26 5.01
CA SER C 39 -12.37 13.10 3.84
C SER C 39 -11.12 13.04 2.96
N TYR C 40 -9.93 13.15 3.56
CA TYR C 40 -8.73 13.06 2.75
C TYR C 40 -8.58 11.70 2.10
N VAL C 41 -8.84 10.63 2.86
CA VAL C 41 -8.71 9.28 2.32
C VAL C 41 -9.66 9.05 1.17
N SER C 42 -10.92 9.46 1.32
CA SER C 42 -11.90 9.34 0.24
C SER C 42 -11.52 10.19 -0.95
N PHE C 43 -11.06 11.43 -0.71
CA PHE C 43 -10.64 12.29 -1.81
C PHE C 43 -9.50 11.67 -2.59
N ALA C 44 -8.50 11.13 -1.89
CA ALA C 44 -7.38 10.48 -2.58
C ALA C 44 -7.86 9.29 -3.37
N LEU C 45 -8.72 8.46 -2.78
CA LEU C 45 -9.24 7.30 -3.48
C LEU C 45 -9.97 7.70 -4.76
N MET C 46 -10.80 8.74 -4.69
CA MET C 46 -11.55 9.18 -5.87
C MET C 46 -10.65 9.83 -6.90
N SER C 47 -9.72 10.68 -6.46
CA SER C 47 -8.90 11.46 -7.38
C SER C 47 -7.92 10.56 -8.14
N ASP C 48 -7.23 9.69 -7.41
CA ASP C 48 -6.25 8.81 -8.04
C ASP C 48 -6.83 7.46 -8.45
N LYS C 49 -8.13 7.26 -8.23
CA LYS C 49 -8.80 6.00 -8.60
C LYS C 49 -8.04 4.82 -8.03
N LEU C 50 -7.64 4.92 -6.76
CA LEU C 50 -6.85 3.88 -6.14
C LEU C 50 -7.64 2.60 -5.93
N TYR C 51 -8.96 2.66 -6.13
CA TYR C 51 -9.78 1.45 -6.20
C TYR C 51 -9.66 0.75 -7.55
N GLN C 52 -9.07 1.40 -8.54
CA GLN C 52 -8.94 0.85 -9.88
C GLN C 52 -7.58 0.21 -10.07
N ARG C 53 -7.57 -0.94 -10.73
CA ARG C 53 -6.37 -1.46 -11.34
C ARG C 53 -6.20 -0.82 -12.71
N LYS C 54 -4.99 -0.33 -12.98
CA LYS C 54 -4.66 0.37 -14.22
C LYS C 54 -3.81 -0.52 -15.10
N GLU C 55 -4.20 -0.61 -16.37
CA GLU C 55 -3.50 -1.39 -17.37
C GLU C 55 -3.04 -0.48 -18.50
N PRO C 56 -1.79 -0.59 -18.93
CA PRO C 56 -1.36 0.15 -20.13
C PRO C 56 -2.03 -0.41 -21.38
N LEU C 57 -2.22 0.48 -22.35
CA LEU C 57 -2.84 0.10 -23.60
C LEU C 57 -1.81 -0.41 -24.60
N ILE C 58 -2.27 -1.29 -25.48
CA ILE C 58 -1.55 -1.66 -26.69
C ILE C 58 -2.27 -1.01 -27.86
N SER C 59 -1.50 -0.33 -28.71
CA SER C 59 -2.06 0.51 -29.77
C SER C 59 -1.61 0.05 -31.14
N SER C 60 -2.49 0.26 -32.11
CA SER C 60 -2.18 0.15 -33.53
C SER C 60 -2.65 1.43 -34.21
N VAL C 61 -1.78 1.99 -35.05
CA VAL C 61 -2.05 3.24 -35.75
C VAL C 61 -2.01 2.98 -37.25
N HIS C 62 -3.01 3.49 -37.94
CA HIS C 62 -3.07 3.46 -39.40
C HIS C 62 -3.32 4.88 -39.90
N THR C 63 -2.40 5.39 -40.71
CA THR C 63 -2.47 6.76 -41.22
C THR C 63 -2.73 6.77 -42.71
N LYS C 64 -3.42 7.81 -43.17
CA LYS C 64 -3.60 8.07 -44.58
C LYS C 64 -3.45 9.56 -44.85
N VAL C 65 -2.50 9.90 -45.70
CA VAL C 65 -2.24 11.28 -46.10
C VAL C 65 -2.98 11.55 -47.40
N LYS C 66 -3.70 12.67 -47.44
CA LYS C 66 -4.37 13.18 -48.62
C LYS C 66 -3.76 14.53 -49.00
N GLY C 67 -3.57 14.74 -50.28
CA GLY C 67 -3.09 15.99 -50.80
C GLY C 67 -2.23 15.84 -52.03
N VAL C 68 -2.26 16.87 -52.88
CA VAL C 68 -1.43 16.96 -54.07
C VAL C 68 -0.71 18.29 -54.01
N ALA C 69 0.57 18.29 -54.36
CA ALA C 69 1.40 19.48 -54.36
C ALA C 69 1.80 19.84 -55.79
N GLU C 70 1.57 21.09 -56.18
CA GLU C 70 2.11 21.61 -57.43
C GLU C 70 3.50 22.17 -57.18
N VAL C 71 4.47 21.74 -57.96
CA VAL C 71 5.86 22.16 -57.83
C VAL C 71 6.35 22.65 -59.18
N THR C 72 6.96 23.83 -59.20
CA THR C 72 7.57 24.40 -60.39
C THR C 72 9.05 24.63 -60.13
N GLU C 73 9.89 24.12 -61.03
CA GLU C 73 11.34 24.22 -60.89
C GLU C 73 11.96 24.53 -62.24
N ASN C 74 13.28 24.70 -62.24
CA ASN C 74 14.03 24.94 -63.47
C ASN C 74 15.27 24.05 -63.54
N LYS C 82 15.27 24.90 -68.80
CA LYS C 82 13.84 24.76 -69.05
C LYS C 82 13.05 24.84 -67.75
N LEU C 83 11.76 25.13 -67.88
CA LEU C 83 10.87 25.21 -66.72
C LEU C 83 10.02 23.94 -66.67
N VAL C 84 10.08 23.26 -65.52
CA VAL C 84 9.39 22.00 -65.33
C VAL C 84 8.32 22.20 -64.26
N HIS C 85 7.07 22.00 -64.63
CA HIS C 85 5.95 22.08 -63.71
C HIS C 85 5.34 20.70 -63.55
N GLY C 86 5.29 20.21 -62.31
CA GLY C 86 4.77 18.90 -62.03
C GLY C 86 3.90 18.89 -60.80
N ILE C 87 3.29 17.74 -60.54
CA ILE C 87 2.46 17.53 -59.36
C ILE C 87 2.98 16.30 -58.63
N PHE C 88 2.99 16.38 -57.31
CA PHE C 88 3.35 15.29 -56.43
C PHE C 88 2.09 14.78 -55.74
N ASP C 89 1.81 13.51 -55.91
CA ASP C 89 0.78 12.83 -55.15
C ASP C 89 1.44 11.98 -54.05
N THR C 90 0.61 11.31 -53.26
CA THR C 90 1.08 10.62 -52.07
C THR C 90 2.25 9.69 -52.37
N ALA C 91 2.21 8.98 -53.51
CA ALA C 91 3.30 8.10 -53.86
C ALA C 91 4.60 8.85 -54.15
N ASP C 92 4.52 10.15 -54.45
CA ASP C 92 5.69 10.94 -54.79
C ASP C 92 6.27 11.68 -53.60
N TYR C 93 5.56 11.77 -52.48
CA TYR C 93 6.04 12.51 -51.32
C TYR C 93 5.86 11.81 -49.99
N THR C 94 5.18 10.67 -49.93
CA THR C 94 4.82 10.04 -48.67
C THR C 94 5.58 8.74 -48.52
N LEU C 95 6.10 8.51 -47.32
CA LEU C 95 6.63 7.22 -46.93
C LEU C 95 5.58 6.52 -46.06
N PRO C 96 5.11 5.33 -46.43
CA PRO C 96 4.02 4.70 -45.68
C PRO C 96 4.36 4.52 -44.21
N LEU C 97 3.31 4.54 -43.38
CA LEU C 97 3.51 4.38 -41.95
C LEU C 97 4.24 3.09 -41.66
N GLN C 98 5.29 3.19 -40.84
CA GLN C 98 6.12 2.07 -40.46
C GLN C 98 6.39 2.22 -38.97
N GLY C 99 5.96 1.24 -38.20
CA GLY C 99 5.90 1.42 -36.76
C GLY C 99 4.70 2.29 -36.44
N ASN C 100 4.96 3.53 -36.02
CA ASN C 100 3.88 4.47 -35.74
C ASN C 100 4.22 5.87 -36.24
N SER C 101 4.96 5.96 -37.34
CA SER C 101 5.39 7.24 -37.88
C SER C 101 5.22 7.25 -39.40
N PHE C 102 4.88 8.43 -39.93
CA PHE C 102 4.81 8.64 -41.37
C PHE C 102 5.59 9.90 -41.72
N PHE C 103 6.15 9.89 -42.93
CA PHE C 103 7.00 10.97 -43.42
C PHE C 103 6.34 11.65 -44.60
N VAL C 104 6.38 12.98 -44.59
CA VAL C 104 5.90 13.80 -45.69
C VAL C 104 7.08 14.61 -46.19
N MET C 105 7.44 14.41 -47.46
CA MET C 105 8.48 15.21 -48.08
C MET C 105 7.98 16.63 -48.27
N THR C 106 8.80 17.59 -47.84
CA THR C 106 8.51 19.01 -47.99
C THR C 106 9.55 19.72 -48.84
N ASN C 107 10.69 19.10 -49.10
CA ASN C 107 11.74 19.70 -49.90
C ASN C 107 12.61 18.57 -50.40
N TYR C 108 13.36 18.85 -51.46
CA TYR C 108 14.21 17.81 -52.00
C TYR C 108 15.34 18.45 -52.79
N LEU C 109 16.48 17.79 -52.76
CA LEU C 109 17.58 18.03 -53.68
C LEU C 109 17.73 16.80 -54.57
N LYS C 110 17.77 17.01 -55.87
CA LYS C 110 17.88 15.93 -56.85
C LYS C 110 19.24 15.95 -57.52
N SER C 111 19.87 14.78 -57.60
CA SER C 111 21.11 14.58 -58.34
C SER C 111 20.90 13.41 -59.29
N GLU C 112 20.64 13.72 -60.56
CA GLU C 112 20.31 12.71 -61.56
C GLU C 112 21.55 12.20 -62.27
N GLY C 113 21.45 10.96 -62.74
CA GLY C 113 22.48 10.39 -63.60
C GLY C 113 23.83 10.22 -62.94
N GLN C 114 23.85 9.75 -61.71
CA GLN C 114 25.10 9.52 -61.00
C GLN C 114 25.76 8.25 -61.49
N GLU C 115 27.08 8.30 -61.62
CA GLU C 115 27.90 7.15 -61.99
C GLU C 115 29.02 7.04 -60.98
N GLN C 116 29.44 5.81 -60.67
CA GLN C 116 30.58 5.60 -59.78
C GLN C 116 31.84 5.96 -60.55
N LYS C 117 32.42 7.10 -60.21
CA LYS C 117 33.57 7.61 -60.94
C LYS C 117 34.23 8.71 -60.12
N LEU C 118 35.18 9.39 -60.74
CA LEU C 118 35.95 10.44 -60.10
C LEU C 118 35.27 11.79 -60.34
N CYS C 119 35.27 12.63 -59.32
CA CYS C 119 34.63 13.93 -59.43
C CYS C 119 35.16 14.84 -58.34
N PRO C 120 35.05 16.16 -58.50
CA PRO C 120 35.35 17.06 -57.39
C PRO C 120 34.20 17.13 -56.40
N GLU C 121 34.54 17.10 -55.12
CA GLU C 121 33.53 17.16 -54.08
C GLU C 121 32.91 18.55 -54.03
N TYR C 122 31.63 18.59 -53.68
CA TYR C 122 30.89 19.84 -53.66
C TYR C 122 31.52 20.80 -52.64
N PRO C 123 31.65 22.09 -52.98
CA PRO C 123 32.26 23.06 -52.06
C PRO C 123 31.30 23.56 -50.98
N SER C 124 31.20 22.79 -49.91
CA SER C 124 30.28 23.06 -48.82
C SER C 124 31.03 23.71 -47.67
N ARG C 125 30.43 24.74 -47.08
CA ARG C 125 31.03 25.44 -45.93
C ARG C 125 32.47 25.86 -46.25
N GLY C 126 32.68 26.34 -47.47
CA GLY C 126 34.02 26.73 -47.89
C GLY C 126 35.01 25.58 -47.89
N LYS C 127 34.60 24.41 -48.38
CA LYS C 127 35.49 23.25 -48.46
C LYS C 127 36.36 23.34 -49.71
N GLN C 128 37.10 24.44 -49.79
CA GLN C 128 37.99 24.69 -50.92
C GLN C 128 39.35 24.07 -50.68
N CYS C 129 40.03 23.76 -51.79
CA CYS C 129 41.39 23.23 -51.76
C CYS C 129 42.27 24.10 -52.62
N HIS C 130 43.42 24.50 -52.10
CA HIS C 130 44.40 25.28 -52.84
C HIS C 130 45.61 24.47 -53.25
N SER C 131 45.85 23.32 -52.63
CA SER C 131 46.99 22.48 -52.95
C SER C 131 46.62 21.03 -52.67
N ASP C 132 47.37 20.12 -53.29
CA ASP C 132 47.13 18.70 -53.08
C ASP C 132 47.49 18.25 -51.68
N GLN C 133 48.20 19.08 -50.91
CA GLN C 133 48.57 18.70 -49.56
C GLN C 133 47.33 18.56 -48.67
N GLY C 134 46.40 19.50 -48.79
CA GLY C 134 45.21 19.44 -47.96
C GLY C 134 44.35 18.22 -48.23
N CYS C 135 44.33 17.77 -49.49
CA CYS C 135 43.51 16.63 -49.87
C CYS C 135 44.29 15.35 -49.62
N ILE C 136 43.86 14.58 -48.62
CA ILE C 136 44.49 13.29 -48.34
C ILE C 136 44.04 12.26 -49.38
N LYS C 137 44.87 11.24 -49.56
CA LYS C 137 44.56 10.15 -50.47
C LYS C 137 44.06 8.94 -49.68
N GLY C 138 43.00 8.32 -50.17
CA GLY C 138 42.40 7.19 -49.51
C GLY C 138 41.50 7.54 -48.35
N TRP C 139 41.30 8.82 -48.08
CA TRP C 139 40.48 9.26 -46.96
C TRP C 139 39.01 9.16 -47.32
N MET C 140 38.22 8.47 -46.50
CA MET C 140 36.76 8.32 -46.74
C MET C 140 36.06 9.46 -46.02
N ASP C 141 35.62 10.50 -46.74
CA ASP C 141 34.91 11.63 -46.18
C ASP C 141 33.44 11.26 -46.05
N PRO C 142 32.91 11.09 -44.83
CA PRO C 142 31.49 10.77 -44.70
C PRO C 142 30.58 11.93 -45.05
N GLN C 143 31.11 13.16 -45.07
CA GLN C 143 30.32 14.31 -45.52
C GLN C 143 30.22 14.33 -47.04
N SER C 144 31.36 14.22 -47.73
CA SER C 144 31.36 14.17 -49.19
C SER C 144 30.85 12.84 -49.71
N LYS C 145 30.98 11.77 -48.93
CA LYS C 145 30.48 10.45 -49.31
C LYS C 145 31.28 9.88 -50.47
N GLY C 146 32.60 10.01 -50.37
CA GLY C 146 33.51 9.50 -51.38
C GLY C 146 34.90 9.34 -50.83
N ILE C 147 35.74 8.67 -51.61
CA ILE C 147 37.12 8.40 -51.27
C ILE C 147 38.02 9.43 -51.94
N GLN C 148 38.74 10.21 -51.15
CA GLN C 148 39.68 11.17 -51.71
C GLN C 148 40.83 10.47 -52.41
N THR C 149 41.29 11.07 -53.50
CA THR C 149 42.40 10.55 -54.28
C THR C 149 43.72 11.27 -54.00
N GLY C 150 43.67 12.34 -53.21
CA GLY C 150 44.89 13.07 -52.81
C GLY C 150 45.14 14.27 -53.70
N ARG C 151 44.28 14.49 -54.70
CA ARG C 151 44.46 15.59 -55.68
C ARG C 151 43.45 16.70 -55.43
N CYS C 152 43.75 17.95 -55.78
CA CYS C 152 42.82 19.06 -55.71
C CYS C 152 42.53 19.52 -57.13
N ILE C 153 41.25 19.52 -57.51
CA ILE C 153 40.86 19.81 -58.88
C ILE C 153 39.79 20.90 -58.88
N PRO C 154 39.65 21.62 -60.00
CA PRO C 154 38.66 22.70 -60.04
C PRO C 154 37.24 22.15 -60.12
N TYR C 155 36.42 22.52 -59.14
CA TYR C 155 35.00 22.19 -59.21
C TYR C 155 34.29 23.10 -60.20
N ASP C 156 34.79 24.31 -60.39
CA ASP C 156 34.23 25.27 -61.32
C ASP C 156 35.38 26.13 -61.84
N GLN C 157 35.04 27.25 -62.48
CA GLN C 157 36.08 28.12 -63.03
C GLN C 157 36.95 28.73 -61.95
N LYS C 158 36.35 29.11 -60.82
CA LYS C 158 37.05 29.90 -59.80
C LYS C 158 37.56 29.05 -58.64
N ARG C 159 36.73 28.20 -58.07
CA ARG C 159 37.09 27.45 -56.86
C ARG C 159 37.39 26.00 -57.18
N LYS C 160 38.20 25.39 -56.32
CA LYS C 160 38.65 24.02 -56.48
C LYS C 160 38.36 23.22 -55.23
N THR C 161 38.04 21.93 -55.41
CA THR C 161 37.70 21.05 -54.31
C THR C 161 38.40 19.71 -54.52
N CYS C 162 38.61 19.01 -53.41
CA CYS C 162 39.34 17.74 -53.45
C CYS C 162 38.61 16.71 -54.30
N GLU C 163 39.38 15.94 -55.05
CA GLU C 163 38.84 14.89 -55.89
C GLU C 163 38.45 13.68 -55.05
N ILE C 164 37.40 13.00 -55.47
CA ILE C 164 36.90 11.83 -54.75
C ILE C 164 36.33 10.84 -55.77
N PHE C 165 36.51 9.56 -55.47
CA PHE C 165 35.76 8.51 -56.13
C PHE C 165 34.44 8.35 -55.39
N ALA C 166 33.35 8.48 -56.12
CA ALA C 166 32.03 8.59 -55.51
C ALA C 166 31.00 8.45 -56.60
N TRP C 167 29.74 8.55 -56.20
CA TRP C 167 28.65 8.78 -57.14
C TRP C 167 28.74 10.21 -57.63
N CYS C 168 28.91 10.39 -58.93
CA CYS C 168 29.18 11.68 -59.53
C CYS C 168 28.14 11.96 -60.61
N PRO C 169 27.61 13.19 -60.70
CA PRO C 169 28.00 14.40 -59.98
C PRO C 169 27.67 14.41 -58.50
N ALA C 170 28.70 14.67 -57.69
CA ALA C 170 28.54 14.76 -56.24
C ALA C 170 28.05 16.15 -55.86
N GLU C 171 26.95 16.19 -55.10
CA GLU C 171 26.34 17.45 -54.70
C GLU C 171 26.10 17.50 -53.19
N GLU C 172 26.64 16.56 -52.43
CA GLU C 172 26.46 16.54 -50.99
C GLU C 172 27.06 17.79 -50.35
N GLY C 173 26.31 18.39 -49.44
CA GLY C 173 26.64 19.67 -48.85
C GLY C 173 25.89 20.83 -49.46
N LYS C 174 25.24 20.63 -50.59
CA LYS C 174 24.35 21.64 -51.14
C LYS C 174 23.21 21.93 -50.16
N GLU C 175 22.91 23.21 -49.98
CA GLU C 175 21.88 23.61 -49.05
C GLU C 175 20.50 23.27 -49.59
N ALA C 176 19.59 22.99 -48.66
CA ALA C 176 18.21 22.71 -49.03
C ALA C 176 17.61 23.91 -49.76
N PRO C 177 16.83 23.70 -50.82
CA PRO C 177 16.24 24.83 -51.53
C PRO C 177 15.35 25.66 -50.63
N ARG C 178 15.40 26.97 -50.82
CA ARG C 178 14.62 27.92 -50.04
C ARG C 178 13.97 28.90 -51.01
N PRO C 179 12.64 29.03 -51.02
CA PRO C 179 11.65 28.34 -50.18
C PRO C 179 11.46 26.88 -50.54
N ALA C 180 10.86 26.14 -49.61
CA ALA C 180 10.67 24.71 -49.78
C ALA C 180 9.75 24.42 -50.95
N LEU C 181 10.15 23.45 -51.77
CA LEU C 181 9.42 23.15 -52.99
C LEU C 181 8.02 22.62 -52.69
N LEU C 182 7.89 21.77 -51.69
CA LEU C 182 6.59 21.25 -51.27
C LEU C 182 6.08 22.02 -50.04
N ARG C 183 5.95 23.33 -50.20
CA ARG C 183 5.30 24.15 -49.19
C ARG C 183 3.84 23.75 -49.02
N SER C 184 3.16 23.51 -50.14
CA SER C 184 1.74 23.16 -50.16
C SER C 184 1.41 21.98 -49.27
N ALA C 185 2.41 21.24 -48.80
CA ALA C 185 2.17 20.14 -47.85
C ALA C 185 1.53 20.63 -46.57
N GLU C 186 1.64 21.92 -46.24
CA GLU C 186 0.93 22.44 -45.08
C GLU C 186 -0.57 22.23 -45.21
N ASN C 187 -1.07 22.17 -46.43
CA ASN C 187 -2.48 21.97 -46.69
C ASN C 187 -2.85 20.50 -46.83
N PHE C 188 -1.88 19.59 -46.78
CA PHE C 188 -2.19 18.18 -46.75
C PHE C 188 -2.93 17.82 -45.47
N THR C 189 -3.71 16.75 -45.54
CA THR C 189 -4.41 16.24 -44.38
C THR C 189 -3.93 14.82 -44.10
N VAL C 190 -4.00 14.44 -42.84
CA VAL C 190 -3.74 13.07 -42.42
C VAL C 190 -4.92 12.59 -41.59
N LEU C 191 -5.48 11.46 -41.98
CA LEU C 191 -6.44 10.72 -41.19
C LEU C 191 -5.69 9.70 -40.37
N ILE C 192 -5.85 9.77 -39.05
CA ILE C 192 -5.21 8.85 -38.13
C ILE C 192 -6.30 7.98 -37.50
N LYS C 193 -6.19 6.68 -37.72
CA LYS C 193 -7.05 5.70 -37.09
C LYS C 193 -6.24 4.98 -36.01
N ASN C 194 -6.75 5.01 -34.80
CA ASN C 194 -6.05 4.48 -33.63
C ASN C 194 -6.93 3.45 -32.97
N ASN C 195 -6.46 2.20 -32.96
CA ASN C 195 -7.10 1.10 -32.25
C ASN C 195 -6.30 0.85 -30.98
N ILE C 196 -7.00 0.82 -29.84
CA ILE C 196 -6.33 0.56 -28.58
C ILE C 196 -7.04 -0.59 -27.89
N ASP C 197 -6.27 -1.32 -27.08
CA ASP C 197 -6.76 -2.47 -26.35
C ASP C 197 -6.11 -2.52 -24.98
N PHE C 198 -6.91 -2.91 -24.00
CA PHE C 198 -6.45 -3.33 -22.68
C PHE C 198 -6.75 -4.81 -22.58
N PRO C 199 -5.76 -5.68 -22.76
CA PRO C 199 -6.05 -7.12 -22.78
C PRO C 199 -6.37 -7.70 -21.41
N GLY C 200 -5.74 -7.19 -20.37
CA GLY C 200 -6.09 -7.62 -19.02
C GLY C 200 -7.55 -7.35 -18.69
N HIS C 201 -8.04 -6.18 -19.07
CA HIS C 201 -9.44 -5.82 -18.88
C HIS C 201 -10.32 -6.31 -20.02
N ASN C 202 -9.75 -6.94 -21.04
CA ASN C 202 -10.50 -7.41 -22.21
C ASN C 202 -11.40 -6.30 -22.75
N TYR C 203 -10.80 -5.15 -23.01
CA TYR C 203 -11.51 -4.03 -23.60
C TYR C 203 -10.76 -3.50 -24.81
N THR C 204 -11.50 -3.14 -25.84
CA THR C 204 -10.87 -2.51 -27.00
C THR C 204 -11.79 -1.43 -27.54
N THR C 205 -11.17 -0.37 -28.04
CA THR C 205 -11.92 0.70 -28.70
C THR C 205 -11.04 1.32 -29.79
N ARG C 206 -11.62 2.26 -30.51
CA ARG C 206 -10.92 2.98 -31.54
C ARG C 206 -11.34 4.44 -31.51
N ASN C 207 -10.50 5.28 -32.11
CA ASN C 207 -10.68 6.72 -32.09
C ASN C 207 -11.75 7.21 -33.07
N ILE C 208 -12.29 6.33 -33.90
CA ILE C 208 -13.37 6.66 -34.81
C ILE C 208 -14.53 5.72 -34.52
N LEU C 209 -15.69 6.30 -34.29
CA LEU C 209 -16.91 5.57 -34.00
C LEU C 209 -18.01 6.05 -34.94
N PRO C 210 -19.07 5.27 -35.11
CA PRO C 210 -20.17 5.71 -35.96
C PRO C 210 -20.76 7.02 -35.47
N GLY C 211 -21.04 7.91 -36.42
CA GLY C 211 -21.59 9.23 -36.15
C GLY C 211 -20.71 10.36 -36.62
N MET C 212 -19.40 10.15 -36.63
CA MET C 212 -18.48 11.19 -37.05
C MET C 212 -18.66 11.50 -38.53
N ASN C 213 -18.31 12.74 -38.91
CA ASN C 213 -18.41 13.22 -40.27
C ASN C 213 -17.02 13.37 -40.87
N ILE C 214 -16.83 12.87 -42.09
CA ILE C 214 -15.53 13.00 -42.75
C ILE C 214 -15.24 14.45 -43.08
N SER C 215 -16.25 15.29 -43.20
CA SER C 215 -16.08 16.70 -43.53
C SER C 215 -15.49 17.51 -42.38
N CYS C 216 -15.12 16.82 -41.31
CA CYS C 216 -14.46 17.42 -40.17
C CYS C 216 -12.95 17.50 -40.39
N THR C 217 -12.36 18.51 -39.77
CA THR C 217 -10.92 18.58 -39.56
C THR C 217 -10.70 18.94 -38.11
N PHE C 218 -9.64 18.41 -37.53
CA PHE C 218 -9.42 18.55 -36.09
C PHE C 218 -9.31 20.01 -35.69
N HIS C 219 -9.89 20.31 -34.54
CA HIS C 219 -9.68 21.59 -33.87
C HIS C 219 -9.70 21.36 -32.37
N LYS C 220 -8.82 22.04 -31.66
CA LYS C 220 -8.70 21.87 -30.22
C LYS C 220 -10.04 22.09 -29.51
N THR C 221 -10.80 23.09 -29.96
CA THR C 221 -12.06 23.47 -29.33
C THR C 221 -13.28 22.99 -30.10
N TRP C 222 -13.37 23.32 -31.40
CA TRP C 222 -14.56 23.00 -32.16
C TRP C 222 -14.68 21.51 -32.45
N ASN C 223 -13.60 20.87 -32.86
CA ASN C 223 -13.61 19.47 -33.29
C ASN C 223 -12.45 18.74 -32.64
N PRO C 224 -12.45 18.61 -31.31
CA PRO C 224 -11.33 17.94 -30.63
C PRO C 224 -11.29 16.45 -30.81
N GLN C 225 -12.33 15.84 -31.38
CA GLN C 225 -12.38 14.41 -31.58
C GLN C 225 -12.27 14.01 -33.04
N CYS C 226 -12.12 14.97 -33.94
CA CYS C 226 -11.95 14.67 -35.35
C CYS C 226 -10.53 14.17 -35.59
N PRO C 227 -10.34 12.97 -36.12
CA PRO C 227 -8.99 12.45 -36.34
C PRO C 227 -8.35 12.84 -37.66
N ILE C 228 -8.86 13.88 -38.31
CA ILE C 228 -8.32 14.41 -39.55
C ILE C 228 -7.60 15.70 -39.23
N PHE C 229 -6.30 15.73 -39.51
CA PHE C 229 -5.43 16.82 -39.12
C PHE C 229 -4.78 17.44 -40.35
N ARG C 230 -4.96 18.73 -40.51
CA ARG C 230 -4.14 19.50 -41.44
C ARG C 230 -2.76 19.70 -40.83
N LEU C 231 -1.72 19.45 -41.63
CA LEU C 231 -0.36 19.51 -41.12
C LEU C 231 0.01 20.92 -40.65
N GLY C 232 -0.36 21.93 -41.44
CA GLY C 232 -0.12 23.29 -41.03
C GLY C 232 -0.83 23.65 -39.74
N ASP C 233 -2.05 23.13 -39.56
CA ASP C 233 -2.76 23.33 -38.30
C ASP C 233 -2.02 22.69 -37.14
N ILE C 234 -1.47 21.49 -37.36
CA ILE C 234 -0.66 20.85 -36.34
C ILE C 234 0.49 21.77 -35.93
N PHE C 235 1.14 22.36 -36.92
CA PHE C 235 2.31 23.19 -36.61
C PHE C 235 1.91 24.48 -35.91
N GLN C 236 0.84 25.14 -36.38
CA GLN C 236 0.46 26.42 -35.81
C GLN C 236 -0.28 26.31 -34.49
N GLU C 237 -0.77 25.13 -34.12
CA GLU C 237 -1.38 24.97 -32.81
C GLU C 237 -0.34 25.10 -31.70
N ILE C 238 0.91 24.75 -31.97
CA ILE C 238 1.96 24.81 -30.95
C ILE C 238 3.03 25.80 -31.37
N GLY C 239 2.64 26.83 -32.11
CA GLY C 239 3.54 27.91 -32.44
C GLY C 239 4.75 27.49 -33.24
N GLU C 240 4.57 26.61 -34.22
CA GLU C 240 5.63 26.21 -35.13
C GLU C 240 5.26 26.65 -36.53
N ASN C 241 6.26 27.03 -37.30
CA ASN C 241 6.08 27.57 -38.64
C ASN C 241 6.39 26.48 -39.67
N PHE C 242 5.35 26.01 -40.36
CA PHE C 242 5.51 24.94 -41.33
C PHE C 242 6.38 25.38 -42.49
N THR C 243 6.25 26.64 -42.92
CA THR C 243 7.03 27.13 -44.05
C THR C 243 8.52 27.03 -43.79
N GLU C 244 8.95 27.41 -42.58
CA GLU C 244 10.35 27.34 -42.23
C GLU C 244 10.83 25.91 -42.03
N VAL C 245 10.06 25.10 -41.30
CA VAL C 245 10.45 23.73 -41.02
C VAL C 245 10.51 22.91 -42.30
N ALA C 246 9.72 23.29 -43.31
CA ALA C 246 9.68 22.57 -44.56
C ALA C 246 11.01 22.59 -45.30
N VAL C 247 11.83 23.62 -45.09
CA VAL C 247 13.09 23.74 -45.83
C VAL C 247 14.05 22.61 -45.47
N GLN C 248 14.29 22.41 -44.18
CA GLN C 248 15.22 21.40 -43.70
C GLN C 248 14.52 20.23 -43.03
N GLY C 249 13.23 20.35 -42.74
CA GLY C 249 12.49 19.27 -42.17
C GLY C 249 12.50 19.28 -40.66
N GLY C 250 11.83 18.27 -40.11
CA GLY C 250 11.72 18.14 -38.68
C GLY C 250 10.93 16.90 -38.30
N ILE C 251 10.76 16.73 -37.00
CA ILE C 251 10.01 15.63 -36.44
C ILE C 251 8.93 16.20 -35.54
N MET C 252 7.70 15.86 -35.83
CA MET C 252 6.55 16.28 -35.03
C MET C 252 5.86 15.06 -34.46
N GLY C 253 5.47 15.17 -33.19
CA GLY C 253 4.74 14.13 -32.51
C GLY C 253 3.27 14.51 -32.37
N ILE C 254 2.42 13.59 -32.79
CA ILE C 254 0.99 13.65 -32.53
C ILE C 254 0.74 12.71 -31.37
N GLU C 255 0.57 13.28 -30.18
CA GLU C 255 0.33 12.51 -28.99
C GLU C 255 -1.16 12.22 -28.86
N ILE C 256 -1.49 10.95 -28.67
CA ILE C 256 -2.85 10.51 -28.42
C ILE C 256 -2.87 9.91 -27.03
N TYR C 257 -3.51 10.61 -26.10
CA TYR C 257 -3.62 10.19 -24.72
C TYR C 257 -4.98 9.56 -24.49
N TRP C 258 -4.98 8.35 -23.97
CA TRP C 258 -6.21 7.63 -23.63
C TRP C 258 -6.27 7.51 -22.11
N ASP C 259 -6.93 8.47 -21.47
CA ASP C 259 -7.30 8.36 -20.06
C ASP C 259 -8.68 7.71 -20.04
N CYS C 260 -8.70 6.41 -19.82
CA CYS C 260 -9.90 5.60 -20.00
C CYS C 260 -10.35 5.02 -18.67
N ASN C 261 -11.63 5.22 -18.37
CA ASN C 261 -12.29 4.61 -17.22
C ASN C 261 -13.24 3.54 -17.75
N LEU C 262 -12.97 2.30 -17.38
CA LEU C 262 -13.71 1.16 -17.91
C LEU C 262 -14.80 0.67 -16.98
N ASP C 263 -15.09 1.39 -15.91
CA ASP C 263 -16.23 1.04 -15.08
C ASP C 263 -17.52 1.45 -15.79
N SER C 264 -18.52 0.58 -15.69
CA SER C 264 -19.79 0.82 -16.38
C SER C 264 -20.43 2.13 -15.93
N TRP C 265 -20.35 2.42 -14.63
CA TRP C 265 -21.01 3.60 -14.10
C TRP C 265 -20.25 4.89 -14.36
N SER C 266 -19.00 4.79 -14.78
CA SER C 266 -18.17 5.96 -15.05
C SER C 266 -17.41 5.78 -16.33
N HIS C 267 -18.04 5.16 -17.32
CA HIS C 267 -17.34 4.79 -18.55
C HIS C 267 -16.99 6.02 -19.36
N ARG C 268 -15.69 6.18 -19.63
CA ARG C 268 -15.19 7.31 -20.41
C ARG C 268 -13.84 6.89 -20.97
N CYS C 269 -13.83 6.51 -22.25
CA CYS C 269 -12.61 6.13 -22.96
C CYS C 269 -12.58 6.89 -24.28
N GLN C 270 -12.01 8.09 -24.23
CA GLN C 270 -11.90 8.98 -25.37
C GLN C 270 -10.46 9.42 -25.55
N PRO C 271 -10.02 9.65 -26.79
CA PRO C 271 -8.67 10.15 -27.01
C PRO C 271 -8.57 11.66 -26.91
N LYS C 272 -7.45 12.11 -26.35
CA LYS C 272 -7.07 13.50 -26.32
C LYS C 272 -5.86 13.68 -27.21
N TYR C 273 -5.97 14.57 -28.19
CA TYR C 273 -4.92 14.81 -29.16
C TYR C 273 -4.11 16.04 -28.77
N SER C 274 -2.78 15.94 -28.93
CA SER C 274 -1.89 17.05 -28.68
C SER C 274 -0.70 16.93 -29.62
N PHE C 275 0.07 18.00 -29.71
CA PHE C 275 1.17 18.08 -30.66
C PHE C 275 2.42 18.61 -29.98
N ARG C 276 3.56 18.05 -30.38
CA ARG C 276 4.84 18.41 -29.78
C ARG C 276 5.96 18.23 -30.79
N ARG C 277 6.71 19.29 -31.05
CA ARG C 277 7.90 19.14 -31.87
C ARG C 277 8.91 18.27 -31.15
N LEU C 278 9.46 17.28 -31.86
CA LEU C 278 10.36 16.31 -31.27
C LEU C 278 11.82 16.53 -31.66
N ASP C 279 12.08 17.30 -32.70
CA ASP C 279 13.43 17.62 -33.11
C ASP C 279 13.84 18.97 -32.53
N ASP C 280 15.06 19.03 -32.02
CA ASP C 280 15.55 20.27 -31.44
C ASP C 280 15.65 21.36 -32.49
N LYS C 281 15.09 22.52 -32.19
CA LYS C 281 15.15 23.67 -33.09
C LYS C 281 16.57 24.11 -33.33
N TYR C 282 17.41 24.12 -32.29
CA TYR C 282 18.73 24.72 -32.33
C TYR C 282 19.83 23.66 -32.36
N THR C 283 19.55 22.53 -33.01
CA THR C 283 20.58 21.53 -33.24
C THR C 283 21.74 22.14 -34.01
N ASN C 284 22.95 21.83 -33.58
CA ASN C 284 24.15 22.36 -34.22
C ASN C 284 24.25 21.84 -35.65
N GLU C 285 24.76 22.70 -36.54
CA GLU C 285 24.87 22.34 -37.95
C GLU C 285 25.66 21.06 -38.14
N SER C 286 26.61 20.79 -37.24
CA SER C 286 27.37 19.55 -37.31
C SER C 286 26.54 18.34 -36.94
N LEU C 287 25.43 18.54 -36.23
CA LEU C 287 24.62 17.43 -35.74
C LEU C 287 23.40 17.16 -36.62
N PHE C 288 23.46 17.55 -37.88
CA PHE C 288 22.41 17.23 -38.85
C PHE C 288 21.06 17.77 -38.42
N PRO C 289 20.88 19.08 -38.47
CA PRO C 289 19.60 19.68 -38.08
C PRO C 289 18.48 19.24 -39.01
N GLY C 290 17.28 19.22 -38.46
CA GLY C 290 16.11 18.90 -39.24
C GLY C 290 15.90 17.41 -39.39
N TYR C 291 15.33 17.04 -40.53
CA TYR C 291 15.07 15.66 -40.87
C TYR C 291 15.14 15.51 -42.38
N ASN C 292 15.99 14.61 -42.83
CA ASN C 292 16.09 14.27 -44.24
C ASN C 292 16.63 12.86 -44.34
N PHE C 293 16.40 12.26 -45.50
CA PHE C 293 17.08 11.03 -45.83
C PHE C 293 17.39 11.01 -47.30
N ARG C 294 18.37 10.21 -47.67
CA ARG C 294 18.80 10.08 -49.06
C ARG C 294 18.21 8.81 -49.64
N TYR C 295 17.51 8.94 -50.76
CA TYR C 295 16.87 7.84 -51.46
C TYR C 295 17.51 7.68 -52.83
N ALA C 296 17.90 6.46 -53.18
CA ALA C 296 18.56 6.17 -54.43
C ALA C 296 17.63 5.38 -55.34
N LYS C 297 17.48 5.85 -56.58
CA LYS C 297 16.74 5.14 -57.61
C LYS C 297 17.74 4.65 -58.65
N TYR C 298 18.00 3.35 -58.66
CA TYR C 298 18.99 2.77 -59.56
C TYR C 298 18.36 2.36 -60.87
N TYR C 299 19.11 2.53 -61.96
CA TYR C 299 18.64 2.18 -63.30
C TYR C 299 19.85 2.00 -64.19
N LYS C 300 19.59 1.61 -65.44
CA LYS C 300 20.63 1.41 -66.44
C LYS C 300 20.38 2.34 -67.63
N GLU C 301 21.40 3.11 -67.99
CA GLU C 301 21.36 3.98 -69.15
C GLU C 301 22.53 3.62 -70.05
N ASN C 302 22.23 3.29 -71.31
CA ASN C 302 23.23 2.78 -72.25
C ASN C 302 23.81 1.51 -71.64
N GLY C 303 25.12 1.40 -71.43
CA GLY C 303 25.69 0.26 -70.75
C GLY C 303 26.21 0.63 -69.38
N MET C 304 25.66 1.70 -68.79
CA MET C 304 26.15 2.26 -67.54
C MET C 304 25.08 2.13 -66.46
N GLU C 305 25.48 1.64 -65.29
CA GLU C 305 24.58 1.54 -64.15
C GLU C 305 24.61 2.87 -63.40
N LYS C 306 23.47 3.59 -63.37
CA LYS C 306 23.40 4.94 -62.75
C LYS C 306 22.44 4.98 -61.57
N ARG C 307 22.27 6.11 -60.90
CA ARG C 307 21.29 6.27 -59.80
C ARG C 307 20.88 7.74 -59.67
N THR C 308 19.62 8.03 -59.34
CA THR C 308 19.15 9.41 -59.09
C THR C 308 19.05 9.57 -57.57
N LEU C 309 19.90 10.38 -56.95
CA LEU C 309 19.91 10.55 -55.51
C LEU C 309 18.98 11.71 -55.15
N ILE C 310 18.00 11.42 -54.33
CA ILE C 310 17.08 12.43 -53.81
C ILE C 310 17.36 12.58 -52.33
N LYS C 311 17.88 13.73 -51.94
CA LYS C 311 17.94 14.10 -50.54
C LYS C 311 16.60 14.72 -50.22
N ALA C 312 15.73 13.94 -49.59
CA ALA C 312 14.37 14.34 -49.26
C ALA C 312 14.35 14.89 -47.84
N PHE C 313 14.04 16.17 -47.71
CA PHE C 313 13.76 16.81 -46.45
C PHE C 313 12.26 16.83 -46.24
N GLY C 314 11.85 16.59 -45.01
CA GLY C 314 10.45 16.65 -44.70
C GLY C 314 10.20 16.45 -43.24
N VAL C 315 8.94 16.33 -42.91
CA VAL C 315 8.49 16.19 -41.54
C VAL C 315 8.14 14.73 -41.31
N ARG C 316 8.84 14.09 -40.38
CA ARG C 316 8.44 12.81 -39.87
C ARG C 316 7.44 13.05 -38.74
N PHE C 317 6.25 12.49 -38.90
CA PHE C 317 5.20 12.62 -37.91
C PHE C 317 5.18 11.34 -37.08
N ASP C 318 5.57 11.44 -35.82
CA ASP C 318 5.56 10.31 -34.91
C ASP C 318 4.24 10.32 -34.15
N ILE C 319 3.44 9.28 -34.33
CA ILE C 319 2.17 9.18 -33.61
C ILE C 319 2.44 8.46 -32.31
N LEU C 320 2.29 9.17 -31.20
CA LEU C 320 2.61 8.66 -29.87
C LEU C 320 1.31 8.41 -29.12
N VAL C 321 1.03 7.15 -28.84
CA VAL C 321 -0.21 6.73 -28.21
C VAL C 321 0.13 6.13 -26.86
N PHE C 322 -0.47 6.69 -25.82
CA PHE C 322 -0.19 6.29 -24.46
C PHE C 322 -1.44 6.49 -23.62
N GLY C 323 -1.49 5.79 -22.51
CA GLY C 323 -2.59 5.91 -21.59
C GLY C 323 -2.80 4.63 -20.81
N THR C 324 -3.73 4.72 -19.87
CA THR C 324 -4.06 3.62 -18.99
C THR C 324 -5.56 3.45 -18.93
N GLY C 325 -5.98 2.20 -18.75
CA GLY C 325 -7.37 1.87 -18.54
C GLY C 325 -7.55 1.39 -17.12
N GLY C 326 -8.47 2.03 -16.40
CA GLY C 326 -8.73 1.72 -15.01
C GLY C 326 -10.04 0.97 -14.88
N LYS C 327 -9.99 -0.13 -14.14
CA LYS C 327 -11.19 -0.89 -13.83
C LYS C 327 -11.18 -1.25 -12.35
N PHE C 328 -12.35 -1.16 -11.72
CA PHE C 328 -12.47 -1.47 -10.31
C PHE C 328 -11.87 -2.83 -10.00
N ASP C 329 -11.00 -2.87 -8.98
CA ASP C 329 -10.42 -4.10 -8.47
C ASP C 329 -10.59 -4.11 -6.96
N ILE C 330 -11.20 -5.17 -6.45
CA ILE C 330 -11.49 -5.26 -5.02
C ILE C 330 -10.20 -5.33 -4.21
N ILE C 331 -9.20 -6.03 -4.72
CA ILE C 331 -7.95 -6.17 -3.99
C ILE C 331 -7.23 -4.83 -3.87
N GLN C 332 -7.24 -4.02 -4.92
CA GLN C 332 -6.63 -2.71 -4.85
C GLN C 332 -7.33 -1.84 -3.81
N LEU C 333 -8.65 -1.85 -3.81
CA LEU C 333 -9.41 -1.11 -2.81
C LEU C 333 -9.10 -1.59 -1.40
N VAL C 334 -9.04 -2.91 -1.21
CA VAL C 334 -8.79 -3.47 0.11
C VAL C 334 -7.40 -3.07 0.59
N VAL C 335 -6.40 -3.14 -0.29
CA VAL C 335 -5.05 -2.76 0.06
C VAL C 335 -4.99 -1.27 0.42
N TYR C 336 -5.67 -0.43 -0.34
CA TYR C 336 -5.68 1.00 -0.02
C TYR C 336 -6.34 1.27 1.32
N ILE C 337 -7.49 0.63 1.57
CA ILE C 337 -8.20 0.84 2.83
C ILE C 337 -7.33 0.37 4.00
N GLY C 338 -6.67 -0.76 3.84
CA GLY C 338 -5.76 -1.23 4.86
C GLY C 338 -4.59 -0.29 5.09
N SER C 339 -4.07 0.28 4.01
CA SER C 339 -2.97 1.24 4.13
C SER C 339 -3.41 2.48 4.88
N THR C 340 -4.65 2.88 4.72
CA THR C 340 -5.12 4.13 5.32
C THR C 340 -5.81 3.93 6.68
N LEU C 341 -6.06 2.68 7.08
CA LEU C 341 -6.79 2.45 8.33
C LEU C 341 -6.04 3.01 9.53
N SER C 342 -4.72 2.87 9.57
CA SER C 342 -3.95 3.33 10.71
C SER C 342 -4.02 4.83 10.90
N TYR C 343 -4.43 5.58 9.88
CA TYR C 343 -4.53 7.03 10.04
C TYR C 343 -5.71 7.43 10.91
N PHE C 344 -6.63 6.51 11.17
CA PHE C 344 -7.78 6.79 12.01
C PHE C 344 -7.44 6.76 13.50
N GLY C 345 -6.23 6.35 13.86
CA GLY C 345 -5.71 6.52 15.20
C GLY C 345 -5.12 7.87 15.50
N LEU C 346 -5.21 8.79 14.53
CA LEU C 346 -4.66 10.14 14.73
C LEU C 346 -5.35 10.85 15.89
N ALA C 347 -6.68 10.74 15.97
CA ALA C 347 -7.40 11.43 17.04
C ALA C 347 -6.95 10.91 18.40
N THR C 348 -6.85 9.59 18.54
CA THR C 348 -6.42 9.02 19.80
C THR C 348 -5.00 9.44 20.14
N VAL C 349 -4.10 9.41 19.16
CA VAL C 349 -2.72 9.78 19.42
C VAL C 349 -2.64 11.24 19.87
N CYS C 350 -3.37 12.13 19.18
CA CYS C 350 -3.30 13.54 19.51
C CYS C 350 -3.90 13.83 20.88
N ILE C 351 -5.06 13.26 21.18
CA ILE C 351 -5.69 13.52 22.46
C ILE C 351 -4.88 12.93 23.60
N ASP C 352 -4.30 11.74 23.40
CA ASP C 352 -3.44 11.16 24.42
C ASP C 352 -2.20 12.02 24.65
N LEU C 353 -1.63 12.57 23.58
CA LEU C 353 -0.50 13.46 23.74
C LEU C 353 -0.89 14.71 24.52
N ILE C 354 -2.07 15.25 24.23
CA ILE C 354 -2.56 16.41 24.97
C ILE C 354 -2.69 16.09 26.45
N ILE C 355 -3.31 14.94 26.75
CA ILE C 355 -3.50 14.53 28.14
C ILE C 355 -2.16 14.35 28.85
N ASN C 356 -1.21 13.70 28.18
CA ASN C 356 0.11 13.50 28.78
C ASN C 356 0.81 14.82 29.04
N THR C 357 0.79 15.73 28.07
CA THR C 357 1.51 17.00 28.24
C THR C 357 0.88 17.85 29.32
N TYR C 358 -0.44 17.99 29.31
CA TYR C 358 -1.12 18.83 30.29
C TYR C 358 -1.29 18.16 31.64
N ALA C 359 -0.72 16.96 31.82
CA ALA C 359 -0.78 16.28 33.10
C ALA C 359 0.47 16.57 33.92
N SER C 360 1.52 16.99 33.23
CA SER C 360 2.78 17.33 33.88
C SER C 360 2.57 18.46 34.96
N THR C 361 3.32 18.41 36.05
CA THR C 361 3.17 19.37 37.14
C THR C 361 3.77 20.72 36.75
N CYS C 362 4.77 20.67 35.87
CA CYS C 362 5.44 21.84 35.40
C CYS C 362 4.53 22.92 34.84
N CYS C 363 3.50 22.46 34.13
CA CYS C 363 2.53 23.34 33.52
C CYS C 363 1.89 24.30 34.50
N ARG C 364 1.66 23.80 35.71
CA ARG C 364 1.06 24.60 36.77
C ARG C 364 2.10 25.53 37.37
N SER C 365 3.35 25.07 37.44
CA SER C 365 4.40 25.85 38.07
C SER C 365 4.80 27.05 37.21
N ARG C 366 4.97 26.83 35.90
CA ARG C 366 5.47 27.87 35.01
C ARG C 366 4.47 28.30 33.96
N VAL C 367 3.89 27.35 33.22
CA VAL C 367 3.09 27.70 32.05
C VAL C 367 1.82 28.42 32.47
N TYR C 368 1.08 27.86 33.43
CA TYR C 368 -0.22 28.42 33.78
C TYR C 368 -0.11 29.83 34.32
N PRO C 369 0.78 30.14 35.27
CA PRO C 369 0.90 31.55 35.72
C PRO C 369 1.19 32.51 34.58
N SER C 370 2.03 32.11 33.63
CA SER C 370 2.32 32.98 32.49
C SER C 370 1.12 33.11 31.57
N CYS C 371 0.44 32.00 31.29
CA CYS C 371 -0.72 31.98 30.40
C CYS C 371 -1.89 31.40 31.18
N LYS C 372 -2.64 32.27 31.87
CA LYS C 372 -3.79 31.84 32.64
C LYS C 372 -4.91 31.30 31.76
N CYS C 373 -4.85 31.54 30.45
CA CYS C 373 -5.89 31.07 29.54
C CYS C 373 -5.94 29.55 29.51
N CYS C 374 -4.78 28.92 29.66
CA CYS C 374 -4.67 27.48 29.64
C CYS C 374 -4.73 26.80 31.00
N GLU C 375 -5.54 27.40 31.87
CA GLU C 375 -5.72 26.89 33.22
C GLU C 375 -6.75 25.76 33.28
N PRO C 376 -7.85 25.88 32.52
CA PRO C 376 -8.87 24.81 32.51
C PRO C 376 -8.36 23.47 31.97
N CYS C 377 -7.17 23.47 31.39
CA CYS C 377 -6.55 22.26 30.90
C CYS C 377 -5.86 21.43 31.97
N ALA C 378 -6.05 21.83 33.23
CA ALA C 378 -5.49 21.12 34.37
C ALA C 378 -6.27 19.85 34.65
N VAL C 379 -7.47 19.74 34.09
CA VAL C 379 -8.27 18.53 34.23
C VAL C 379 -7.58 17.33 33.59
N ASN C 380 -6.51 17.56 32.82
CA ASN C 380 -5.79 16.46 32.21
C ASN C 380 -5.01 15.65 33.24
N GLU C 381 -4.68 16.26 34.38
CA GLU C 381 -4.06 15.50 35.46
C GLU C 381 -4.98 14.38 35.95
N TYR C 382 -6.27 14.70 36.13
CA TYR C 382 -7.24 13.70 36.52
C TYR C 382 -7.38 12.62 35.47
N TYR C 383 -7.42 13.00 34.19
CA TYR C 383 -7.51 12.02 33.12
C TYR C 383 -6.30 11.11 33.11
N TYR C 384 -5.11 11.67 33.30
CA TYR C 384 -3.90 10.86 33.29
C TYR C 384 -3.85 9.91 34.48
N ARG C 385 -4.28 10.37 35.67
CA ARG C 385 -4.28 9.48 36.81
C ARG C 385 -5.40 8.45 36.73
N LYS C 386 -6.41 8.69 35.90
CA LYS C 386 -7.43 7.70 35.63
C LYS C 386 -7.09 6.79 34.46
N LYS C 387 -6.08 7.13 33.67
CA LYS C 387 -5.68 6.37 32.49
C LYS C 387 -4.43 5.54 32.72
N CYS C 388 -3.48 6.05 33.49
CA CYS C 388 -2.18 5.42 33.64
C CYS C 388 -1.96 4.98 35.09
N GLU C 389 -1.43 3.77 35.24
CA GLU C 389 -1.05 3.20 36.52
C GLU C 389 0.45 2.91 36.49
N PRO C 390 1.27 3.81 37.01
CA PRO C 390 2.72 3.54 37.01
C PRO C 390 3.06 2.38 37.92
N ILE C 391 4.01 1.56 37.47
CA ILE C 391 4.57 0.50 38.29
C ILE C 391 6.06 0.41 37.97
N VAL C 392 6.84 0.08 38.97
CA VAL C 392 8.29 -0.04 38.80
C VAL C 392 8.65 -1.52 38.79
N GLU C 393 9.80 -1.81 38.19
CA GLU C 393 10.28 -3.17 38.12
C GLU C 393 10.64 -3.66 39.53
N PRO C 394 10.11 -4.79 39.98
CA PRO C 394 10.47 -5.32 41.29
C PRO C 394 11.81 -6.05 41.24
N LYS C 395 12.80 -5.50 41.92
CA LYS C 395 14.13 -6.07 41.99
C LYS C 395 14.60 -6.08 43.44
N PRO C 396 15.59 -6.90 43.76
CA PRO C 396 16.05 -6.98 45.16
C PRO C 396 16.49 -5.65 45.73
N THR C 397 17.05 -4.78 44.91
CA THR C 397 17.48 -3.47 45.37
C THR C 397 16.32 -2.53 45.67
N LEU C 398 15.11 -2.89 45.27
CA LEU C 398 13.96 -2.00 45.42
C LEU C 398 13.50 -1.97 46.86
N LYS C 399 13.49 -0.78 47.46
CA LYS C 399 13.05 -0.59 48.83
C LYS C 399 12.24 0.70 48.90
N TYR C 400 11.28 0.74 49.82
CA TYR C 400 10.52 1.94 50.09
C TYR C 400 10.60 2.26 51.57
N VAL C 401 10.79 3.53 51.88
CA VAL C 401 10.87 4.00 53.26
C VAL C 401 9.94 5.19 53.41
N SER C 402 9.47 5.41 54.63
CA SER C 402 8.57 6.52 54.91
C SER C 402 8.96 7.15 56.24
N PHE C 403 9.04 8.47 56.26
CA PHE C 403 9.38 9.22 57.45
C PHE C 403 8.16 10.01 57.91
N VAL C 404 7.81 9.84 59.18
CA VAL C 404 6.60 10.46 59.71
C VAL C 404 6.70 11.98 59.62
N ASP C 405 7.89 12.52 59.82
CA ASP C 405 8.08 13.97 59.68
C ASP C 405 7.79 14.42 58.26
N GLU C 406 8.23 13.65 57.26
CA GLU C 406 7.99 13.99 55.87
C GLU C 406 6.59 13.57 55.45
N PRO C 407 6.04 14.19 54.41
CA PRO C 407 4.70 13.81 53.93
C PRO C 407 4.69 12.79 52.81
N HIS C 408 5.84 12.46 52.23
CA HIS C 408 5.94 11.59 51.06
C HIS C 408 6.74 10.34 51.41
N ILE C 409 6.86 9.45 50.43
CA ILE C 409 7.60 8.20 50.57
C ILE C 409 8.85 8.30 49.72
N TRP C 410 9.85 7.50 50.05
CA TRP C 410 11.12 7.51 49.34
C TRP C 410 11.43 6.12 48.81
N MET C 411 11.76 6.05 47.52
CA MET C 411 12.09 4.81 46.85
C MET C 411 13.59 4.74 46.63
N VAL C 412 14.20 3.64 47.04
CA VAL C 412 15.62 3.41 46.91
C VAL C 412 15.83 2.20 46.01
N ASP C 413 16.49 2.42 44.88
CA ASP C 413 16.77 1.37 43.91
C ASP C 413 18.25 1.00 43.86
N GLN C 414 19.06 1.57 44.75
CA GLN C 414 20.51 1.39 44.72
C GLN C 414 20.94 0.46 45.83
N GLN C 415 21.93 -0.38 45.55
CA GLN C 415 22.45 -1.29 46.54
C GLN C 415 23.05 -0.53 47.71
N LEU C 416 22.91 -1.09 48.91
CA LEU C 416 23.47 -0.50 50.12
C LEU C 416 24.86 -1.08 50.31
N LEU C 417 25.88 -0.31 49.92
CA LEU C 417 27.28 -0.75 50.01
C LEU C 417 27.87 -0.35 51.37
N GLY C 418 27.19 -0.81 52.42
CA GLY C 418 27.60 -0.52 53.78
C GLY C 418 27.05 0.76 54.36
N LYS C 419 26.51 1.64 53.53
CA LYS C 419 25.93 2.88 54.01
C LYS C 419 24.52 2.62 54.55
N SER C 420 24.22 3.22 55.69
CA SER C 420 22.91 3.01 56.31
C SER C 420 21.81 3.50 55.39
N LEU C 421 20.70 2.74 55.37
CA LEU C 421 19.58 3.11 54.52
C LEU C 421 19.04 4.50 54.84
N GLN C 422 19.15 4.90 56.11
CA GLN C 422 18.70 6.24 56.50
C GLN C 422 19.41 7.32 55.70
N ASP C 423 20.64 7.08 55.26
CA ASP C 423 21.44 8.08 54.57
C ASP C 423 21.53 7.85 53.07
N VAL C 424 20.98 6.75 52.55
CA VAL C 424 21.23 6.37 51.16
C VAL C 424 20.38 7.21 50.20
N LYS C 425 19.24 7.73 50.67
CA LYS C 425 18.59 8.83 50.00
C LYS C 425 18.16 8.58 48.56
N GLY C 426 17.18 7.72 48.35
CA GLY C 426 16.64 7.54 47.02
C GLY C 426 15.69 8.65 46.64
N GLN C 427 14.96 8.42 45.55
CA GLN C 427 14.04 9.41 44.99
C GLN C 427 12.77 9.49 45.83
N GLU C 428 11.91 10.45 45.49
CA GLU C 428 10.67 10.70 46.21
C GLU C 428 9.48 10.26 45.37
N VAL C 429 8.55 9.54 46.02
CA VAL C 429 7.31 9.10 45.41
C VAL C 429 6.17 9.54 46.33
N PRO C 430 5.01 9.91 45.79
CA PRO C 430 3.91 10.33 46.65
C PRO C 430 3.23 9.14 47.32
N ARG C 431 2.72 9.38 48.53
CA ARG C 431 1.94 8.37 49.21
C ARG C 431 0.54 8.31 48.60
N PRO C 432 0.05 7.12 48.22
CA PRO C 432 -1.27 7.05 47.59
C PRO C 432 -2.36 7.49 48.54
N GLN C 433 -3.46 7.99 47.96
CA GLN C 433 -4.61 8.36 48.75
C GLN C 433 -5.31 7.11 49.26
N THR C 434 -5.56 7.07 50.57
CA THR C 434 -6.21 5.92 51.17
C THR C 434 -7.68 5.85 50.76
N ASP C 435 -8.20 4.63 50.71
CA ASP C 435 -9.60 4.43 50.38
C ASP C 435 -10.45 4.97 51.52
N PHE C 436 -11.03 6.15 51.33
CA PHE C 436 -11.85 6.75 52.38
C PHE C 436 -13.08 5.88 52.67
N LEU C 437 -13.58 5.18 51.65
CA LEU C 437 -14.70 4.28 51.85
C LEU C 437 -14.35 3.17 52.85
N GLU C 438 -13.12 2.67 52.78
CA GLU C 438 -12.68 1.66 53.75
C GLU C 438 -12.39 2.29 55.10
N LEU C 439 -12.05 3.57 55.11
CA LEU C 439 -11.73 4.29 56.34
C LEU C 439 -12.94 4.97 56.97
N SER C 440 -14.14 4.53 56.64
CA SER C 440 -15.35 5.10 57.24
C SER C 440 -15.74 4.40 58.54
N ARG C 441 -14.92 3.45 59.00
CA ARG C 441 -15.19 2.73 60.24
C ARG C 441 -14.65 3.53 61.42
N LEU C 442 -14.61 2.92 62.59
CA LEU C 442 -14.09 3.58 63.78
C LEU C 442 -12.64 4.02 63.58
N ASP C 472 22.66 5.53 74.78
CA ASP C 472 23.51 5.23 73.64
C ASP C 472 22.68 4.85 72.43
N SER C 473 21.80 5.76 72.00
CA SER C 473 20.97 5.51 70.85
C SER C 473 21.82 5.51 69.58
N PRO C 474 21.37 4.80 68.54
CA PRO C 474 22.14 4.76 67.30
C PRO C 474 22.33 6.16 66.71
N ASP C 475 23.46 6.35 66.05
CA ASP C 475 23.77 7.66 65.47
C ASP C 475 22.75 8.04 64.41
N TRP C 476 22.39 7.10 63.54
CA TRP C 476 21.41 7.36 62.50
C TRP C 476 19.99 7.52 63.03
N CYS C 477 19.74 7.12 64.26
CA CYS C 477 18.41 7.25 64.84
C CYS C 477 18.12 8.70 65.21
N GLN C 478 16.83 9.03 65.25
CA GLN C 478 16.38 10.37 65.62
C GLN C 478 15.16 10.32 66.52
N CYS C 479 14.91 9.20 67.19
CA CYS C 479 13.72 9.07 68.03
C CYS C 479 13.98 8.40 69.37
N GLY C 480 15.16 7.84 69.60
CA GLY C 480 15.49 7.26 70.89
C GLY C 480 14.93 5.87 71.12
N ASN C 481 14.40 5.22 70.11
CA ASN C 481 13.85 3.87 70.23
C ASN C 481 14.48 2.86 69.30
N CYS C 482 15.20 3.31 68.27
CA CYS C 482 15.83 2.39 67.34
C CYS C 482 16.97 1.65 68.01
N LEU C 483 17.08 0.35 67.70
CA LEU C 483 18.12 -0.49 68.24
C LEU C 483 19.03 -0.98 67.13
N PRO C 484 20.28 -1.31 67.44
CA PRO C 484 21.17 -1.87 66.42
C PRO C 484 20.61 -3.16 65.85
N SER C 485 20.84 -3.37 64.55
CA SER C 485 20.34 -4.56 63.89
C SER C 485 21.17 -5.78 64.29
N GLN C 486 20.48 -6.91 64.42
CA GLN C 486 21.11 -8.19 64.72
C GLN C 486 21.46 -8.97 63.47
N LEU C 487 21.23 -8.42 62.28
CA LEU C 487 21.54 -9.10 61.04
C LEU C 487 23.04 -9.13 60.81
N PRO C 488 23.52 -9.98 59.90
CA PRO C 488 24.95 -9.97 59.57
C PRO C 488 25.40 -8.61 59.08
N GLU C 489 26.63 -8.25 59.44
CA GLU C 489 27.15 -6.93 59.13
C GLU C 489 27.00 -6.59 57.66
N ASN C 490 27.30 -7.56 56.78
CA ASN C 490 27.30 -7.28 55.35
C ASN C 490 25.95 -6.71 54.88
N ARG C 491 24.86 -7.10 55.55
CA ARG C 491 23.53 -6.62 55.21
C ARG C 491 22.87 -5.93 56.41
N ARG C 492 23.67 -5.35 57.29
CA ARG C 492 23.11 -4.69 58.46
C ARG C 492 22.51 -3.32 58.11
N ALA C 493 23.01 -2.69 57.05
CA ALA C 493 22.53 -1.36 56.69
C ALA C 493 21.08 -1.38 56.22
N LEU C 494 20.56 -2.55 55.85
CA LEU C 494 19.17 -2.63 55.41
C LEU C 494 18.22 -2.21 56.52
N GLU C 495 18.47 -2.65 57.74
CA GLU C 495 17.60 -2.36 58.88
C GLU C 495 17.99 -1.09 59.62
N GLU C 496 19.05 -0.39 59.18
CA GLU C 496 19.52 0.82 59.84
C GLU C 496 18.68 2.00 59.35
N LEU C 497 17.43 2.02 59.78
CA LEU C 497 16.47 3.02 59.36
C LEU C 497 15.68 3.52 60.56
N CYS C 498 15.49 4.83 60.63
CA CYS C 498 14.73 5.49 61.67
C CYS C 498 13.36 5.88 61.13
N CYS C 499 12.39 5.97 62.05
CA CYS C 499 11.04 6.37 61.69
C CYS C 499 10.95 7.80 61.19
N ARG C 500 11.99 8.63 61.41
CA ARG C 500 11.96 10.01 61.00
C ARG C 500 13.36 10.46 60.63
N ARG C 501 13.44 11.47 59.77
CA ARG C 501 14.73 12.01 59.36
C ARG C 501 15.32 12.92 60.42
N LYS C 502 14.50 13.67 61.13
CA LYS C 502 14.94 14.66 62.09
C LYS C 502 14.47 14.29 63.50
N PRO C 503 15.12 14.81 64.53
CA PRO C 503 14.73 14.44 65.90
C PRO C 503 13.28 14.80 66.19
N GLY C 504 12.63 13.95 66.97
CA GLY C 504 11.25 14.16 67.31
C GLY C 504 10.68 12.96 68.02
N GLN C 505 9.37 12.99 68.22
CA GLN C 505 8.69 11.88 68.88
C GLN C 505 8.59 10.69 67.94
N CYS C 506 8.76 9.49 68.50
CA CYS C 506 8.67 8.28 67.71
C CYS C 506 7.24 8.02 67.27
N ILE C 507 7.10 7.43 66.08
CA ILE C 507 5.79 7.03 65.59
C ILE C 507 5.19 5.97 66.48
N THR C 508 6.02 5.18 67.17
CA THR C 508 5.51 4.14 68.05
C THR C 508 4.65 4.72 69.17
N THR C 509 4.93 5.96 69.57
CA THR C 509 4.19 6.58 70.66
C THR C 509 2.77 6.98 70.24
N SER C 510 2.49 6.99 68.94
CA SER C 510 1.15 7.31 68.48
C SER C 510 0.15 6.26 68.94
N GLU C 511 -1.08 6.71 69.21
CA GLU C 511 -2.11 5.79 69.67
C GLU C 511 -2.45 4.76 68.61
N LEU C 512 -2.47 5.18 67.34
CA LEU C 512 -2.84 4.28 66.26
C LEU C 512 -1.86 3.13 66.12
N PHE C 513 -0.62 3.32 66.54
CA PHE C 513 0.38 2.26 66.39
C PHE C 513 0.00 1.03 67.18
N SER C 514 -0.47 1.22 68.42
CA SER C 514 -0.85 0.09 69.25
C SER C 514 -2.02 -0.67 68.65
N LYS C 515 -3.02 0.06 68.16
CA LYS C 515 -4.23 -0.58 67.65
C LYS C 515 -3.98 -1.28 66.32
N ILE C 516 -3.32 -0.59 65.39
CA ILE C 516 -3.09 -1.15 64.06
C ILE C 516 -2.08 -2.29 64.13
N VAL C 517 -1.00 -2.10 64.87
CA VAL C 517 0.16 -2.97 64.81
C VAL C 517 0.24 -3.89 66.02
N LEU C 518 0.20 -3.32 67.22
CA LEU C 518 0.47 -4.09 68.43
C LEU C 518 -0.77 -4.64 69.10
N SER C 519 -1.95 -4.48 68.49
CA SER C 519 -3.17 -5.07 69.04
C SER C 519 -3.22 -6.55 68.65
N ARG C 520 -3.08 -7.42 69.65
CA ARG C 520 -3.14 -8.85 69.38
C ARG C 520 -4.51 -9.26 68.87
N GLU C 521 -5.58 -8.63 69.36
CA GLU C 521 -6.92 -9.00 68.92
C GLU C 521 -7.10 -8.74 67.43
N ALA C 522 -6.65 -7.59 66.94
CA ALA C 522 -6.80 -7.28 65.52
C ALA C 522 -6.01 -8.24 64.64
N LEU C 523 -4.77 -8.54 65.04
CA LEU C 523 -3.96 -9.47 64.27
C LEU C 523 -4.57 -10.87 64.27
N GLN C 524 -5.11 -11.28 65.41
CA GLN C 524 -5.78 -12.58 65.46
C GLN C 524 -7.00 -12.60 64.56
N LEU C 525 -7.77 -11.51 64.54
CA LEU C 525 -8.93 -11.43 63.66
C LEU C 525 -8.51 -11.51 62.20
N LEU C 526 -7.41 -10.84 61.84
CA LEU C 526 -6.91 -10.94 60.47
C LEU C 526 -6.47 -12.36 60.15
N LEU C 527 -5.81 -13.03 61.10
CA LEU C 527 -5.42 -14.41 60.90
C LEU C 527 -6.63 -15.30 60.65
N LEU C 528 -7.68 -15.11 61.44
CA LEU C 528 -8.90 -15.88 61.26
C LEU C 528 -9.54 -15.59 59.91
N TYR C 529 -9.54 -14.32 59.51
CA TYR C 529 -10.08 -13.95 58.21
C TYR C 529 -9.34 -14.68 57.10
N GLN C 530 -8.01 -14.72 57.18
CA GLN C 530 -7.23 -15.47 56.21
C GLN C 530 -7.37 -16.97 56.42
N GLU C 531 -7.30 -17.43 57.68
CA GLU C 531 -7.36 -18.84 58.02
C GLU C 531 -8.39 -19.02 59.14
N PRO C 532 -9.66 -19.25 58.80
CA PRO C 532 -10.69 -19.30 59.85
C PRO C 532 -10.43 -20.33 60.94
N LEU C 533 -9.87 -21.48 60.59
CA LEU C 533 -9.62 -22.54 61.55
C LEU C 533 -8.16 -22.59 61.99
N LEU C 534 -7.50 -21.44 62.05
CA LEU C 534 -6.12 -21.39 62.48
C LEU C 534 -6.00 -21.77 63.94
N ALA C 535 -5.00 -22.59 64.26
CA ALA C 535 -4.75 -23.03 65.62
C ALA C 535 -3.79 -22.06 66.28
N LEU C 536 -4.25 -21.37 67.32
CA LEU C 536 -3.45 -20.37 68.02
C LEU C 536 -2.61 -21.06 69.10
N GLU C 537 -1.64 -21.85 68.62
CA GLU C 537 -0.77 -22.60 69.51
C GLU C 537 0.58 -22.75 68.84
N GLY C 538 1.59 -23.05 69.67
CA GLY C 538 2.94 -23.23 69.17
C GLY C 538 3.67 -21.90 69.02
N GLU C 539 4.90 -22.00 68.51
CA GLU C 539 5.73 -20.82 68.30
C GLU C 539 5.44 -20.14 66.96
N ALA C 540 4.65 -20.76 66.10
CA ALA C 540 4.34 -20.15 64.80
C ALA C 540 3.35 -19.02 64.91
N ILE C 541 2.52 -19.01 65.95
CA ILE C 541 1.52 -17.94 66.11
C ILE C 541 2.22 -16.60 66.29
N ASN C 542 3.30 -16.57 67.06
CA ASN C 542 4.05 -15.32 67.24
C ASN C 542 4.63 -14.84 65.92
N SER C 543 5.18 -15.77 65.12
CA SER C 543 5.75 -15.39 63.83
C SER C 543 4.66 -14.84 62.91
N LYS C 544 3.49 -15.47 62.91
CA LYS C 544 2.40 -15.01 62.07
C LYS C 544 1.92 -13.64 62.50
N LEU C 545 1.81 -13.41 63.81
CA LEU C 545 1.43 -12.09 64.30
C LEU C 545 2.46 -11.04 63.92
N ARG C 546 3.74 -11.40 63.98
CA ARG C 546 4.79 -10.47 63.58
C ARG C 546 4.66 -10.12 62.10
N HIS C 547 4.44 -11.12 61.26
CA HIS C 547 4.29 -10.87 59.83
C HIS C 547 3.09 -9.98 59.56
N CYS C 548 1.97 -10.23 60.24
CA CYS C 548 0.78 -9.42 60.02
C CYS C 548 0.97 -8.00 60.55
N ALA C 549 1.70 -7.84 61.65
CA ALA C 549 2.00 -6.50 62.16
C ALA C 549 2.88 -5.73 61.17
N TYR C 550 3.89 -6.39 60.61
CA TYR C 550 4.69 -5.76 59.57
C TYR C 550 3.83 -5.34 58.39
N ARG C 551 2.97 -6.23 57.93
CA ARG C 551 2.08 -5.91 56.81
C ARG C 551 1.17 -4.74 57.16
N SER C 552 0.67 -4.70 58.40
CA SER C 552 -0.24 -3.64 58.79
C SER C 552 0.46 -2.29 58.82
N TYR C 553 1.66 -2.23 59.40
CA TYR C 553 2.41 -0.99 59.38
C TYR C 553 2.73 -0.57 57.95
N ALA C 554 3.15 -1.52 57.12
CA ALA C 554 3.51 -1.20 55.74
C ALA C 554 2.30 -0.69 54.98
N THR C 555 1.13 -1.27 55.20
CA THR C 555 -0.07 -0.81 54.53
C THR C 555 -0.49 0.57 55.03
N TRP C 556 -0.33 0.80 56.29
CA TRP C 556 -0.71 2.07 56.89
C TRP C 556 0.19 3.20 56.41
N ARG C 557 1.50 2.97 56.35
CA ARG C 557 2.44 4.03 56.02
C ARG C 557 2.77 4.09 54.52
N PHE C 558 2.24 3.18 53.71
CA PHE C 558 2.47 3.19 52.28
C PHE C 558 1.22 2.97 51.46
N VAL C 559 0.12 2.51 52.06
CA VAL C 559 -1.16 2.37 51.36
C VAL C 559 -1.05 1.33 50.26
N SER C 560 -0.33 1.67 49.19
CA SER C 560 -0.22 0.78 48.04
C SER C 560 0.40 -0.55 48.44
N GLN C 561 -0.22 -1.64 47.99
CA GLN C 561 0.35 -2.97 48.26
C GLN C 561 1.67 -3.17 47.53
N ASP C 562 1.81 -2.56 46.31
CA ASP C 562 3.05 -2.67 45.54
C ASP C 562 4.21 -2.02 46.28
N MET C 563 3.97 -0.86 46.90
CA MET C 563 4.99 -0.22 47.70
C MET C 563 5.15 -0.87 49.07
N ALA C 564 4.06 -1.38 49.64
CA ALA C 564 4.13 -2.03 50.94
C ALA C 564 4.92 -3.34 50.87
N ASP C 565 4.89 -4.02 49.73
CA ASP C 565 5.58 -5.30 49.61
C ASP C 565 7.10 -5.12 49.70
N PHE C 566 7.62 -4.01 49.17
CA PHE C 566 9.04 -3.71 49.28
C PHE C 566 9.34 -2.60 50.26
N ALA C 567 8.39 -2.26 51.13
CA ALA C 567 8.65 -1.28 52.16
C ALA C 567 9.64 -1.83 53.18
N ILE C 568 10.27 -0.93 53.91
CA ILE C 568 11.22 -1.29 54.96
C ILE C 568 10.74 -0.65 56.25
N LEU C 569 10.56 -1.45 57.27
CA LEU C 569 10.11 -0.95 58.54
C LEU C 569 11.26 -0.28 59.29
N PRO C 570 10.97 0.77 60.06
CA PRO C 570 12.02 1.35 60.91
C PRO C 570 12.42 0.39 62.01
N SER C 571 13.64 0.58 62.50
CA SER C 571 14.15 -0.28 63.56
C SER C 571 13.29 -0.20 64.81
N CYS C 572 12.84 1.00 65.16
CA CYS C 572 12.05 1.17 66.38
C CYS C 572 10.75 0.39 66.30
N CYS C 573 9.99 0.58 65.23
CA CYS C 573 8.73 -0.13 65.07
C CYS C 573 8.98 -1.64 64.91
N ARG C 574 10.00 -2.00 64.15
CA ARG C 574 10.34 -3.41 63.99
C ARG C 574 10.59 -4.08 65.33
N TRP C 575 11.41 -3.46 66.18
CA TRP C 575 11.77 -4.09 67.44
C TRP C 575 10.63 -4.02 68.45
N LYS C 576 9.80 -2.98 68.39
CA LYS C 576 8.61 -2.96 69.23
C LYS C 576 7.68 -4.11 68.86
N ILE C 577 7.50 -4.36 67.56
CA ILE C 577 6.70 -5.50 67.12
C ILE C 577 7.34 -6.81 67.60
N ARG C 578 8.65 -6.93 67.42
CA ARG C 578 9.34 -8.16 67.75
C ARG C 578 9.33 -8.45 69.25
N LYS C 579 9.31 -7.43 70.09
CA LYS C 579 9.19 -7.64 71.54
C LYS C 579 7.76 -7.86 71.98
N GLU C 580 6.79 -7.28 71.27
CA GLU C 580 5.39 -7.63 71.53
C GLU C 580 5.13 -9.10 71.24
N PHE C 581 5.81 -9.67 70.25
CA PHE C 581 5.70 -11.08 69.89
C PHE C 581 7.11 -11.64 69.79
N PRO C 582 7.78 -11.87 70.92
CA PRO C 582 9.16 -12.35 70.87
C PRO C 582 9.29 -13.71 70.22
N LYS C 583 10.43 -13.90 69.56
CA LYS C 583 10.82 -15.20 69.04
C LYS C 583 11.59 -15.94 70.12
N THR C 584 11.24 -17.21 70.34
CA THR C 584 11.73 -17.94 71.50
C THR C 584 13.19 -18.35 71.32
N GLN C 585 13.46 -19.21 70.34
CA GLN C 585 14.76 -19.86 70.19
C GLN C 585 15.24 -19.79 68.74
N GLY C 586 15.20 -18.60 68.17
CA GLY C 586 15.62 -18.42 66.79
C GLY C 586 16.14 -17.02 66.57
N GLN C 587 16.57 -16.76 65.34
CA GLN C 587 17.09 -15.47 64.93
C GLN C 587 16.18 -14.90 63.83
N TYR C 588 15.79 -13.64 63.99
CA TYR C 588 14.93 -12.99 63.01
C TYR C 588 15.64 -12.89 61.66
N SER C 589 14.91 -13.19 60.59
CA SER C 589 15.47 -13.18 59.25
C SER C 589 15.35 -11.82 58.57
N GLY C 590 14.35 -11.03 58.94
CA GLY C 590 14.20 -9.71 58.38
C GLY C 590 13.51 -9.72 57.02
N PHE C 591 13.62 -8.59 56.34
CA PHE C 591 13.02 -8.42 55.03
C PHE C 591 13.67 -9.34 54.01
N LYS C 592 12.84 -9.93 53.14
CA LYS C 592 13.31 -10.79 52.07
C LYS C 592 12.64 -10.39 50.76
N TYR C 593 13.35 -10.61 49.67
CA TYR C 593 12.85 -10.27 48.34
C TYR C 593 11.72 -11.20 47.95
N PRO C 594 10.51 -10.70 47.67
CA PRO C 594 9.41 -11.61 47.29
C PRO C 594 9.70 -12.43 46.05
N TYR C 595 10.37 -11.86 45.06
CA TYR C 595 10.65 -12.56 43.81
C TYR C 595 12.07 -13.13 43.81
C10 7RV D . 5.29 -3.39 -53.74
C13 7RV D . 9.26 -4.58 -50.95
C15 7RV D . 9.20 -2.44 -52.03
C17 7RV D . 11.03 -2.98 -50.46
C20 7RV D . 12.83 -2.03 -48.56
C21 7RV D . 12.06 -1.14 -49.29
C22 7RV D . 11.16 -1.61 -50.23
C24 7RV D . 3.18 -5.43 -57.35
C26 7RV D . 2.46 -6.47 -59.35
C28 7RV D . 4.73 -6.15 -58.95
O01 7RV D . 6.25 -4.17 -57.15
C02 7RV D . 5.56 -5.05 -56.82
N03 7RV D . 5.72 -5.70 -55.48
C04 7RV D . 6.80 -5.23 -54.55
C05 7RV D . 6.17 -4.51 -53.27
C06 7RV D . 5.31 -5.46 -52.59
C07 7RV D . 4.56 -4.84 -51.38
O08 7RV D . 3.84 -3.61 -51.73
C09 7RV D . 4.61 -2.68 -52.58
N11 7RV D . 7.27 -3.97 -52.29
C12 7RV D . 8.21 -5.05 -51.97
N14 7RV D . 10.05 -3.50 -51.50
C16 7RV D . 8.09 -2.97 -52.95
C18 7RV D . 11.80 -3.87 -49.74
C19 7RV D . 12.70 -3.39 -48.79
C23 7RV D . 4.45 -5.57 -57.74
C25 7RV D . 2.18 -5.88 -58.14
N27 7RV D . 3.74 -6.60 -59.74
S29 7RV D . 6.48 -6.36 -59.53
C30 7RV D . 6.39 -7.89 -60.52
C31 7RV D . 6.71 -7.87 -61.88
C32 7RV D . 6.63 -9.03 -62.61
C33 7RV D . 6.23 -10.21 -62.00
C34 7RV D . 5.91 -10.21 -60.66
C35 7RV D . 5.99 -9.04 -59.92
H1 7RV D . 5.84 -2.69 -54.33
H2 7RV D . 4.49 -3.80 -54.35
H3 7RV D . 8.75 -4.23 -50.06
H4 7RV D . 9.90 -5.42 -50.69
H5 7RV D . 8.72 -1.91 -51.19
H6 7RV D . 9.82 -1.74 -52.58
H7 7RV D . 13.55 -1.66 -47.79
H8 7RV D . 12.16 -0.06 -49.11
H9 7RV D . 10.56 -0.89 -50.80
H10 7RV D . 2.94 -4.97 -56.40
H11 7RV D . 1.66 -6.82 -59.98
H12 7RV D . 5.11 -6.46 -55.21
H13 7RV D . 7.38 -6.06 -54.25
H14 7RV D . 7.42 -4.55 -55.09
H15 7RV D . 4.57 -5.83 -53.26
H16 7RV D . 5.88 -6.29 -52.24
H17 7RV D . 3.86 -5.54 -51.02
H18 7RV D . 5.28 -4.62 -50.59
H19 7RV D . 5.36 -2.19 -51.97
H20 7RV D . 3.92 -1.93 -53.00
H22 7RV D . 8.75 -5.36 -52.86
H23 7RV D . 7.70 -5.88 -51.54
H24 7RV D . 8.56 -3.39 -53.85
H25 7RV D . 7.48 -2.13 -53.22
H26 7RV D . 11.71 -4.94 -49.91
H27 7RV D . 13.30 -4.09 -48.23
H28 7RV D . 1.15 -5.77 -57.82
H29 7RV D . 7.02 -6.94 -62.35
H30 7RV D . 6.88 -9.02 -63.66
H31 7RV D . 6.16 -11.13 -62.58
H32 7RV D . 5.60 -11.11 -60.19
H33 7RV D . 5.74 -9.04 -58.85
PB GDP E . -13.28 26.71 56.44
O1B GDP E . -12.65 26.41 57.76
O2B GDP E . -12.33 26.27 55.35
O3B GDP E . -13.46 28.20 56.32
O3A GDP E . -14.73 26.02 56.33
PA GDP E . -15.07 24.62 55.61
O1A GDP E . -15.34 23.56 56.63
O2A GDP E . -16.27 24.73 54.72
O5' GDP E . -13.77 24.19 54.76
C5' GDP E . -13.74 24.11 53.35
C4' GDP E . -13.33 22.71 52.93
O4' GDP E . -14.38 21.78 53.22
C3' GDP E . -13.07 22.69 51.44
O3' GDP E . -11.78 22.15 51.15
C2' GDP E . -14.16 21.84 50.85
O2' GDP E . -13.64 20.93 49.88
C1' GDP E . -14.79 21.13 52.02
N9 GDP E . -16.25 21.22 51.83
C8 GDP E . -17.05 22.15 52.36
N7 GDP E . -18.32 21.98 51.96
C5 GDP E . -18.33 20.92 51.13
C6 GDP E . -19.34 20.20 50.36
O6 GDP E . -20.51 20.58 50.40
N1 GDP E . -18.98 19.16 49.62
C2 GDP E . -17.71 18.74 49.57
N2 GDP E . -17.42 17.68 48.79
N3 GDP E . -16.71 19.36 50.25
C4 GDP E . -16.96 20.43 51.04
H5' GDP E . -14.71 24.35 52.91
H5'' GDP E . -13.01 24.83 52.97
H4' GDP E . -12.42 22.43 53.47
H3' GDP E . -13.17 23.71 51.07
HO3' GDP E . -11.62 22.23 50.20
H2' GDP E . -14.91 22.50 50.37
HO2' GDP E . -13.36 21.42 49.10
H1' GDP E . -14.47 20.09 52.03
H8 GDP E . -16.72 22.94 53.04
HN1 GDP E . -19.71 18.65 49.07
HN21 GDP E . -18.15 17.21 48.27
HN22 GDP E . -16.48 17.34 48.72
ZN ZN F . -32.21 16.85 56.39
ZN ZN G . -34.12 19.88 54.94
C1 NAG H . -4.04 -23.38 -50.10
C2 NAG H . -4.77 -23.05 -51.40
C3 NAG H . -5.82 -24.10 -51.71
C4 NAG H . -5.21 -25.50 -51.69
C5 NAG H . -4.46 -25.73 -50.39
C6 NAG H . -3.69 -27.03 -50.39
C7 NAG H . -5.28 -20.83 -52.34
C8 NAG H . -5.98 -19.54 -52.10
N2 NAG H . -5.37 -21.73 -51.34
O3 NAG H . -6.38 -23.83 -52.99
O4 NAG H . -6.24 -26.48 -51.84
O5 NAG H . -3.50 -24.69 -50.19
O6 NAG H . -2.50 -26.92 -51.16
O7 NAG H . -4.66 -21.07 -53.37
H2 NAG H . -4.11 -23.07 -52.12
H3 NAG H . -6.53 -24.06 -51.03
H4 NAG H . -4.60 -25.58 -52.45
H5 NAG H . -5.09 -25.74 -49.65
H61 NAG H . -3.46 -27.26 -49.47
H62 NAG H . -4.25 -27.73 -50.76
H81 NAG H . -6.89 -19.72 -51.79
H82 NAG H . -5.50 -19.03 -51.44
H83 NAG H . -6.03 -19.05 -52.94
HN2 NAG H . -5.85 -21.50 -50.60
HO3 NAG H . -7.11 -24.34 -53.09
HO4 NAG H . -6.06 -27.01 -52.53
HO6 NAG H . -2.06 -27.70 -51.13
C1 NAG I . -15.08 -15.83 -47.78
C2 NAG I . -16.26 -16.81 -47.77
C3 NAG I . -16.50 -17.38 -49.16
C4 NAG I . -16.63 -16.26 -50.18
C5 NAG I . -15.44 -15.31 -50.08
C6 NAG I . -15.55 -14.11 -50.97
C7 NAG I . -16.72 -18.03 -45.68
C8 NAG I . -16.33 -19.19 -44.82
N2 NAG I . -16.02 -17.89 -46.82
O3 NAG I . -17.68 -18.17 -49.15
O4 NAG I . -16.70 -16.78 -51.50
O5 NAG I . -15.33 -14.81 -48.74
O6 NAG I . -14.26 -13.63 -51.36
O7 NAG I . -17.62 -17.26 -45.37
H1 NAG I . -14.28 -16.31 -48.02
H2 NAG I . -17.06 -16.33 -47.50
H3 NAG I . -15.74 -17.94 -49.41
H4 NAG I . -17.45 -15.75 -50.00
H5 NAG I . -14.62 -15.80 -50.29
H61 NAG I . -16.06 -14.34 -51.77
H62 NAG I . -16.00 -13.39 -50.49
H81 NAG I . -16.33 -20.01 -45.35
H82 NAG I . -15.43 -19.05 -44.47
H83 NAG I . -16.95 -19.27 -44.07
HN2 NAG I . -15.36 -18.49 -47.00
HO3 NAG I . -17.73 -18.63 -49.91
HO4 NAG I . -17.29 -16.34 -51.97
HO6 NAG I . -14.33 -12.85 -51.76
C1 PLM J . -26.99 -0.06 23.06
O1 PLM J . -27.17 -0.81 22.11
C2 PLM J . -27.01 1.45 22.94
C3 PLM J . -26.63 1.92 21.52
C4 PLM J . -25.27 1.40 21.01
C5 PLM J . -24.90 1.90 19.59
C6 PLM J . -23.39 1.80 19.20
C7 PLM J . -23.05 2.03 17.69
C8 PLM J . -21.56 2.39 17.36
C9 PLM J . -21.17 2.34 15.85
H21 PLM J . -26.36 1.90 23.73
H22 PLM J . -28.04 1.78 23.21
H31 PLM J . -26.64 3.03 21.52
H32 PLM J . -27.44 1.63 20.83
H41 PLM J . -25.28 0.30 21.01
H42 PLM J . -24.48 1.68 21.73
H51 PLM J . -25.23 2.95 19.50
H52 PLM J . -25.51 1.35 18.84
H61 PLM J . -22.99 0.83 19.53
H62 PLM J . -22.83 2.55 19.81
H71 PLM J . -23.70 2.81 17.29
H72 PLM J . -23.34 1.11 17.13
H81 PLM J . -20.89 1.71 17.93
H82 PLM J . -21.36 3.40 17.76
H92 PLM J . -20.61 3.26 15.61
C1 PLM K . -32.06 -0.35 22.30
O2 PLM K . -33.27 -0.32 22.08
C2 PLM K . -31.03 0.18 21.34
C3 PLM K . -31.07 -0.55 20.02
C4 PLM K . -29.80 -0.36 19.22
C5 PLM K . -29.81 -1.21 17.96
C6 PLM K . -28.59 -0.94 17.10
C7 PLM K . -27.31 -1.32 17.83
H21 PLM K . -31.26 1.27 21.19
H22 PLM K . -30.01 0.10 21.80
H31 PLM K . -31.24 -1.65 20.20
H32 PLM K . -31.94 -0.17 19.43
H41 PLM K . -29.68 0.72 18.95
H42 PLM K . -28.92 -0.65 19.86
H51 PLM K . -29.85 -2.29 18.23
H52 PLM K . -30.74 -0.98 17.37
H61 PLM K . -28.67 -1.51 16.15
H62 PLM K . -28.55 0.15 16.84
C1 PLM L . -29.69 -3.56 22.59
O2 PLM L . -29.99 -2.48 22.07
C2 PLM L . -29.19 -4.74 21.83
C3 PLM L . -29.66 -4.73 20.39
C4 PLM L . -28.83 -5.61 19.48
C5 PLM L . -28.69 -4.99 18.10
C6 PLM L . -27.82 -5.86 17.20
C7 PLM L . -26.35 -5.58 17.41
C8 PLM L . -25.50 -6.40 16.45
C9 PLM L . -24.03 -6.19 16.69
CA PLM L . -23.19 -6.94 15.68
H21 PLM L . -28.06 -4.68 21.84
H22 PLM L . -29.48 -5.70 22.33
H31 PLM L . -30.72 -5.08 20.36
H32 PLM L . -29.64 -3.68 20.01
H41 PLM L . -27.80 -5.75 19.93
H42 PLM L . -29.29 -6.63 19.39
H51 PLM L . -29.71 -4.87 17.65
H52 PLM L . -28.24 -3.97 18.19
H61 PLM L . -28.04 -6.94 17.41
H62 PLM L . -28.10 -5.68 16.13
H71 PLM L . -26.15 -4.49 17.24
H72 PLM L . -26.07 -5.82 18.46
H81 PLM L . -25.75 -7.49 16.57
H82 PLM L . -25.75 -6.13 15.40
H91 PLM L . -23.79 -5.10 16.64
H92 PLM L . -23.76 -6.52 17.73
C1 PLM M . -31.42 -10.78 19.15
O2 PLM M . -32.03 -9.74 18.87
C2 PLM M . -30.21 -11.27 18.42
C3 PLM M . -29.92 -10.44 17.18
C4 PLM M . -28.66 -10.92 16.47
C5 PLM M . -28.13 -9.89 15.49
C6 PLM M . -29.15 -9.57 14.42
C7 PLM M . -28.50 -8.95 13.21
C8 PLM M . -27.93 -7.58 13.52
C9 PLM M . -27.42 -6.88 12.28
CA PLM M . -26.24 -7.61 11.67
H21 PLM M . -29.35 -11.19 19.13
H22 PLM M . -30.34 -12.34 18.13
H31 PLM M . -30.79 -10.48 16.48
H32 PLM M . -29.78 -9.37 17.48
H41 PLM M . -27.87 -11.16 17.22
H42 PLM M . -28.88 -11.87 15.91
H51 PLM M . -27.88 -8.95 16.05
H52 PLM M . -27.19 -10.26 15.02
H61 PLM M . -29.69 -10.51 14.11
H62 PLM M . -29.93 -8.87 14.82
H71 PLM M . -27.68 -9.62 12.83
H72 PLM M . -29.25 -8.86 12.37
H81 PLM M . -28.72 -6.95 14.02
H82 PLM M . -27.09 -7.69 14.26
H91 PLM M . -28.24 -6.80 11.53
H92 PLM M . -27.12 -5.83 12.55
C1 PLM N . -25.27 -13.45 23.11
O2 PLM N . -25.18 -14.62 23.45
C2 PLM N . -24.11 -12.60 22.67
C3 PLM N . -23.54 -13.07 21.35
C4 PLM N . -24.61 -13.24 20.31
C5 PLM N . -24.00 -13.32 18.93
C6 PLM N . -23.61 -11.95 18.42
C7 PLM N . -24.42 -11.55 17.20
C8 PLM N . -23.88 -12.26 15.96
C9 PLM N . -22.66 -11.56 15.42
CA PLM N . -21.57 -12.55 15.06
CB PLM N . -20.37 -11.86 14.45
CC PLM N . -19.33 -12.86 14.00
H21 PLM N . -24.48 -11.55 22.57
H22 PLM N . -23.31 -12.62 23.47
H31 PLM N . -22.78 -12.32 20.99
H32 PLM N . -23.00 -14.04 21.50
H41 PLM N . -25.20 -14.17 20.51
H42 PLM N . -25.32 -12.37 20.36
H51 PLM N . -23.09 -13.97 18.96
H52 PLM N . -24.73 -13.80 18.21
H61 PLM N . -23.78 -11.19 19.24
H62 PLM N . -22.52 -11.94 18.19
H71 PLM N . -25.50 -11.80 17.35
H72 PLM N . -24.35 -10.44 17.05
H81 PLM N . -23.62 -13.32 16.22
H82 PLM N . -24.69 -12.29 15.17
H91 PLM N . -22.94 -10.96 14.51
H92 PLM N . -22.27 -10.84 16.18
HA1 PLM N . -21.26 -13.11 15.98
HA2 PLM N . -21.98 -13.31 14.35
HB1 PLM N . -20.70 -11.24 13.58
HB2 PLM N . -19.92 -11.17 15.21
NA NA O . -2.19 -0.23 9.65
C10 7RV P . 19.09 -2.22 -50.59
C13 7RV P . 17.42 2.19 -48.94
C15 7RV P . 16.03 0.91 -50.41
C17 7RV P . 15.16 2.99 -49.39
C20 7RV P . 12.95 4.33 -48.39
C21 7RV P . 12.78 3.12 -49.02
C22 7RV P . 13.88 2.44 -49.53
C24 7RV P . 22.94 -3.57 -52.82
C26 7RV P . 24.79 -3.97 -54.22
C28 7RV P . 23.43 -2.13 -54.62
O01 7RV P . 20.51 -1.54 -53.86
C02 7RV P . 21.42 -1.65 -53.14
N03 7RV P . 21.43 -0.97 -51.81
C04 7RV P . 20.25 -0.14 -51.38
C05 7RV P . 19.48 -0.84 -50.17
C06 7RV P . 20.41 -0.98 -49.06
C07 7RV P . 19.79 -1.74 -47.85
O08 7RV P . 19.19 -3.03 -48.24
C09 7RV P . 18.38 -2.97 -49.47
N11 7RV P . 18.22 -0.02 -49.72
C12 7RV P . 18.62 1.38 -49.45
N14 7RV P . 16.38 2.24 -49.94
C16 7RV P . 17.27 0.07 -50.81
C18 7RV P . 15.32 4.19 -48.75
C19 7RV P . 14.22 4.87 -48.25
C23 7RV P . 22.64 -2.49 -53.54
C25 7RV P . 24.02 -4.32 -53.15
N27 7RV P . 24.49 -2.88 -54.95
S29 7RV P . 23.06 -0.63 -55.64
C30 7RV P . 24.71 -0.10 -56.18
C31 7RV P . 25.03 -0.05 -57.53
C32 7RV P . 26.29 0.35 -57.92
C33 7RV P . 27.23 0.69 -56.97
C34 7RV P . 26.91 0.63 -55.63
C35 7RV P . 25.64 0.23 -55.24
H1 7RV P . 18.47 -2.20 -51.46
H2 7RV P . 19.99 -2.79 -50.82
H3 7RV P . 17.04 1.72 -48.05
H4 7RV P . 17.77 3.20 -48.70
H5 7RV P . 15.51 0.36 -49.60
H6 7RV P . 15.38 0.99 -51.26
H7 7RV P . 12.06 4.87 -47.99
H8 7RV P . 11.77 2.69 -49.14
H9 7RV P . 13.74 1.49 -50.03
H10 7RV P . 22.33 -3.84 -51.98
H11 7RV P . 25.65 -4.58 -54.49
H12 7RV P . 22.24 -1.07 -51.20
H13 7RV P . 20.61 0.81 -51.10
H14 7RV P . 19.60 -0.03 -52.23
H15 7RV P . 21.27 -1.54 -49.37
H16 7RV P . 20.74 -0.03 -48.73
H17 7RV P . 20.55 -1.93 -47.15
H18 7RV P . 19.02 -1.12 -47.39
H19 7RV P . 17.44 -2.49 -49.25
H20 7RV P . 18.19 -4.01 -49.82
H22 7RV P . 18.96 1.85 -50.38
H23 7RV P . 19.38 1.43 -48.72
H24 7RV P . 17.73 0.55 -51.68
H25 7RV P . 16.91 -0.90 -51.06
H26 7RV P . 16.31 4.62 -48.64
H27 7RV P . 14.35 5.81 -47.75
H28 7RV P . 24.25 -5.20 -52.57
H29 7RV P . 24.28 -0.31 -58.28
H30 7RV P . 26.53 0.39 -58.97
H31 7RV P . 28.23 1.01 -57.29
H32 7RV P . 27.64 0.89 -54.90
H33 7RV P . 25.38 0.18 -54.17
PB GDP Q . -36.11 -15.83 50.19
O1B GDP Q . -36.59 -14.93 51.30
O2B GDP Q . -35.78 -14.97 49.00
O3B GDP Q . -37.26 -16.74 49.80
O3A GDP Q . -34.89 -16.74 50.69
PA GDP Q . -33.32 -16.43 50.44
O1A GDP Q . -32.68 -15.97 51.70
O2A GDP Q . -32.60 -17.65 49.97
O5' GDP Q . -33.22 -15.26 49.36
C5' GDP Q . -32.69 -15.40 48.06
C4' GDP Q . -31.55 -14.42 47.87
O4' GDP Q . -30.43 -14.80 48.66
C3' GDP Q . -31.14 -14.42 46.42
O3' GDP Q . -31.13 -13.10 45.88
C2' GDP Q . -29.75 -15.02 46.39
O2' GDP Q . -28.87 -14.27 45.54
C1' GDP Q . -29.29 -15.01 47.83
N9 GDP Q . -28.68 -16.34 48.06
C8 GDP Q . -29.30 -17.40 48.60
N7 GDP Q . -28.47 -18.45 48.65
C5 GDP Q . -27.30 -18.06 48.13
C6 GDP Q . -25.99 -18.69 47.87
O6 GDP Q . -25.83 -19.87 48.18
N1 GDP Q . -25.02 -17.98 47.32
C2 GDP Q . -25.20 -16.69 46.98
N2 GDP Q . -24.16 -16.04 46.42
N3 GDP Q . -26.37 -16.04 47.17
C4 GDP Q . -27.44 -16.67 47.73
H5' GDP Q . -32.32 -16.41 47.90
H5'' GDP Q . -33.47 -15.20 47.33
H4' GDP Q . -31.89 -13.41 48.15
H3' GDP Q . -31.81 -15.07 45.86
HO3' GDP Q . -30.94 -13.15 44.93
H2' GDP Q . -29.82 -16.05 46.03
HO2' GDP Q . -29.13 -14.40 44.63
H1' GDP Q . -28.55 -14.22 47.98
H8 GDP Q . -30.33 -17.40 48.94
HN1 GDP Q . -24.10 -18.43 47.15
HN21 GDP Q . -23.28 -16.52 46.27
HN22 GDP Q . -24.26 -15.07 46.15
ZN ZN R . -19.77 -27.04 58.14
ZN ZN S . -21.00 -30.40 56.68
C1 NAG T . 38.53 0.39 -39.86
C2 NAG T . 39.01 -0.60 -40.92
C3 NAG T . 40.45 -1.02 -40.64
C4 NAG T . 41.35 0.21 -40.50
C5 NAG T . 40.78 1.16 -39.47
C6 NAG T . 41.53 2.47 -39.40
C7 NAG T . 37.70 -2.29 -42.13
C8 NAG T . 36.84 -3.50 -41.99
N2 NAG T . 38.14 -1.76 -40.98
O3 NAG T . 40.90 -1.83 -41.72
O4 NAG T . 42.65 -0.20 -40.09
O5 NAG T . 39.42 1.50 -39.80
O6 NAG T . 41.19 3.30 -40.50
O7 NAG T . 37.99 -1.80 -43.22
H2 NAG T . 38.99 -0.14 -41.78
H3 NAG T . 40.48 -1.53 -39.82
H4 NAG T . 41.41 0.65 -41.36
H5 NAG T . 40.79 0.75 -38.58
H61 NAG T . 41.30 2.93 -38.57
H62 NAG T . 42.49 2.28 -39.42
H81 NAG T . 37.26 -4.13 -41.39
H82 NAG T . 35.97 -3.23 -41.64
H83 NAG T . 36.73 -3.91 -42.87
HN2 NAG T . 37.90 -2.16 -40.20
HO3 NAG T . 41.66 -2.22 -41.48
HO4 NAG T . 43.25 0.10 -40.67
HO6 NAG T . 41.64 4.06 -40.44
C1 NAG U . 36.13 -12.43 -36.08
C2 NAG U . 37.45 -12.94 -35.49
C3 NAG U . 38.51 -13.07 -36.57
C4 NAG U . 37.97 -13.91 -37.73
C5 NAG U . 36.64 -13.34 -38.21
C6 NAG U . 35.98 -14.18 -39.28
C7 NAG U . 37.94 -12.38 -33.15
C8 NAG U . 38.45 -11.33 -32.19
N2 NAG U . 37.92 -12.05 -34.44
O3 NAG U . 39.66 -13.69 -36.03
O4 NAG U . 38.90 -13.90 -38.81
O5 NAG U . 35.72 -13.30 -37.12
O6 NAG U . 35.18 -13.38 -40.14
O7 NAG U . 37.58 -13.49 -32.75
H1 NAG U . 36.28 -11.54 -36.44
H2 NAG U . 37.29 -13.82 -35.10
H3 NAG U . 38.74 -12.19 -36.91
H4 NAG U . 37.85 -14.83 -37.43
H5 NAG U . 36.77 -12.44 -38.55
H61 NAG U . 36.68 -14.63 -39.80
H62 NAG U . 35.42 -14.85 -38.86
H81 NAG U . 39.33 -11.03 -32.50
H82 NAG U . 37.83 -10.59 -32.19
H83 NAG U . 38.53 -11.72 -31.30
HN2 NAG U . 38.20 -11.21 -34.67
HO3 NAG U . 40.35 -13.61 -36.60
HO4 NAG U . 38.94 -14.70 -39.17
HO6 NAG U . 34.69 -13.90 -40.66
C1 PLM V . 3.62 -19.36 29.52
O1 PLM V . 4.65 -19.29 28.87
C2 PLM V . 2.41 -20.15 29.09
C3 PLM V . 2.34 -20.27 27.55
C4 PLM V . 2.37 -18.94 26.77
C5 PLM V . 2.28 -19.10 25.23
C6 PLM V . 1.85 -17.83 24.44
C7 PLM V . 2.05 -17.88 22.90
C8 PLM V . 1.22 -16.85 22.05
C9 PLM V . 1.61 -16.73 20.55
H21 PLM V . 1.49 -19.70 29.50
H22 PLM V . 2.48 -21.14 29.57
H31 PLM V . 1.41 -20.84 27.28
H32 PLM V . 3.16 -20.93 27.22
H41 PLM V . 3.29 -18.39 27.03
H42 PLM V . 1.55 -18.29 27.14
H51 PLM V . 1.58 -19.91 25.01
H52 PLM V . 3.26 -19.46 24.85
H61 PLM V . 2.39 -16.95 24.84
H62 PLM V . 0.78 -17.63 24.66
H71 PLM V . 1.80 -18.89 22.54
H72 PLM V . 3.11 -17.75 22.67
H81 PLM V . 1.30 -15.86 22.53
H82 PLM V . 0.14 -17.11 22.13
H92 PLM V . 0.68 -16.74 19.93
C1 PLM W . 6.29 -23.65 30.43
O2 PLM W . 6.85 -24.73 30.58
C2 PLM W . 5.74 -23.18 29.11
C3 PLM W . 6.82 -23.06 28.06
C4 PLM W . 6.39 -22.20 26.89
C5 PLM W . 7.53 -21.99 25.92
C6 PLM W . 7.09 -21.21 24.70
C7 PLM W . 6.61 -19.81 25.06
H21 PLM W . 4.98 -23.94 28.78
H22 PLM W . 5.21 -22.20 29.24
H31 PLM W . 7.74 -22.64 28.53
H32 PLM W . 7.08 -24.09 27.69
H41 PLM W . 5.54 -22.68 26.36
H42 PLM W . 6.04 -21.21 27.28
H51 PLM W . 8.37 -21.43 26.43
H52 PLM W . 7.94 -22.98 25.61
H61 PLM W . 7.93 -21.14 23.97
H62 PLM W . 6.25 -21.76 24.19
C1 PLM X . 7.86 -19.98 30.71
O2 PLM X . 7.27 -20.86 30.07
C2 PLM X . 8.89 -19.08 30.11
C3 PLM X . 9.58 -19.71 28.92
C4 PLM X . 10.27 -18.70 28.02
C5 PLM X . 10.18 -19.11 26.57
C6 PLM X . 10.84 -18.09 25.68
C7 PLM X . 9.91 -16.94 25.35
C8 PLM X . 10.56 -15.95 24.40
C9 PLM X . 9.67 -14.76 24.13
CA PLM X . 10.29 -13.83 23.11
H21 PLM X . 8.36 -18.15 29.77
H22 PLM X . 9.64 -18.78 30.89
H31 PLM X . 10.34 -20.45 29.30
H32 PLM X . 8.83 -20.28 28.33
H41 PLM X . 9.80 -17.70 28.17
H42 PLM X . 11.35 -18.61 28.31
H51 PLM X . 10.67 -20.11 26.43
H52 PLM X . 9.10 -19.24 26.28
H61 PLM X . 11.76 -17.70 26.18
H62 PLM X . 11.18 -18.58 24.73
H71 PLM X . 8.98 -17.34 24.89
H72 PLM X . 9.62 -16.41 26.30
H81 PLM X . 11.54 -15.60 24.83
H82 PLM X . 10.80 -16.47 23.43
H91 PLM X . 8.67 -15.11 23.75
H92 PLM X . 9.48 -14.21 25.08
C1 PLM Y . 15.82 -18.39 29.68
O2 PLM Y . 15.31 -19.46 29.37
C2 PLM Y . 15.96 -17.23 28.74
C3 PLM Y . 15.57 -17.57 27.32
C4 PLM Y . 15.69 -16.38 26.39
C5 PLM Y . 14.93 -16.60 25.10
C6 PLM Y . 15.47 -17.80 24.34
C7 PLM Y . 15.09 -17.74 22.88
C8 PLM Y . 13.59 -17.89 22.70
C9 PLM Y . 13.21 -18.00 21.23
CA PLM Y . 13.54 -16.73 20.47
H21 PLM Y . 15.28 -16.41 29.13
H22 PLM Y . 17.01 -16.84 28.77
H31 PLM Y . 16.22 -18.41 26.95
H32 PLM Y . 14.52 -17.95 27.31
H41 PLM Y . 15.29 -15.46 26.90
H42 PLM Y . 16.77 -16.19 26.17
H51 PLM Y . 13.84 -16.77 25.32
H52 PLM Y . 15.00 -15.69 24.46
H61 PLM Y . 16.58 -17.83 24.43
H62 PLM Y . 15.07 -18.74 24.80
H71 PLM Y . 15.43 -16.77 22.44
H72 PLM Y . 15.62 -18.56 22.32
H81 PLM Y . 13.23 -18.80 23.25
H82 PLM Y . 13.08 -17.00 23.14
H91 PLM Y . 13.76 -18.86 20.76
H92 PLM Y . 12.12 -18.22 21.14
C1 PLM Z . 14.06 -11.19 32.08
O2 PLM Z . 14.90 -10.47 32.64
C2 PLM Z . 13.01 -10.69 31.15
C3 PLM Z . 13.61 -10.18 29.85
C4 PLM Z . 14.57 -11.17 29.24
C5 PLM Z . 14.86 -10.83 27.80
C6 PLM Z . 13.71 -11.27 26.91
C7 PLM Z . 14.15 -12.33 25.92
C8 PLM Z . 14.93 -11.72 24.79
C9 PLM Z . 14.01 -11.11 23.74
CA PLM Z . 14.50 -9.75 23.31
CB PLM Z . 13.62 -9.17 22.22
CC PLM Z . 14.17 -7.85 21.71
H21 PLM Z . 12.31 -11.55 30.92
H22 PLM Z . 12.40 -9.88 31.63
H31 PLM Z . 12.79 -9.96 29.11
H32 PLM Z . 14.15 -9.21 30.06
H41 PLM Z . 15.53 -11.18 29.82
H42 PLM Z . 14.13 -12.20 29.31
H51 PLM Z . 15.00 -9.72 27.70
H52 PLM Z . 15.80 -11.32 27.47
H61 PLM Z . 12.87 -11.66 27.54
H62 PLM Z . 13.31 -10.38 26.35
H71 PLM Z . 14.77 -13.10 26.45
H72 PLM Z . 13.24 -12.86 25.52
H81 PLM Z . 15.63 -10.93 25.18
H82 PLM Z . 15.57 -12.51 24.30
H91 PLM Z . 13.94 -11.79 22.86
H92 PLM Z . 12.98 -11.03 24.17
HA1 PLM Z . 14.51 -9.06 24.20
HA2 PLM Z . 15.56 -9.82 22.95
HB1 PLM Z . 13.55 -9.89 21.38
HB2 PLM Z . 12.59 -9.01 22.63
C10 7RV AA . 11.13 9.47 -52.11
C13 7RV AA . 7.58 6.10 -51.08
C15 7RV AA . 9.76 5.33 -51.72
C17 7RV AA . 8.04 3.72 -50.99
C20 7RV AA . 7.50 1.31 -49.70
C21 7RV AA . 8.81 1.67 -49.96
C22 7RV AA . 9.09 2.86 -50.61
C24 7RV AA . 11.39 13.07 -55.03
C26 7RV AA . 11.41 14.63 -56.80
C28 7RV AA . 10.59 12.48 -57.17
O01 7RV AA . 11.08 9.83 -55.72
C02 7RV AA . 10.54 10.76 -55.31
N03 7RV AA . 9.51 10.65 -54.23
C04 7RV AA . 9.17 9.30 -53.66
C05 7RV AA . 9.66 9.18 -52.15
C06 7RV AA . 9.01 10.22 -51.37
C07 7RV AA . 9.50 10.26 -49.89
O08 7RV AA . 10.96 10.33 -49.78
C09 7RV AA . 11.67 9.41 -50.68
N11 7RV AA . 9.36 7.76 -51.53
C12 7RV AA . 7.93 7.44 -51.73
N14 7RV AA . 8.33 5.03 -51.69
C16 7RV AA . 10.06 6.73 -52.28
C18 7RV AA . 6.74 3.35 -50.72
C19 7RV AA . 6.47 2.15 -50.08
C23 7RV AA . 10.86 12.16 -55.86
C25 7RV AA . 11.67 14.30 -55.49
N27 7RV AA . 10.88 13.72 -57.63
S29 7RV AA . 9.85 11.27 -58.34
C30 7RV AA . 8.89 12.32 -59.47
C31 7RV AA . 9.17 12.36 -60.82
C32 7RV AA . 8.44 13.18 -61.66
C33 7RV AA . 7.42 13.95 -61.14
C34 7RV AA . 7.14 13.93 -59.79
C35 7RV AA . 7.88 13.10 -58.95
H1 7RV AA . 11.68 8.79 -52.73
H2 7RV AA . 11.31 10.49 -52.46
H3 7RV AA . 7.83 6.15 -50.02
H4 7RV AA . 6.52 5.93 -51.19
H5 7RV AA . 10.16 5.28 -50.69
H6 7RV AA . 10.26 4.60 -52.34
H7 7RV AA . 7.29 0.34 -49.18
H8 7RV AA . 9.64 1.00 -49.66
H9 7RV AA . 10.12 3.15 -50.81
H10 7RV AA . 11.59 12.82 -54.00
H11 7RV AA . 11.64 15.62 -57.17
H12 7RV AA . 9.04 11.48 -53.89
H13 7RV AA . 8.12 9.17 -53.72
H14 7RV AA . 9.65 8.56 -54.27
H15 7RV AA . 9.21 11.18 -51.79
H16 7RV AA . 7.96 10.07 -51.38
H17 7RV AA . 9.09 11.11 -49.43
H18 7RV AA . 9.15 9.37 -49.38
H19 7RV AA . 11.59 8.40 -50.30
H20 7RV AA . 12.74 9.71 -50.72
H22 7RV AA . 7.71 7.36 -52.79
H23 7RV AA . 7.31 8.19 -51.29
H24 7RV AA . 9.77 6.76 -53.33
H25 7RV AA . 11.12 6.88 -52.19
H26 7RV AA . 5.92 3.99 -51.01
H27 7RV AA . 5.45 1.86 -49.87
H28 7RV AA . 12.11 15.04 -54.83
H29 7RV AA . 9.97 11.74 -61.22
H30 7RV AA . 8.66 13.20 -62.71
H31 7RV AA . 6.84 14.60 -61.81
H32 7RV AA . 6.37 14.53 -59.39
H33 7RV AA . 7.67 13.07 -57.87
PB GDP BA . 11.36 -15.02 60.98
O1B GDP BA . 10.43 -15.70 61.95
O2B GDP BA . 10.90 -15.35 59.58
O3B GDP BA . 12.74 -15.59 61.18
O3A GDP BA . 11.43 -13.44 61.28
PA GDP BA . 10.59 -12.30 60.51
O1A GDP BA . 9.49 -11.78 61.38
O2A GDP BA . 11.47 -11.15 60.12
O5' GDP BA . 9.93 -12.97 59.22
C5' GDP BA . 10.28 -12.64 57.88
C4' GDP BA . 9.03 -12.19 57.14
O4' GDP BA . 8.60 -10.93 57.62
C3' GDP BA . 9.35 -12.06 55.67
O3' GDP BA . 8.44 -12.81 54.86
C2' GDP BA . 9.28 -10.59 55.35
O2' GDP BA . 8.57 -10.35 54.14
C1' GDP BA . 8.59 -9.98 56.55
N9 GDP BA . 9.35 -8.77 56.88
C8 GDP BA . 10.31 -8.69 57.80
N7 GDP BA . 10.83 -7.43 57.84
C5 GDP BA . 10.19 -6.71 56.91
C6 GDP BA . 10.24 -5.33 56.43
O6 GDP BA . 11.04 -4.55 56.93
N1 GDP BA . 9.41 -4.94 55.46
C2 GDP BA . 8.53 -5.79 54.91
N2 GDP BA . 7.74 -5.31 53.92
N3 GDP BA . 8.42 -7.09 55.29
C4 GDP BA . 9.21 -7.59 56.27
H5' GDP BA . 11.03 -11.85 57.84
H5'' GDP BA . 10.69 -13.52 57.39
H4' GDP BA . 8.24 -12.95 57.27
H3' GDP BA . 10.38 -12.41 55.51
HO3' GDP BA . 8.72 -12.77 53.94
H2' GDP BA . 10.30 -10.19 55.29
HO2' GDP BA . 9.10 -10.65 53.39
H1' GDP BA . 7.55 -9.72 56.28
H8 GDP BA . 10.64 -9.49 58.43
HN1 GDP BA . 9.46 -3.96 55.12
HN21 GDP BA . 7.82 -4.36 53.62
HN22 GDP BA . 7.06 -5.92 53.48
ZN ZN CA . 11.04 5.74 65.93
ZN ZN DA . 14.87 6.15 65.71
C1 NAG EA . -3.04 26.42 -48.65
C2 NAG EA . -2.04 27.15 -49.56
C3 NAG EA . -2.40 28.63 -49.64
C4 NAG EA . -3.85 28.81 -50.05
C5 NAG EA . -4.78 28.01 -49.14
C6 NAG EA . -6.21 28.01 -49.61
C7 NAG EA . 0.34 26.70 -49.89
C8 NAG EA . 1.68 26.58 -49.24
N2 NAG EA . -0.68 26.98 -49.09
O3 NAG EA . -1.55 29.26 -50.58
O4 NAG EA . -4.21 30.18 -49.98
O5 NAG EA . -4.35 26.63 -49.12
O6 NAG EA . -6.38 27.13 -50.72
O7 NAG EA . 0.19 26.53 -51.09
H2 NAG EA . -2.12 26.77 -50.44
H3 NAG EA . -2.27 29.04 -48.76
H4 NAG EA . -3.96 28.51 -50.97
H5 NAG EA . -4.73 28.37 -48.24
H61 NAG EA . -6.78 27.71 -48.87
H62 NAG EA . -6.46 28.91 -49.87
H81 NAG EA . 1.82 27.34 -48.65
H82 NAG EA . 1.71 25.77 -48.70
H83 NAG EA . 2.38 26.56 -49.92
HN2 NAG EA . -0.51 27.10 -48.20
HO3 NAG EA . -1.63 30.13 -50.51
HO4 NAG EA . -4.53 30.46 -50.77
HO6 NAG EA . -7.24 27.15 -50.96
C1 NAG FA . 7.41 31.37 -41.52
C2 NAG FA . 7.06 32.83 -41.25
C3 NAG FA . 7.11 33.63 -42.55
C4 NAG FA . 8.44 33.40 -43.27
C5 NAG FA . 8.70 31.91 -43.44
C6 NAG FA . 10.04 31.61 -44.04
C7 NAG FA . 5.59 33.34 -39.35
C8 NAG FA . 4.18 33.40 -38.87
N2 NAG FA . 5.76 32.94 -40.63
O3 NAG FA . 6.95 35.01 -42.26
O4 NAG FA . 8.41 34.02 -44.56
O5 NAG FA . 8.67 31.28 -42.16
O6 NAG FA . 10.01 30.39 -44.77
O7 NAG FA . 6.54 33.64 -38.64
H1 NAG FA . 6.73 30.98 -42.10
H2 NAG FA . 7.74 33.19 -40.65
H3 NAG FA . 6.39 33.33 -43.13
H4 NAG FA . 9.16 33.81 -42.75
H5 NAG FA . 8.00 31.52 -44.00
H61 NAG FA . 10.30 32.33 -44.63
H62 NAG FA . 10.70 31.52 -43.32
H81 NAG FA . 3.64 33.94 -39.50
H82 NAG FA . 3.81 32.50 -38.85
H83 NAG FA . 4.15 33.80 -37.99
HN2 NAG FA . 5.02 32.74 -41.12
HO3 NAG FA . 6.79 35.45 -43.01
HO4 NAG FA . 9.19 34.41 -44.72
HO6 NAG FA . 10.84 30.15 -44.99
C1 PLM GA . 4.48 17.38 30.62
O1 PLM GA . 4.21 18.12 29.70
C2 PLM GA . 5.82 16.67 30.77
C3 PLM GA . 6.48 16.44 29.39
C4 PLM GA . 5.62 15.67 28.36
C5 PLM GA . 6.32 15.43 26.99
C6 PLM GA . 5.71 14.30 26.11
C7 PLM GA . 6.20 14.25 24.62
C8 PLM GA . 5.99 12.91 23.87
C9 PLM GA . 6.23 12.94 22.33
H21 PLM GA . 5.69 15.73 31.33
H22 PLM GA . 6.46 17.30 31.42
H31 PLM GA . 7.43 15.89 29.55
H32 PLM GA . 6.79 17.41 28.98
H41 PLM GA . 4.68 16.22 28.20
H42 PLM GA . 5.30 14.70 28.80
H51 PLM GA . 7.38 15.21 27.19
H52 PLM GA . 6.33 16.39 26.43
H61 PLM GA . 4.61 14.39 26.12
H62 PLM GA . 5.92 13.33 26.59
H71 PLM GA . 7.28 14.50 24.60
H72 PLM GA . 5.72 15.07 24.07
H81 PLM GA . 4.95 12.55 24.06
H82 PLM GA . 6.63 12.13 24.32
H92 PLM GA . 6.84 12.06 22.05
C1 PLM HA . 6.64 21.93 31.63
O2 PLM HA . 7.24 22.97 31.85
C2 PLM HA . 6.93 21.03 30.47
C3 PLM HA . 6.72 21.72 29.14
C4 PLM HA . 6.58 20.74 27.99
C5 PLM HA . 6.25 21.46 26.70
C6 PLM HA . 6.22 20.49 25.53
C7 PLM HA . 5.13 19.46 25.69
H21 PLM HA . 8.00 20.71 30.57
H22 PLM HA . 6.28 20.11 30.52
H31 PLM HA . 5.81 22.37 29.20
H32 PLM HA . 7.61 22.39 28.95
H41 PLM HA . 7.54 20.16 27.86
H42 PLM HA . 5.78 20.01 28.23
H51 PLM HA . 5.26 21.97 26.80
H52 PLM HA . 7.02 22.26 26.51
H61 PLM HA . 6.05 21.07 24.57
H62 PLM HA . 7.21 19.99 25.44
C1 PLM IA . 2.80 21.49 30.59
O2 PLM IA . 3.99 21.32 30.36
C2 PLM IA . 1.80 21.82 29.51
C3 PLM IA . 2.45 22.54 28.35
C4 PLM IA . 1.62 22.48 27.08
C5 PLM IA . 2.50 22.38 25.85
C6 PLM IA . 1.68 22.30 24.59
C7 PLM IA . 1.22 20.88 24.30
C8 PLM IA . 0.45 20.79 23.01
C9 PLM IA . -0.07 19.40 22.75
CA PLM IA . -0.77 19.30 21.41
H21 PLM IA . 1.37 20.85 29.15
H22 PLM IA . 0.96 22.44 29.93
H31 PLM IA . 2.61 23.62 28.62
H32 PLM IA . 3.45 22.09 28.15
H41 PLM IA . 0.92 21.60 27.12
H42 PLM IA . 0.98 23.41 27.00
H51 PLM IA . 3.18 23.27 25.79
H52 PLM IA . 3.16 21.48 25.93
H61 PLM IA . 0.78 22.96 24.68
H62 PLM IA . 2.27 22.68 23.71
H71 PLM IA . 2.12 20.21 24.26
H72 PLM IA . 0.58 20.51 25.15
H81 PLM IA . -0.41 21.51 23.02
H82 PLM IA . 1.11 21.10 22.16
H91 PLM IA . 0.77 18.66 22.78
H92 PLM IA . -0.79 19.11 23.57
C1 PLM JA . -1.58 27.31 26.86
O2 PLM JA . -0.35 27.37 26.96
C2 PLM JA . -2.28 26.71 25.68
C3 PLM JA . -1.34 26.33 24.56
C4 PLM JA . -2.07 25.69 23.40
C5 PLM JA . -1.11 24.95 22.48
C6 PLM JA . -0.08 25.89 21.88
C7 PLM JA . 0.54 25.30 20.63
C8 PLM JA . 1.36 24.08 20.94
C9 PLM JA . 2.12 23.58 19.73
CA PLM JA . 1.17 23.10 18.65
H21 PLM JA . -2.81 25.79 26.05
H22 PLM JA . -3.07 27.41 25.30
H31 PLM JA . -0.79 27.25 24.20
H32 PLM JA . -0.57 25.62 24.97
H41 PLM JA . -2.84 24.97 23.78
H42 PLM JA . -2.61 26.47 22.82
H51 PLM JA . -0.59 24.14 23.06
H52 PLM JA . -1.69 24.45 21.66
H61 PLM JA . -0.57 26.87 21.64
H62 PLM JA . 0.72 26.10 22.64
H71 PLM JA . -0.27 25.04 19.90
H72 PLM JA . 1.18 26.08 20.14
H81 PLM JA . 2.09 24.31 21.77
H82 PLM JA . 0.68 23.25 21.32
H91 PLM JA . 2.77 24.40 19.33
H92 PLM JA . 2.80 22.74 20.04
C1 PLM KA . -7.67 22.61 27.99
O2 PLM KA . -8.82 23.05 28.08
C2 PLM KA . -7.33 21.31 27.32
C3 PLM KA . -7.56 21.36 25.82
C4 PLM KA . -6.93 22.58 25.20
C5 PLM KA . -6.84 22.43 23.70
C6 PLM KA . -5.68 21.54 23.32
C7 PLM KA . -4.64 22.28 22.51
C8 PLM KA . -5.09 22.47 21.08
C9 PLM KA . -4.86 21.22 20.26
CA PLM KA . -6.05 20.89 19.40
CB PLM KA . -5.79 19.68 18.54
CC PLM KA . -6.95 19.41 17.59
H21 PLM KA . -6.23 21.11 27.51
H22 PLM KA . -7.91 20.47 27.77
H31 PLM KA . -7.14 20.44 25.34
H32 PLM KA . -8.66 21.37 25.63
H41 PLM KA . -7.53 23.50 25.45
H42 PLM KA . -5.90 22.74 25.62
H51 PLM KA . -7.80 21.99 23.31
H52 PLM KA . -6.73 23.43 23.22
H61 PLM KA . -5.21 21.12 24.24
H62 PLM KA . -6.07 20.66 22.71
H71 PLM KA . -4.44 23.28 22.98
H72 PLM KA . -3.67 21.71 22.53
H81 PLM KA . -6.18 22.73 21.06
H82 PLM KA . -4.54 23.33 20.62
H91 PLM KA . -3.94 21.37 19.61
H92 PLM KA . -4.63 20.36 20.94
HA1 PLM KA . -6.94 20.69 20.07
HA2 PLM KA . -6.31 21.77 18.76
HB1 PLM KA . -4.85 19.84 17.94
HB2 PLM KA . -5.63 18.78 19.18
#